data_9UDF
#
_entry.id   9UDF
#
_cell.length_a   1.00
_cell.length_b   1.00
_cell.length_c   1.00
_cell.angle_alpha   90.00
_cell.angle_beta   90.00
_cell.angle_gamma   90.00
#
_symmetry.space_group_name_H-M   'P 1'
#
loop_
_entity.id
_entity.type
_entity.pdbx_description
1 polymer 'Na(+)-translocating NADH-quinone reductase subunit A'
2 polymer 'Na(+)-translocating NADH-quinone reductase subunit B'
3 polymer 'Na(+)-translocating NADH-quinone reductase subunit C'
4 polymer 'Na(+)-translocating NADH-quinone reductase subunit D'
5 polymer 'Na(+)-translocating NADH-quinone reductase subunit E'
6 polymer 'Na(+)-translocating NADH-quinone reductase subunit F'
7 non-polymer 'FLAVIN MONONUCLEOTIDE'
8 non-polymer RIBOFLAVIN
9 non-polymer 1,2-dioleoyl-sn-glycero-3-phosphoethanolamine
10 non-polymer DODECYL-BETA-D-MALTOSIDE
11 non-polymer Korormicin
12 non-polymer 'CALCIUM ION'
13 non-polymer 'FE2/S2 (INORGANIC) CLUSTER'
14 non-polymer 'FLAVIN-ADENINE DINUCLEOTIDE'
15 water water
#
loop_
_entity_poly.entity_id
_entity_poly.type
_entity_poly.pdbx_seq_one_letter_code
_entity_poly.pdbx_strand_id
1 'polypeptide(L)'
;MITIKKGLDLPIAGTPSQVISDGKAIKKVALLGEEYVGMRPTMHVRVGDEVKKAQILFEDKKNPGVKFTSPVSGKVVEIN
RGAKRVLQSVVIEVAGDDQVTFDKFEANQLASLNRDAIKTQLVESGLWTAFRTRPFSKVPAIDSTSEAIFVTAMDTNPLA
AEPTVVINEQSEAFVAGLDVLSALTTGKVYVCKKGTSLPRSQQPNVEEHVFDGPHPAGLAGTHMHFLYPVSADHVAWSIN
YQDVIAVGQLFLTGELYTQRVVSLAGPVVNKPRLVRTVMGASLEQLVDSEIMPGEVRIISGSVLSGTKATGPHAYLGRYH
LQVSVLREGRDKELFGWAMPGKNKFSVTRSFLGHLFKGQVYNMTTTTNGSDRSMVPIGNYEKVMPLDMEPTLLLRDLCAG
DSDSAVRLGALELDEEDLALCTFVCPGKYEYGQLLRECLDKIEKEG
;
A
2 'polypeptide(L)'
;MGLKKFLEDIEHHFEPGGKHEKWFALYEAAATLFYTPGLVTKRSSHVRDSVDLKRIMIMVWLAVFPAMFWGMYNAGGQAI
AALNHLYSGDQLAAIVAGNWHYWLTEMLGGTMSSDAGWGSKMLLGATYFLPIYATVFIVGAFWEVLFCMVRKHEVNEGFF
VTSILFALIVPPTLPLWQAALGITFGVVVAKEVFGGTGRNFLNPALAGRAFLFFAYPAQISGDLVWTAADGYSGATALSQ
WAQGGAGALINNATGQTITWMDAFIGNIPGSIGEVSTLALMIGAAFIVYMGIASWRIIGGVMIGMILLSTLFNVIGSDTN
AMFNMPWHWHLVLGGFAFGMFFMATDPVSASFTNSGKWAYGILIGVMCVLIRVVNPAYPEGMMLAILFANLFAPLFDHVV
VERNIKRRLARYGKQ
;
B
3 'polypeptide(L)'
;MASNNDSIKKTLFVVIALSLVCSIIVSAAAVGLRDKQKENAALDKQSKILQVAGIEAKGSKQIVELFNKSIEPRLVDFNT
GDFVEGDAANYDQRKAAKEASESIKLTAEQDKAKIQRRANVGVVYLVKDGDKTSKVILPVHGNGLWSMMYAFVAVETDGN
TVSGLTYYEQGETPGLGGEVENPAWRAQWVGKKLFDENHKPAIKIVKGGAPQGSEHGVDGLSGATLTSNGVQNTFDFWLG
DMGFGPFLTKVRDGGLN
;
C
4 'polypeptide(L)'
;MSSAKELKKSVLAPVLDNNPIALQVLGVCSALAVTTKLETAFVMTLAVMFVTALSNFFVSLIRNHIPNSVRIIVQMAIIA
SLVIVVDQILKAYLYDISKQLSVFVGLIITNCIVMGRAEAFAMKSEPIPSFIDGIGNGLGYGFVLMTVGFFRELLGSGKL
FGLEVLPLISNGGWYQPNGLMLLAPSAFFLIGFMIWAIRTFKPEQVEAKE
;
D
5 'polypeptide(L)'
;MEHYISLLVKSIFIENMALSFFLGMCTFLAVSKKVKTSFGLGIAVIVVLTISVPVNNLVYNLVLKPDALVEGVDLSFLNF
ITFIGVIAALVQILEMILDRFFPPLYNALGIFLPLITVNCAIFGGVSFMVQRDYSFAESVVYGFGSGVGWMLAIVALAGI
REKMKYSDVPPGLRGLGITFITAGLMALGFMSFSGVQL
;
E
6 'polypeptide(L)'
;MSTIIFGVVMFTLIILALVLVILFAKSKLVPTGDITISINGDPEKAIVTQPGGKLLTALAGAGVFVSSACGGGGSCGQCR
VKIKSGGGDILPTELDHISKGEAREGERLACQVAVKADMDLELPEEIFGVKKWECTVISNDNKATFIKELKLAIPDGESV
PFRAGGYIQIEAPAHHVKYADFDVPEKYRGDWDKFNLFRYESKVDEPIIRAYSMANYPEEFGIIMLNVRIATPPPNNPNV
PPGQMSSYIWSLKAGDKCTISGPFGEFFAKDTDAEMVFIGGGAGMAPMRSHIFDQLKRLKSKRKMSYWYGARSKREMFYV
EDFDGLAAENDNFVWHCALSDPQPEDNWTGYTGFIHNVLYENYLKDHEAPEDCEYYMCGPPMMNAAVINMLKNLGVEEEN
ILLDDFGGHHHHHH
;
F
#
loop_
_chem_comp.id
_chem_comp.type
_chem_comp.name
_chem_comp.formula
CA non-polymer 'CALCIUM ION' 'Ca 2'
FAD non-polymer 'FLAVIN-ADENINE DINUCLEOTIDE' 'C27 H33 N9 O15 P2'
FES non-polymer 'FE2/S2 (INORGANIC) CLUSTER' 'Fe2 S2'
FMN non-polymer 'FLAVIN MONONUCLEOTIDE' 'C17 H21 N4 O9 P'
IQT non-polymer Korormicin 'C25 H39 N O5'
LMT D-saccharide DODECYL-BETA-D-MALTOSIDE 'C24 H46 O11'
PEE non-polymer 1,2-dioleoyl-sn-glycero-3-phosphoethanolamine 'C41 H78 N O8 P'
RBF non-polymer RIBOFLAVIN 'C17 H20 N4 O6'
#
# COMPACT_ATOMS: atom_id res chain seq x y z
N MET A 1 29.67 0.19 -33.18
CA MET A 1 29.88 1.42 -32.44
C MET A 1 28.62 1.84 -31.70
N ILE A 2 28.77 2.16 -30.42
CA ILE A 2 27.66 2.56 -29.56
C ILE A 2 27.96 3.94 -29.01
N THR A 3 26.99 4.86 -29.13
CA THR A 3 27.14 6.23 -28.67
C THR A 3 26.21 6.46 -27.49
N ILE A 4 26.78 6.82 -26.35
CA ILE A 4 26.02 7.12 -25.15
C ILE A 4 25.72 8.61 -25.15
N LYS A 5 24.44 8.96 -24.96
CA LYS A 5 24.02 10.36 -25.00
C LYS A 5 23.59 10.90 -23.65
N LYS A 6 23.21 10.06 -22.70
CA LYS A 6 22.85 10.48 -21.36
C LYS A 6 24.01 10.19 -20.43
N GLY A 7 24.46 11.22 -19.72
CA GLY A 7 25.61 11.07 -18.84
C GLY A 7 26.08 12.43 -18.36
N LEU A 8 27.29 12.45 -17.84
CA LEU A 8 27.85 13.68 -17.27
C LEU A 8 29.37 13.56 -17.22
N ASP A 9 30.06 14.42 -17.97
CA ASP A 9 31.50 14.59 -17.84
C ASP A 9 31.76 15.64 -16.78
N LEU A 10 32.17 15.20 -15.59
CA LEU A 10 32.28 16.10 -14.45
C LEU A 10 33.47 17.04 -14.62
N PRO A 11 33.27 18.36 -14.59
CA PRO A 11 34.37 19.33 -14.78
C PRO A 11 35.07 19.71 -13.48
N ILE A 12 35.81 18.79 -12.92
CA ILE A 12 36.60 19.06 -11.72
C ILE A 12 37.99 19.50 -12.14
N ALA A 13 38.65 20.28 -11.29
CA ALA A 13 39.93 20.88 -11.62
C ALA A 13 41.08 19.89 -11.41
N GLY A 14 42.22 20.23 -12.00
CA GLY A 14 43.45 19.50 -11.79
C GLY A 14 43.56 18.21 -12.58
N THR A 15 43.26 18.27 -13.88
CA THR A 15 43.41 17.06 -14.68
C THR A 15 44.88 16.74 -14.90
N PRO A 16 45.27 15.47 -14.87
CA PRO A 16 46.68 15.12 -14.99
C PRO A 16 47.21 15.32 -16.40
N SER A 17 48.52 15.38 -16.51
CA SER A 17 49.20 15.38 -17.80
C SER A 17 49.59 13.95 -18.14
N GLN A 18 49.19 13.50 -19.33
CA GLN A 18 49.33 12.10 -19.71
C GLN A 18 50.77 11.78 -20.13
N VAL A 19 51.68 11.97 -19.17
CA VAL A 19 53.08 11.60 -19.32
C VAL A 19 53.51 10.88 -18.06
N ILE A 20 54.14 9.72 -18.20
CA ILE A 20 54.45 8.84 -17.08
C ILE A 20 55.78 9.24 -16.47
N SER A 21 55.81 9.25 -15.13
CA SER A 21 57.02 9.53 -14.38
C SER A 21 57.06 8.63 -13.16
N ASP A 22 58.27 8.38 -12.66
CA ASP A 22 58.43 7.53 -11.49
C ASP A 22 57.89 8.24 -10.25
N GLY A 23 57.36 7.44 -9.32
CA GLY A 23 56.77 7.96 -8.10
C GLY A 23 57.69 7.86 -6.90
N LYS A 24 57.18 8.34 -5.77
CA LYS A 24 57.92 8.29 -4.52
C LYS A 24 58.20 6.85 -4.13
N ALA A 25 59.37 6.62 -3.51
CA ALA A 25 59.69 5.31 -3.01
C ALA A 25 58.70 4.89 -1.93
N ILE A 26 58.19 3.67 -2.03
CA ILE A 26 57.13 3.17 -1.17
C ILE A 26 57.70 2.07 -0.28
N LYS A 27 57.44 2.16 1.02
CA LYS A 27 58.00 1.23 1.99
C LYS A 27 56.96 0.32 2.63
N LYS A 28 55.67 0.58 2.42
CA LYS A 28 54.61 -0.27 2.97
C LYS A 28 53.55 -0.51 1.92
N VAL A 29 53.01 -1.74 1.91
CA VAL A 29 51.85 -2.11 1.12
C VAL A 29 50.87 -2.82 2.04
N ALA A 30 49.67 -3.05 1.52
CA ALA A 30 48.66 -3.74 2.31
C ALA A 30 47.59 -4.32 1.40
N LEU A 31 46.88 -5.32 1.90
CA LEU A 31 45.69 -5.87 1.27
C LEU A 31 44.49 -5.51 2.13
N LEU A 32 43.59 -4.70 1.57
CA LEU A 32 42.40 -4.29 2.31
C LEU A 32 41.36 -5.39 2.24
N GLY A 33 40.83 -5.79 3.39
CA GLY A 33 39.94 -6.91 3.46
C GLY A 33 38.47 -6.57 3.28
N GLU A 34 38.12 -5.29 3.43
CA GLU A 34 36.73 -4.88 3.34
C GLU A 34 36.30 -4.54 1.92
N GLU A 35 37.22 -4.53 0.96
CA GLU A 35 36.90 -4.17 -0.41
C GLU A 35 36.50 -5.36 -1.26
N TYR A 36 36.57 -6.57 -0.73
CA TYR A 36 36.17 -7.78 -1.45
C TYR A 36 34.75 -8.15 -1.02
N VAL A 37 33.85 -8.24 -1.99
CA VAL A 37 32.43 -8.48 -1.69
C VAL A 37 32.26 -9.93 -1.23
N GLY A 38 31.53 -10.10 -0.13
CA GLY A 38 31.22 -11.43 0.37
C GLY A 38 32.44 -12.23 0.78
N MET A 39 33.35 -11.63 1.52
CA MET A 39 34.62 -12.25 1.85
C MET A 39 34.81 -12.33 3.37
N ARG A 40 35.21 -13.50 3.84
CA ARG A 40 35.52 -13.73 5.25
C ARG A 40 36.88 -14.41 5.32
N PRO A 41 37.90 -13.76 5.87
CA PRO A 41 39.27 -14.27 5.70
C PRO A 41 39.63 -15.35 6.70
N THR A 42 40.55 -16.21 6.28
CA THR A 42 41.23 -17.17 7.15
C THR A 42 42.72 -16.85 7.09
N MET A 43 43.26 -16.35 8.19
CA MET A 43 44.61 -15.82 8.18
C MET A 43 45.64 -16.93 8.04
N HIS A 44 46.68 -16.67 7.25
CA HIS A 44 47.80 -17.57 7.10
C HIS A 44 49.12 -17.00 7.62
N VAL A 45 49.13 -15.72 8.00
CA VAL A 45 50.32 -15.07 8.52
C VAL A 45 49.98 -14.40 9.84
N ARG A 46 51.00 -13.86 10.50
CA ARG A 46 50.83 -13.12 11.74
C ARG A 46 51.96 -12.10 11.84
N VAL A 47 51.79 -11.14 12.74
CA VAL A 47 52.72 -10.02 12.85
C VAL A 47 54.12 -10.55 13.11
N GLY A 48 55.10 -10.04 12.36
CA GLY A 48 56.48 -10.47 12.45
C GLY A 48 56.89 -11.47 11.42
N ASP A 49 55.94 -12.14 10.76
CA ASP A 49 56.27 -13.14 9.76
C ASP A 49 56.88 -12.50 8.53
N GLU A 50 57.93 -13.13 8.01
CA GLU A 50 58.55 -12.70 6.76
C GLU A 50 57.89 -13.42 5.59
N VAL A 51 57.51 -12.66 4.56
CA VAL A 51 56.79 -13.21 3.42
C VAL A 51 57.63 -13.05 2.17
N LYS A 52 57.15 -13.65 1.08
CA LYS A 52 57.73 -13.52 -0.24
C LYS A 52 56.67 -12.99 -1.19
N LYS A 53 57.10 -12.47 -2.33
CA LYS A 53 56.15 -12.04 -3.34
C LYS A 53 55.35 -13.23 -3.83
N ALA A 54 54.03 -13.05 -3.92
CA ALA A 54 53.05 -14.07 -4.26
C ALA A 54 52.93 -15.17 -3.21
N GLN A 55 53.36 -14.92 -1.98
CA GLN A 55 53.09 -15.84 -0.88
C GLN A 55 51.73 -15.52 -0.27
N ILE A 56 50.94 -16.56 -0.03
CA ILE A 56 49.55 -16.38 0.39
C ILE A 56 49.50 -15.74 1.77
N LEU A 57 48.63 -14.75 1.91
CA LEU A 57 48.39 -14.08 3.19
C LEU A 57 47.14 -14.59 3.90
N PHE A 58 46.04 -14.77 3.18
CA PHE A 58 44.84 -15.32 3.75
C PHE A 58 43.98 -15.92 2.64
N GLU A 59 43.04 -16.77 3.04
CA GLU A 59 42.09 -17.40 2.13
C GLU A 59 40.70 -16.85 2.39
N ASP A 60 39.71 -17.41 1.71
CA ASP A 60 38.31 -17.02 1.86
C ASP A 60 37.52 -18.19 2.42
N LYS A 61 36.73 -17.93 3.46
CA LYS A 61 35.87 -18.98 4.01
C LYS A 61 34.70 -19.27 3.09
N LYS A 62 34.14 -18.24 2.46
CA LYS A 62 32.94 -18.38 1.66
C LYS A 62 33.25 -18.71 0.20
N ASN A 63 34.51 -18.70 -0.19
CA ASN A 63 34.93 -19.02 -1.56
C ASN A 63 36.11 -19.97 -1.50
N PRO A 64 35.85 -21.26 -1.32
CA PRO A 64 36.95 -22.21 -1.13
C PRO A 64 37.92 -22.22 -2.30
N GLY A 65 39.22 -22.17 -1.97
CA GLY A 65 40.28 -22.25 -2.95
C GLY A 65 40.88 -20.93 -3.36
N VAL A 66 40.23 -19.81 -3.07
CA VAL A 66 40.73 -18.50 -3.51
C VAL A 66 41.82 -18.03 -2.56
N LYS A 67 42.96 -17.65 -3.12
CA LYS A 67 44.13 -17.25 -2.35
C LYS A 67 44.43 -15.78 -2.59
N PHE A 68 44.69 -15.04 -1.52
CA PHE A 68 45.05 -13.63 -1.58
C PHE A 68 46.51 -13.50 -1.15
N THR A 69 47.38 -13.19 -2.11
CA THR A 69 48.81 -13.29 -1.93
C THR A 69 49.45 -11.91 -1.81
N SER A 70 50.72 -11.92 -1.38
CA SER A 70 51.45 -10.71 -1.01
C SER A 70 51.98 -9.99 -2.25
N PRO A 71 51.71 -8.69 -2.39
CA PRO A 71 52.26 -7.95 -3.54
C PRO A 71 53.78 -7.89 -3.56
N VAL A 72 54.46 -7.84 -2.41
CA VAL A 72 55.90 -7.66 -2.37
C VAL A 72 56.48 -8.50 -1.23
N SER A 73 57.81 -8.59 -1.22
CA SER A 73 58.55 -9.31 -0.20
C SER A 73 58.87 -8.39 0.96
N GLY A 74 58.65 -8.88 2.18
CA GLY A 74 58.93 -8.08 3.35
C GLY A 74 58.54 -8.73 4.66
N LYS A 75 57.98 -7.95 5.57
CA LYS A 75 57.59 -8.42 6.90
C LYS A 75 56.19 -7.92 7.22
N VAL A 76 55.38 -8.78 7.83
CA VAL A 76 54.04 -8.41 8.25
C VAL A 76 54.16 -7.59 9.52
N VAL A 77 53.78 -6.32 9.46
CA VAL A 77 53.92 -5.42 10.60
C VAL A 77 52.60 -5.08 11.26
N GLU A 78 51.48 -5.14 10.55
CA GLU A 78 50.19 -4.82 11.14
C GLU A 78 49.11 -5.71 10.56
N ILE A 79 48.23 -6.22 11.42
CA ILE A 79 46.97 -6.81 11.03
C ILE A 79 45.88 -5.97 11.70
N ASN A 80 45.21 -5.13 10.90
CA ASN A 80 44.27 -4.16 11.43
C ASN A 80 42.88 -4.75 11.46
N ARG A 81 42.21 -4.62 12.60
CA ARG A 81 40.85 -5.12 12.77
C ARG A 81 40.00 -4.04 13.43
N GLY A 82 38.73 -3.98 13.05
CA GLY A 82 37.85 -2.94 13.53
C GLY A 82 36.71 -3.44 14.39
N ALA A 83 35.51 -2.92 14.15
CA ALA A 83 34.35 -3.31 14.94
C ALA A 83 33.97 -4.75 14.62
N LYS A 84 33.73 -5.53 15.68
CA LYS A 84 33.45 -6.96 15.58
C LYS A 84 34.58 -7.71 14.88
N ARG A 85 35.81 -7.26 15.11
CA ARG A 85 37.02 -7.93 14.63
C ARG A 85 36.97 -8.19 13.13
N VAL A 86 36.62 -7.15 12.37
CA VAL A 86 36.60 -7.23 10.92
C VAL A 86 37.96 -6.81 10.38
N LEU A 87 38.50 -7.60 9.46
CA LEU A 87 39.83 -7.31 8.93
C LEU A 87 39.80 -6.06 8.07
N GLN A 88 40.75 -5.15 8.32
CA GLN A 88 40.84 -3.89 7.60
C GLN A 88 42.02 -3.82 6.65
N SER A 89 43.18 -4.35 7.04
CA SER A 89 44.34 -4.40 6.16
C SER A 89 45.41 -5.26 6.81
N VAL A 90 46.21 -5.92 5.98
CA VAL A 90 47.40 -6.66 6.41
C VAL A 90 48.59 -5.96 5.79
N VAL A 91 49.31 -5.18 6.60
CA VAL A 91 50.35 -4.28 6.12
C VAL A 91 51.68 -5.00 6.08
N ILE A 92 52.41 -4.84 4.98
CA ILE A 92 53.70 -5.47 4.77
C ILE A 92 54.74 -4.37 4.58
N GLU A 93 55.86 -4.48 5.28
CA GLU A 93 56.97 -3.54 5.18
C GLU A 93 58.03 -4.13 4.26
N VAL A 94 58.33 -3.44 3.16
CA VAL A 94 59.12 -4.02 2.08
C VAL A 94 60.56 -4.23 2.53
N ALA A 95 61.09 -5.44 2.27
CA ALA A 95 62.49 -5.75 2.50
C ALA A 95 62.90 -6.99 1.72
N GLY A 96 63.88 -6.85 0.84
CA GLY A 96 64.32 -7.96 0.02
C GLY A 96 63.49 -8.12 -1.24
N ASP A 97 63.85 -9.13 -2.03
CA ASP A 97 63.18 -9.39 -3.30
C ASP A 97 62.93 -10.88 -3.54
N ASP A 98 62.71 -11.65 -2.49
CA ASP A 98 62.34 -13.05 -2.65
C ASP A 98 60.95 -13.15 -3.27
N GLN A 99 60.71 -14.27 -3.97
CA GLN A 99 59.44 -14.43 -4.67
C GLN A 99 59.18 -15.90 -4.94
N VAL A 100 57.94 -16.19 -5.30
CA VAL A 100 57.50 -17.53 -5.69
C VAL A 100 57.30 -17.53 -7.20
N THR A 101 57.92 -18.48 -7.89
CA THR A 101 57.93 -18.52 -9.35
C THR A 101 56.95 -19.57 -9.86
N PHE A 102 56.57 -19.41 -11.13
CA PHE A 102 55.59 -20.29 -11.77
C PHE A 102 56.14 -20.69 -13.13
N ASP A 103 55.29 -21.33 -13.94
CA ASP A 103 55.68 -21.79 -15.27
C ASP A 103 55.64 -20.66 -16.28
N LYS A 104 56.54 -20.72 -17.25
CA LYS A 104 56.62 -19.73 -18.32
C LYS A 104 56.39 -20.41 -19.66
N PHE A 105 55.65 -19.73 -20.54
CA PHE A 105 55.30 -20.27 -21.84
C PHE A 105 55.73 -19.30 -22.92
N GLU A 106 55.92 -19.82 -24.13
CA GLU A 106 56.20 -18.99 -25.28
C GLU A 106 54.97 -18.15 -25.65
N ALA A 107 55.18 -17.19 -26.55
CA ALA A 107 54.11 -16.27 -26.92
C ALA A 107 52.99 -16.99 -27.66
N ASN A 108 53.35 -17.99 -28.48
CA ASN A 108 52.37 -18.67 -29.32
C ASN A 108 51.75 -19.89 -28.67
N GLN A 109 52.19 -20.28 -27.48
CA GLN A 109 51.61 -21.42 -26.78
C GLN A 109 50.44 -21.05 -25.88
N LEU A 110 50.17 -19.76 -25.71
CA LEU A 110 49.17 -19.33 -24.73
C LEU A 110 47.75 -19.53 -25.22
N ALA A 111 47.52 -19.33 -26.53
CA ALA A 111 46.16 -19.38 -27.07
C ALA A 111 45.55 -20.77 -27.07
N SER A 112 46.36 -21.82 -26.84
CA SER A 112 45.88 -23.20 -26.91
C SER A 112 46.09 -23.94 -25.60
N LEU A 113 46.33 -23.23 -24.50
CA LEU A 113 46.55 -23.88 -23.22
C LEU A 113 45.24 -24.48 -22.70
N ASN A 114 45.37 -25.39 -21.75
CA ASN A 114 44.21 -26.00 -21.11
C ASN A 114 43.59 -25.02 -20.12
N ARG A 115 42.25 -24.99 -20.11
CA ARG A 115 41.54 -24.06 -19.23
C ARG A 115 41.83 -24.35 -17.77
N ASP A 116 41.91 -25.63 -17.42
CA ASP A 116 42.21 -26.00 -16.02
C ASP A 116 43.61 -25.58 -15.63
N ALA A 117 44.58 -25.73 -16.53
CA ALA A 117 45.94 -25.29 -16.24
C ALA A 117 45.99 -23.77 -16.06
N ILE A 118 45.30 -23.03 -16.93
CA ILE A 118 45.26 -21.58 -16.80
C ILE A 118 44.65 -21.19 -15.45
N LYS A 119 43.54 -21.81 -15.10
CA LYS A 119 42.88 -21.50 -13.83
C LYS A 119 43.77 -21.84 -12.65
N THR A 120 44.48 -22.97 -12.72
CA THR A 120 45.36 -23.36 -11.62
C THR A 120 46.47 -22.35 -11.44
N GLN A 121 47.11 -21.92 -12.54
CA GLN A 121 48.18 -20.94 -12.43
C GLN A 121 47.67 -19.62 -11.87
N LEU A 122 46.52 -19.16 -12.35
CA LEU A 122 45.98 -17.89 -11.85
C LEU A 122 45.64 -17.97 -10.37
N VAL A 123 45.00 -19.06 -9.95
CA VAL A 123 44.61 -19.21 -8.55
C VAL A 123 45.85 -19.28 -7.66
N GLU A 124 46.87 -20.05 -8.08
CA GLU A 124 48.09 -20.16 -7.29
C GLU A 124 48.81 -18.82 -7.19
N SER A 125 48.89 -18.08 -8.30
CA SER A 125 49.57 -16.79 -8.26
C SER A 125 48.79 -15.73 -7.51
N GLY A 126 47.49 -15.92 -7.33
CA GLY A 126 46.70 -14.90 -6.68
C GLY A 126 46.20 -13.82 -7.60
N LEU A 127 46.38 -13.99 -8.90
CA LEU A 127 45.86 -13.08 -9.91
C LEU A 127 44.42 -13.38 -10.27
N TRP A 128 43.82 -14.39 -9.65
CA TRP A 128 42.43 -14.74 -9.85
C TRP A 128 41.47 -13.73 -9.24
N THR A 129 41.96 -12.89 -8.32
CA THR A 129 41.13 -11.87 -7.69
C THR A 129 40.97 -10.63 -8.55
N ALA A 130 41.63 -10.59 -9.71
CA ALA A 130 41.41 -9.50 -10.65
C ALA A 130 40.03 -9.58 -11.29
N PHE A 131 39.49 -10.79 -11.42
CA PHE A 131 38.17 -10.96 -12.02
C PHE A 131 37.07 -10.60 -11.04
N ARG A 132 35.93 -10.17 -11.58
CA ARG A 132 34.73 -9.93 -10.80
C ARG A 132 33.53 -10.34 -11.64
N THR A 133 32.54 -10.94 -10.98
CA THR A 133 31.37 -11.48 -11.65
C THR A 133 30.21 -10.51 -11.54
N ARG A 134 29.55 -10.25 -12.66
CA ARG A 134 28.25 -9.61 -12.64
C ARG A 134 27.19 -10.68 -12.86
N PRO A 135 26.21 -10.84 -11.97
CA PRO A 135 25.89 -10.01 -10.79
C PRO A 135 26.79 -10.19 -9.56
N PHE A 136 26.66 -9.25 -8.63
CA PHE A 136 27.18 -9.22 -7.26
C PHE A 136 28.65 -8.82 -7.14
N SER A 137 29.38 -8.64 -8.25
CA SER A 137 30.75 -8.14 -8.23
C SER A 137 31.63 -8.88 -7.23
N LYS A 138 31.69 -10.20 -7.38
CA LYS A 138 32.51 -11.04 -6.52
C LYS A 138 33.58 -11.76 -7.33
N VAL A 139 34.58 -12.26 -6.63
CA VAL A 139 35.60 -13.10 -7.26
C VAL A 139 34.94 -14.39 -7.75
N PRO A 140 35.17 -14.80 -8.99
CA PRO A 140 34.53 -16.04 -9.48
C PRO A 140 35.00 -17.25 -8.67
N ALA A 141 34.06 -18.17 -8.47
CA ALA A 141 34.44 -19.45 -7.86
C ALA A 141 35.36 -20.21 -8.79
N ILE A 142 36.38 -20.86 -8.21
CA ILE A 142 37.41 -21.48 -9.02
C ILE A 142 36.92 -22.70 -9.78
N ASP A 143 35.65 -23.08 -9.63
CA ASP A 143 35.06 -24.21 -10.32
C ASP A 143 33.95 -23.78 -11.30
N SER A 144 34.03 -22.55 -11.80
CA SER A 144 33.01 -22.00 -12.68
C SER A 144 33.66 -21.29 -13.85
N THR A 145 32.91 -21.18 -14.94
CA THR A 145 33.34 -20.49 -16.15
C THR A 145 32.23 -19.54 -16.60
N SER A 146 32.54 -18.73 -17.60
CA SER A 146 31.57 -17.79 -18.17
C SER A 146 31.71 -17.77 -19.68
N GLU A 147 30.64 -17.38 -20.35
CA GLU A 147 30.63 -17.26 -21.80
C GLU A 147 31.14 -15.92 -22.30
N ALA A 148 31.42 -14.97 -21.40
CA ALA A 148 31.86 -13.64 -21.81
C ALA A 148 32.79 -13.06 -20.76
N ILE A 149 33.96 -12.60 -21.18
CA ILE A 149 34.88 -11.85 -20.35
C ILE A 149 35.03 -10.46 -20.95
N PHE A 150 34.77 -9.44 -20.14
CA PHE A 150 34.79 -8.06 -20.60
C PHE A 150 36.08 -7.38 -20.17
N VAL A 151 36.87 -6.92 -21.14
CA VAL A 151 38.09 -6.17 -20.89
C VAL A 151 37.78 -4.70 -21.01
N THR A 152 38.17 -3.92 -20.00
CA THR A 152 37.87 -2.50 -19.94
C THR A 152 39.15 -1.75 -20.31
N ALA A 153 39.30 -1.46 -21.60
CA ALA A 153 40.45 -0.74 -22.12
C ALA A 153 40.17 0.76 -22.29
N MET A 154 39.25 1.30 -21.49
CA MET A 154 38.86 2.69 -21.54
C MET A 154 38.59 3.19 -20.13
N ASP A 155 38.62 4.51 -19.97
CA ASP A 155 38.46 5.11 -18.65
C ASP A 155 37.82 6.48 -18.82
N THR A 156 36.59 6.62 -18.36
CA THR A 156 35.86 7.89 -18.43
C THR A 156 35.68 8.54 -17.06
N ASN A 157 36.29 8.01 -16.01
CA ASN A 157 36.18 8.60 -14.69
C ASN A 157 36.81 9.99 -14.69
N PRO A 158 36.37 10.88 -13.80
CA PRO A 158 37.04 12.18 -13.66
C PRO A 158 38.51 12.00 -13.29
N LEU A 159 39.36 12.78 -13.93
CA LEU A 159 40.81 12.81 -13.67
C LEU A 159 41.47 11.46 -13.91
N ALA A 160 40.89 10.61 -14.75
CA ALA A 160 41.43 9.27 -14.98
C ALA A 160 42.57 9.32 -15.99
N ALA A 161 43.36 8.25 -15.99
CA ALA A 161 44.46 8.12 -16.93
C ALA A 161 43.97 7.59 -18.28
N GLU A 162 44.79 7.79 -19.30
CA GLU A 162 44.46 7.30 -20.63
C GLU A 162 45.04 5.91 -20.83
N PRO A 163 44.21 4.88 -21.01
CA PRO A 163 44.76 3.52 -21.16
C PRO A 163 45.70 3.34 -22.34
N THR A 164 45.58 4.17 -23.38
CA THR A 164 46.45 4.02 -24.54
C THR A 164 47.91 4.25 -24.18
N VAL A 165 48.18 5.29 -23.37
CA VAL A 165 49.54 5.62 -22.98
C VAL A 165 50.20 4.48 -22.22
N VAL A 166 49.43 3.77 -21.40
CA VAL A 166 49.96 2.67 -20.61
C VAL A 166 50.09 1.40 -21.44
N ILE A 167 49.09 1.09 -22.27
CA ILE A 167 49.11 -0.14 -23.05
C ILE A 167 50.21 -0.07 -24.11
N ASN A 168 50.43 1.09 -24.71
CA ASN A 168 51.42 1.20 -25.77
C ASN A 168 52.83 0.87 -25.30
N GLU A 169 53.08 0.93 -23.98
CA GLU A 169 54.36 0.47 -23.44
C GLU A 169 54.43 -1.05 -23.35
N GLN A 170 53.30 -1.72 -23.16
CA GLN A 170 53.23 -3.13 -22.83
C GLN A 170 52.34 -3.87 -23.82
N SER A 171 52.58 -3.65 -25.12
CA SER A 171 51.75 -4.27 -26.15
C SER A 171 51.83 -5.79 -26.11
N GLU A 172 53.04 -6.32 -25.97
CA GLU A 172 53.22 -7.77 -25.97
C GLU A 172 52.51 -8.41 -24.77
N ALA A 173 52.65 -7.81 -23.59
CA ALA A 173 51.97 -8.33 -22.41
C ALA A 173 50.45 -8.23 -22.55
N PHE A 174 49.96 -7.12 -23.11
CA PHE A 174 48.52 -6.97 -23.32
C PHE A 174 47.99 -8.05 -24.26
N VAL A 175 48.69 -8.29 -25.37
CA VAL A 175 48.25 -9.28 -26.34
C VAL A 175 48.32 -10.69 -25.75
N ALA A 176 49.37 -10.98 -24.99
CA ALA A 176 49.46 -12.29 -24.34
C ALA A 176 48.34 -12.49 -23.33
N GLY A 177 48.01 -11.46 -22.57
CA GLY A 177 46.88 -11.55 -21.67
C GLY A 177 45.58 -11.79 -22.41
N LEU A 178 45.40 -11.14 -23.56
CA LEU A 178 44.20 -11.37 -24.36
C LEU A 178 44.13 -12.81 -24.86
N ASP A 179 45.27 -13.37 -25.28
CA ASP A 179 45.29 -14.77 -25.72
C ASP A 179 44.94 -15.71 -24.58
N VAL A 180 45.49 -15.45 -23.39
CA VAL A 180 45.19 -16.27 -22.22
C VAL A 180 43.70 -16.20 -21.90
N LEU A 181 43.12 -14.99 -21.95
CA LEU A 181 41.70 -14.85 -21.67
C LEU A 181 40.85 -15.56 -22.72
N SER A 182 41.28 -15.49 -23.98
CA SER A 182 40.55 -16.18 -25.04
C SER A 182 40.54 -17.68 -24.83
N ALA A 183 41.66 -18.24 -24.36
CA ALA A 183 41.69 -19.66 -24.05
C ALA A 183 40.91 -19.97 -22.77
N LEU A 184 40.80 -19.00 -21.86
CA LEU A 184 40.12 -19.21 -20.59
C LEU A 184 38.60 -19.17 -20.71
N THR A 185 38.07 -18.34 -21.60
CA THR A 185 36.62 -18.19 -21.73
C THR A 185 36.03 -19.35 -22.52
N THR A 186 34.73 -19.60 -22.28
CA THR A 186 33.99 -20.58 -23.04
C THR A 186 33.27 -19.98 -24.24
N GLY A 187 33.05 -18.67 -24.26
CA GLY A 187 32.43 -17.98 -25.38
C GLY A 187 33.38 -17.03 -26.07
N LYS A 188 33.22 -15.74 -25.80
CA LYS A 188 33.99 -14.70 -26.46
C LYS A 188 34.64 -13.79 -25.42
N VAL A 189 35.57 -12.96 -25.89
CA VAL A 189 36.22 -11.94 -25.09
C VAL A 189 35.90 -10.59 -25.70
N TYR A 190 35.38 -9.67 -24.89
CA TYR A 190 34.98 -8.35 -25.36
C TYR A 190 36.00 -7.31 -24.90
N VAL A 191 36.63 -6.65 -25.86
CA VAL A 191 37.59 -5.58 -25.58
C VAL A 191 36.86 -4.26 -25.84
N CYS A 192 36.45 -3.59 -24.78
CA CYS A 192 35.68 -2.37 -24.87
C CYS A 192 36.62 -1.17 -24.76
N LYS A 193 36.53 -0.26 -25.73
CA LYS A 193 37.55 0.75 -25.91
C LYS A 193 36.94 1.99 -26.54
N LYS A 194 37.79 2.96 -26.86
CA LYS A 194 37.43 4.15 -27.61
C LYS A 194 37.82 3.97 -29.08
N GLY A 195 37.74 5.06 -29.84
CA GLY A 195 38.03 5.00 -31.25
C GLY A 195 39.48 4.98 -31.65
N THR A 196 40.40 5.07 -30.69
CA THR A 196 41.83 5.00 -30.98
C THR A 196 42.24 3.54 -31.16
N SER A 197 43.45 3.34 -31.70
CA SER A 197 43.94 2.01 -32.01
C SER A 197 44.69 1.41 -30.84
N LEU A 198 44.48 0.12 -30.62
CA LEU A 198 45.13 -0.65 -29.58
C LEU A 198 45.78 -1.88 -30.22
N PRO A 199 46.77 -2.47 -29.56
CA PRO A 199 47.27 -3.77 -30.02
C PRO A 199 46.14 -4.79 -30.05
N ARG A 200 46.10 -5.59 -31.11
CA ARG A 200 44.96 -6.48 -31.38
C ARG A 200 45.40 -7.92 -31.30
N SER A 201 44.59 -8.76 -30.67
CA SER A 201 44.79 -10.20 -30.69
C SER A 201 44.24 -10.77 -31.98
N GLN A 202 44.84 -11.86 -32.45
CA GLN A 202 44.45 -12.50 -33.69
C GLN A 202 43.49 -13.67 -33.48
N GLN A 203 43.03 -13.89 -32.26
CA GLN A 203 42.06 -14.94 -32.03
C GLN A 203 40.69 -14.51 -32.55
N PRO A 204 39.95 -15.41 -33.21
CA PRO A 204 38.65 -15.02 -33.78
C PRO A 204 37.63 -14.59 -32.74
N ASN A 205 37.68 -15.13 -31.53
CA ASN A 205 36.68 -14.83 -30.51
C ASN A 205 37.11 -13.71 -29.56
N VAL A 206 38.03 -12.85 -29.99
CA VAL A 206 38.39 -11.64 -29.28
C VAL A 206 37.95 -10.48 -30.15
N GLU A 207 36.95 -9.73 -29.69
CA GLU A 207 36.28 -8.73 -30.50
C GLU A 207 36.36 -7.37 -29.82
N GLU A 208 36.78 -6.36 -30.59
CA GLU A 208 36.90 -5.00 -30.07
C GLU A 208 35.61 -4.23 -30.35
N HIS A 209 35.06 -3.63 -29.30
CA HIS A 209 33.84 -2.83 -29.41
C HIS A 209 34.15 -1.40 -28.98
N VAL A 210 33.62 -0.44 -29.72
CA VAL A 210 33.90 0.97 -29.53
C VAL A 210 32.68 1.66 -28.93
N PHE A 211 32.90 2.40 -27.85
CA PHE A 211 31.85 3.13 -27.16
C PHE A 211 32.17 4.62 -27.17
N ASP A 212 31.16 5.43 -27.49
CA ASP A 212 31.30 6.87 -27.50
C ASP A 212 30.30 7.51 -26.53
N GLY A 213 30.63 8.71 -26.08
CA GLY A 213 29.78 9.44 -25.18
C GLY A 213 30.46 9.78 -23.87
N PRO A 214 29.78 10.52 -23.01
CA PRO A 214 30.33 10.88 -21.70
C PRO A 214 30.22 9.69 -20.74
N HIS A 215 30.71 9.93 -19.53
CA HIS A 215 30.53 8.94 -18.46
C HIS A 215 29.04 8.69 -18.26
N PRO A 216 28.61 7.43 -18.10
CA PRO A 216 29.37 6.19 -17.94
C PRO A 216 29.61 5.39 -19.22
N ALA A 217 30.11 5.99 -20.30
CA ALA A 217 30.41 5.20 -21.49
C ALA A 217 31.56 4.24 -21.27
N GLY A 218 32.29 4.37 -20.16
CA GLY A 218 33.44 3.52 -19.93
C GLY A 218 33.31 2.60 -18.73
N LEU A 219 32.11 2.08 -18.48
CA LEU A 219 31.85 1.21 -17.34
C LEU A 219 31.46 -0.18 -17.82
N ALA A 220 31.95 -1.20 -17.09
CA ALA A 220 31.65 -2.58 -17.43
C ALA A 220 30.15 -2.86 -17.35
N GLY A 221 29.43 -2.16 -16.48
CA GLY A 221 27.99 -2.33 -16.43
C GLY A 221 27.31 -1.90 -17.71
N THR A 222 27.72 -0.74 -18.25
CA THR A 222 27.21 -0.30 -19.54
C THR A 222 27.57 -1.28 -20.65
N HIS A 223 28.83 -1.74 -20.65
CA HIS A 223 29.26 -2.66 -21.69
C HIS A 223 28.47 -3.96 -21.65
N MET A 224 28.24 -4.51 -20.45
CA MET A 224 27.40 -5.69 -20.33
C MET A 224 25.98 -5.42 -20.78
N HIS A 225 25.40 -4.28 -20.37
CA HIS A 225 24.02 -3.98 -20.73
C HIS A 225 23.86 -3.93 -22.24
N PHE A 226 24.87 -3.45 -22.96
CA PHE A 226 24.73 -3.29 -24.40
C PHE A 226 25.24 -4.47 -25.22
N LEU A 227 26.09 -5.33 -24.66
CA LEU A 227 26.66 -6.43 -25.44
C LEU A 227 26.26 -7.82 -24.95
N TYR A 228 26.02 -8.00 -23.67
CA TYR A 228 25.69 -9.30 -23.09
C TYR A 228 24.94 -9.07 -21.78
N PRO A 229 23.63 -8.85 -21.83
CA PRO A 229 22.88 -8.60 -20.59
C PRO A 229 22.99 -9.76 -19.62
N VAL A 230 23.15 -9.43 -18.34
CA VAL A 230 23.42 -10.41 -17.30
C VAL A 230 22.18 -10.59 -16.43
N SER A 231 22.00 -11.81 -15.95
CA SER A 231 20.86 -12.17 -15.12
C SER A 231 21.31 -13.27 -14.15
N ALA A 232 20.35 -13.96 -13.55
CA ALA A 232 20.68 -15.01 -12.60
C ALA A 232 21.45 -16.15 -13.27
N ASP A 233 21.03 -16.54 -14.48
CA ASP A 233 21.63 -17.68 -15.17
C ASP A 233 22.57 -17.27 -16.30
N HIS A 234 22.82 -15.98 -16.49
CA HIS A 234 23.83 -15.50 -17.41
C HIS A 234 24.79 -14.60 -16.63
N VAL A 235 26.03 -15.06 -16.47
CA VAL A 235 27.02 -14.39 -15.63
C VAL A 235 28.24 -14.05 -16.48
N ALA A 236 28.69 -12.81 -16.37
CA ALA A 236 29.86 -12.32 -17.08
C ALA A 236 30.96 -11.95 -16.09
N TRP A 237 32.18 -11.89 -16.59
CA TRP A 237 33.36 -11.54 -15.81
C TRP A 237 33.97 -10.25 -16.31
N SER A 238 34.65 -9.53 -15.43
CA SER A 238 35.25 -8.25 -15.75
C SER A 238 36.70 -8.21 -15.35
N ILE A 239 37.49 -7.47 -16.13
CA ILE A 239 38.91 -7.24 -15.82
C ILE A 239 39.32 -6.01 -16.62
N ASN A 240 40.34 -5.30 -16.12
CA ASN A 240 40.81 -4.10 -16.78
C ASN A 240 42.15 -4.33 -17.47
N TYR A 241 42.65 -3.28 -18.11
CA TYR A 241 43.82 -3.41 -18.98
C TYR A 241 45.10 -3.66 -18.20
N GLN A 242 45.24 -3.05 -17.02
CA GLN A 242 46.44 -3.28 -16.22
C GLN A 242 46.51 -4.71 -15.72
N ASP A 243 45.37 -5.27 -15.30
CA ASP A 243 45.34 -6.65 -14.86
C ASP A 243 45.56 -7.62 -16.02
N VAL A 244 45.12 -7.26 -17.24
CA VAL A 244 45.38 -8.09 -18.40
C VAL A 244 46.87 -8.08 -18.73
N ILE A 245 47.51 -6.91 -18.61
CA ILE A 245 48.96 -6.85 -18.77
C ILE A 245 49.64 -7.73 -17.73
N ALA A 246 49.13 -7.71 -16.50
CA ALA A 246 49.68 -8.56 -15.45
C ALA A 246 49.53 -10.04 -15.78
N VAL A 247 48.38 -10.43 -16.34
CA VAL A 247 48.15 -11.82 -16.73
C VAL A 247 49.13 -12.24 -17.82
N GLY A 248 49.30 -11.38 -18.83
CA GLY A 248 50.25 -11.67 -19.89
C GLY A 248 51.67 -11.80 -19.38
N GLN A 249 52.08 -10.89 -18.50
CA GLN A 249 53.42 -10.95 -17.93
C GLN A 249 53.61 -12.21 -17.10
N LEU A 250 52.59 -12.58 -16.31
CA LEU A 250 52.68 -13.79 -15.51
C LEU A 250 52.87 -15.02 -16.38
N PHE A 251 52.07 -15.16 -17.43
CA PHE A 251 52.19 -16.33 -18.28
C PHE A 251 53.38 -16.28 -19.22
N LEU A 252 54.01 -15.12 -19.42
CA LEU A 252 55.19 -15.06 -20.27
C LEU A 252 56.49 -15.17 -19.50
N THR A 253 56.52 -14.81 -18.22
CA THR A 253 57.77 -14.81 -17.46
C THR A 253 57.76 -15.73 -16.25
N GLY A 254 56.60 -16.17 -15.77
CA GLY A 254 56.54 -16.98 -14.58
C GLY A 254 56.63 -16.21 -13.28
N GLU A 255 56.49 -14.89 -13.32
CA GLU A 255 56.60 -14.04 -12.13
C GLU A 255 55.38 -13.14 -12.04
N LEU A 256 54.98 -12.83 -10.81
CA LEU A 256 53.87 -11.93 -10.58
C LEU A 256 54.30 -10.49 -10.85
N TYR A 257 53.55 -9.80 -11.71
CA TYR A 257 53.87 -8.44 -12.12
C TYR A 257 52.97 -7.50 -11.31
N THR A 258 53.57 -6.79 -10.35
CA THR A 258 52.83 -5.99 -9.39
C THR A 258 52.91 -4.49 -9.67
N GLN A 259 53.49 -4.09 -10.79
CA GLN A 259 53.63 -2.68 -11.09
C GLN A 259 52.28 -2.05 -11.44
N ARG A 260 52.17 -0.75 -11.20
CA ARG A 260 50.98 0.02 -11.51
C ARG A 260 51.38 1.35 -12.11
N VAL A 261 50.46 1.94 -12.87
CA VAL A 261 50.59 3.28 -13.40
C VAL A 261 49.28 3.99 -13.07
N VAL A 262 49.26 4.72 -11.96
CA VAL A 262 48.05 5.38 -11.49
C VAL A 262 48.14 6.85 -11.80
N SER A 263 47.01 7.54 -11.65
CA SER A 263 46.93 8.97 -11.91
C SER A 263 46.81 9.70 -10.57
N LEU A 264 47.73 10.64 -10.34
CA LEU A 264 47.69 11.49 -9.16
C LEU A 264 47.17 12.85 -9.60
N ALA A 265 45.93 13.18 -9.21
CA ALA A 265 45.29 14.39 -9.69
C ALA A 265 44.26 14.86 -8.68
N GLY A 266 43.84 16.10 -8.85
CA GLY A 266 42.88 16.73 -7.95
C GLY A 266 43.07 18.24 -7.91
N PRO A 267 42.07 18.95 -7.38
CA PRO A 267 42.18 20.41 -7.31
C PRO A 267 43.31 20.91 -6.42
N VAL A 268 43.84 20.08 -5.53
CA VAL A 268 44.84 20.51 -4.56
C VAL A 268 46.19 19.84 -4.82
N VAL A 269 46.40 19.28 -6.01
CA VAL A 269 47.66 18.66 -6.36
C VAL A 269 48.49 19.67 -7.15
N ASN A 270 49.75 19.84 -6.75
CA ASN A 270 50.60 20.85 -7.37
C ASN A 270 50.91 20.50 -8.82
N LYS A 271 51.29 19.25 -9.08
CA LYS A 271 51.66 18.79 -10.43
C LYS A 271 50.91 17.51 -10.73
N PRO A 272 49.66 17.61 -11.18
CA PRO A 272 48.91 16.40 -11.54
C PRO A 272 49.55 15.69 -12.73
N ARG A 273 49.67 14.37 -12.60
CA ARG A 273 50.32 13.55 -13.62
C ARG A 273 50.12 12.07 -13.35
N LEU A 274 50.76 11.22 -14.15
CA LEU A 274 50.75 9.78 -13.94
C LEU A 274 52.05 9.36 -13.28
N VAL A 275 51.94 8.47 -12.28
CA VAL A 275 53.09 8.03 -11.50
C VAL A 275 53.13 6.50 -11.50
N ARG A 276 54.34 5.95 -11.62
CA ARG A 276 54.53 4.51 -11.50
C ARG A 276 54.55 4.13 -10.02
N THR A 277 53.77 3.10 -9.67
CA THR A 277 53.70 2.65 -8.28
C THR A 277 53.60 1.13 -8.21
N VAL A 278 53.24 0.61 -7.05
CA VAL A 278 53.14 -0.84 -6.82
C VAL A 278 51.75 -1.12 -6.26
N MET A 279 51.31 -2.36 -6.44
CA MET A 279 49.99 -2.77 -5.97
C MET A 279 49.83 -2.52 -4.47
N GLY A 280 48.73 -1.87 -4.11
CA GLY A 280 48.45 -1.60 -2.71
C GLY A 280 49.44 -0.69 -2.03
N ALA A 281 49.98 0.29 -2.75
CA ALA A 281 50.98 1.18 -2.18
C ALA A 281 50.37 2.08 -1.13
N SER A 282 51.22 2.58 -0.23
CA SER A 282 50.79 3.46 0.84
C SER A 282 50.53 4.85 0.27
N LEU A 283 49.30 5.34 0.42
CA LEU A 283 48.93 6.61 -0.20
C LEU A 283 49.48 7.81 0.55
N GLU A 284 49.63 7.70 1.88
CA GLU A 284 50.20 8.81 2.64
C GLU A 284 51.67 9.04 2.28
N GLN A 285 52.35 7.99 1.80
CA GLN A 285 53.71 8.15 1.30
C GLN A 285 53.74 8.44 -0.20
N LEU A 286 52.71 8.02 -0.93
CA LEU A 286 52.64 8.34 -2.35
C LEU A 286 52.38 9.82 -2.58
N VAL A 287 51.54 10.44 -1.76
CA VAL A 287 51.18 11.84 -1.91
C VAL A 287 52.04 12.75 -1.02
N ASP A 288 53.16 12.23 -0.51
CA ASP A 288 54.02 12.99 0.39
C ASP A 288 54.61 14.18 -0.36
N SER A 289 54.32 15.39 0.13
CA SER A 289 54.81 16.63 -0.47
C SER A 289 54.39 16.75 -1.94
N GLU A 290 53.11 16.48 -2.21
CA GLU A 290 52.56 16.62 -3.54
C GLU A 290 51.35 17.54 -3.60
N ILE A 291 50.89 18.05 -2.46
CA ILE A 291 49.61 18.73 -2.37
C ILE A 291 49.78 20.09 -1.70
N MET A 292 48.77 20.92 -1.86
CA MET A 292 48.72 22.24 -1.23
C MET A 292 48.39 22.10 0.26
N PRO A 293 48.77 23.09 1.07
CA PRO A 293 48.44 23.04 2.50
C PRO A 293 46.95 23.18 2.75
N GLY A 294 46.54 22.67 3.90
CA GLY A 294 45.15 22.68 4.32
C GLY A 294 44.70 21.32 4.80
N GLU A 295 43.39 21.22 5.04
CA GLU A 295 42.77 19.94 5.39
C GLU A 295 42.16 19.36 4.13
N VAL A 296 42.61 18.17 3.75
CA VAL A 296 42.22 17.56 2.48
C VAL A 296 41.77 16.13 2.73
N ARG A 297 41.06 15.59 1.75
CA ARG A 297 40.67 14.18 1.72
C ARG A 297 41.40 13.49 0.59
N ILE A 298 42.11 12.41 0.90
CA ILE A 298 42.80 11.60 -0.09
C ILE A 298 41.90 10.41 -0.39
N ILE A 299 41.57 10.23 -1.67
CA ILE A 299 40.63 9.21 -2.11
C ILE A 299 41.38 8.20 -2.96
N SER A 300 41.19 6.92 -2.66
CA SER A 300 41.73 5.84 -3.47
C SER A 300 40.73 5.56 -4.58
N GLY A 301 41.02 6.07 -5.78
CA GLY A 301 40.10 5.92 -6.89
C GLY A 301 39.45 7.22 -7.29
N SER A 302 38.27 7.14 -7.90
CA SER A 302 37.59 8.33 -8.38
C SER A 302 36.88 9.05 -7.24
N VAL A 303 36.41 10.26 -7.54
CA VAL A 303 35.58 10.97 -6.57
C VAL A 303 34.14 10.52 -6.68
N LEU A 304 33.74 9.97 -7.83
CA LEU A 304 32.38 9.46 -7.99
C LEU A 304 32.19 8.15 -7.24
N SER A 305 33.20 7.27 -7.27
CA SER A 305 33.14 6.02 -6.52
C SER A 305 34.58 5.66 -6.15
N GLY A 306 34.98 6.02 -4.94
CA GLY A 306 36.30 5.71 -4.43
C GLY A 306 36.18 5.44 -2.95
N THR A 307 37.33 5.12 -2.33
CA THR A 307 37.38 4.81 -0.91
C THR A 307 38.26 5.84 -0.22
N LYS A 308 37.71 6.47 0.82
CA LYS A 308 38.48 7.41 1.62
C LYS A 308 39.67 6.71 2.27
N ALA A 309 40.86 7.24 2.03
CA ALA A 309 42.11 6.60 2.45
C ALA A 309 42.62 7.31 3.69
N THR A 310 42.12 6.88 4.85
CA THR A 310 42.55 7.42 6.13
C THR A 310 42.82 6.26 7.09
N GLY A 311 43.82 6.42 7.95
CA GLY A 311 44.15 5.44 8.94
C GLY A 311 44.56 4.11 8.36
N PRO A 312 43.91 3.03 8.79
CA PRO A 312 44.26 1.70 8.27
C PRO A 312 43.88 1.50 6.81
N HIS A 313 43.07 2.37 6.23
CA HIS A 313 42.63 2.23 4.85
C HIS A 313 43.45 3.07 3.88
N ALA A 314 44.56 3.66 4.34
CA ALA A 314 45.33 4.58 3.51
C ALA A 314 46.24 3.84 2.55
N TYR A 315 45.69 2.92 1.76
CA TYR A 315 46.45 2.15 0.81
C TYR A 315 45.66 2.02 -0.49
N LEU A 316 46.37 1.81 -1.59
CA LEU A 316 45.72 1.71 -2.88
C LEU A 316 44.87 0.46 -2.97
N GLY A 317 43.66 0.61 -3.50
CA GLY A 317 42.75 -0.51 -3.62
C GLY A 317 43.18 -1.49 -4.70
N ARG A 318 42.52 -2.64 -4.69
CA ARG A 318 42.84 -3.67 -5.66
C ARG A 318 42.34 -3.30 -7.05
N TYR A 319 41.17 -2.66 -7.12
CA TYR A 319 40.52 -2.35 -8.39
C TYR A 319 40.54 -0.86 -8.71
N HIS A 320 41.42 -0.10 -8.08
CA HIS A 320 41.52 1.34 -8.28
C HIS A 320 42.79 1.67 -9.04
N LEU A 321 42.69 2.61 -9.98
CA LEU A 321 43.81 2.97 -10.85
C LEU A 321 44.08 4.48 -10.83
N GLN A 322 43.73 5.15 -9.73
CA GLN A 322 43.99 6.58 -9.61
C GLN A 322 43.86 6.98 -8.15
N VAL A 323 44.42 8.14 -7.83
CA VAL A 323 44.31 8.75 -6.51
C VAL A 323 43.80 10.17 -6.69
N SER A 324 42.73 10.51 -5.97
CA SER A 324 42.09 11.81 -6.07
C SER A 324 42.20 12.54 -4.74
N VAL A 325 42.69 13.77 -4.77
CA VAL A 325 42.87 14.59 -3.58
C VAL A 325 42.14 15.90 -3.77
N LEU A 326 41.32 16.27 -2.79
CA LEU A 326 40.57 17.52 -2.85
C LEU A 326 40.30 18.03 -1.45
N ARG A 327 39.99 19.31 -1.34
CA ARG A 327 39.86 19.97 -0.05
C ARG A 327 38.60 19.51 0.68
N GLU A 328 38.44 19.98 1.91
CA GLU A 328 37.30 19.65 2.76
C GLU A 328 36.41 20.87 2.87
N GLY A 329 35.16 20.73 2.45
CA GLY A 329 34.21 21.84 2.44
C GLY A 329 33.40 21.99 3.71
N ARG A 330 34.03 22.47 4.78
CA ARG A 330 33.36 22.64 6.06
C ARG A 330 32.91 24.08 6.30
N ASP A 331 32.97 24.94 5.29
CA ASP A 331 32.59 26.34 5.46
C ASP A 331 31.08 26.48 5.52
N LYS A 332 30.64 27.57 6.16
CA LYS A 332 29.23 27.92 6.27
C LYS A 332 29.04 29.33 5.73
N GLU A 333 28.08 29.48 4.82
CA GLU A 333 27.84 30.76 4.17
C GLU A 333 26.47 31.30 4.55
N LEU A 334 26.40 32.63 4.69
CA LEU A 334 25.16 33.30 5.05
C LEU A 334 24.24 33.33 3.84
N PHE A 335 23.08 32.68 3.95
CA PHE A 335 22.12 32.55 2.85
C PHE A 335 22.81 31.97 1.61
N GLY A 336 23.69 30.99 1.84
CA GLY A 336 24.47 30.44 0.75
C GLY A 336 23.63 29.75 -0.30
N TRP A 337 22.52 29.13 0.11
CA TRP A 337 21.63 28.47 -0.83
C TRP A 337 20.96 29.45 -1.78
N ALA A 338 20.88 30.72 -1.43
CA ALA A 338 20.17 31.72 -2.22
C ALA A 338 21.09 32.59 -3.06
N MET A 339 22.38 32.30 -3.08
CA MET A 339 23.30 33.12 -3.87
C MET A 339 23.27 32.72 -5.34
N PRO A 340 23.53 33.67 -6.25
CA PRO A 340 23.67 33.29 -7.66
C PRO A 340 24.98 32.54 -7.89
N GLY A 341 24.89 31.27 -8.25
CA GLY A 341 26.06 30.41 -8.29
C GLY A 341 26.88 30.50 -9.55
N LYS A 342 27.65 31.57 -9.70
CA LYS A 342 28.60 31.63 -10.82
C LYS A 342 29.68 30.57 -10.69
N ASN A 343 30.07 30.23 -9.46
CA ASN A 343 31.08 29.22 -9.20
C ASN A 343 30.48 27.93 -8.66
N LYS A 344 29.22 27.65 -8.96
CA LYS A 344 28.52 26.49 -8.44
C LYS A 344 28.09 25.60 -9.60
N PHE A 345 28.46 24.32 -9.53
CA PHE A 345 28.13 23.36 -10.56
C PHE A 345 26.82 22.67 -10.27
N SER A 346 25.99 22.50 -11.30
CA SER A 346 24.74 21.78 -11.16
C SER A 346 24.36 21.19 -12.51
N VAL A 347 23.74 20.01 -12.48
CA VAL A 347 23.16 19.44 -13.69
C VAL A 347 21.86 20.13 -14.08
N THR A 348 21.27 20.89 -13.17
CA THR A 348 20.14 21.75 -13.45
C THR A 348 20.65 23.07 -14.03
N ARG A 349 19.77 24.06 -14.13
CA ARG A 349 20.13 25.37 -14.64
C ARG A 349 19.65 26.47 -13.70
N SER A 350 19.69 26.20 -12.40
CA SER A 350 19.31 27.16 -11.37
C SER A 350 20.44 28.08 -10.96
N PHE A 351 21.63 27.91 -11.51
CA PHE A 351 22.80 28.69 -11.13
C PHE A 351 23.37 29.37 -12.37
N LEU A 352 24.09 30.47 -12.14
CA LEU A 352 24.76 31.19 -13.22
C LEU A 352 25.94 30.44 -13.80
N GLY A 353 26.39 29.36 -13.15
CA GLY A 353 27.60 28.70 -13.58
C GLY A 353 27.49 28.07 -14.96
N HIS A 354 26.32 27.56 -15.31
CA HIS A 354 26.15 26.86 -16.58
C HIS A 354 26.25 27.78 -17.78
N LEU A 355 26.14 29.09 -17.58
CA LEU A 355 26.24 30.03 -18.67
C LEU A 355 27.68 30.33 -19.07
N PHE A 356 28.65 29.80 -18.34
CA PHE A 356 30.07 29.94 -18.67
C PHE A 356 30.56 28.57 -19.13
N LYS A 357 30.45 28.33 -20.43
CA LYS A 357 30.85 27.05 -20.99
C LYS A 357 32.35 26.87 -20.89
N GLY A 358 32.78 25.66 -20.55
CA GLY A 358 34.17 25.35 -20.37
C GLY A 358 34.74 25.67 -19.00
N GLN A 359 33.91 26.19 -18.10
CA GLN A 359 34.39 26.55 -16.77
C GLN A 359 34.80 25.29 -16.00
N VAL A 360 35.82 25.45 -15.15
CA VAL A 360 36.39 24.36 -14.37
C VAL A 360 36.31 24.74 -12.90
N TYR A 361 35.83 23.81 -12.08
CA TYR A 361 35.46 24.10 -10.70
C TYR A 361 36.45 23.48 -9.72
N ASN A 362 36.77 24.23 -8.66
CA ASN A 362 37.58 23.73 -7.55
C ASN A 362 36.65 23.10 -6.52
N MET A 363 36.21 21.88 -6.82
CA MET A 363 35.21 21.22 -5.99
C MET A 363 35.81 20.75 -4.67
N THR A 364 34.94 20.66 -3.66
CA THR A 364 35.33 20.14 -2.34
C THR A 364 34.37 19.02 -1.94
N THR A 365 34.46 18.57 -0.70
CA THR A 365 33.68 17.43 -0.22
C THR A 365 32.41 17.86 0.49
N THR A 366 31.84 18.99 0.11
CA THR A 366 30.63 19.51 0.73
C THR A 366 29.41 18.73 0.26
N THR A 367 28.42 18.62 1.15
CA THR A 367 27.06 18.25 0.79
C THR A 367 26.29 19.55 0.68
N ASN A 368 25.92 19.92 -0.55
CA ASN A 368 25.26 21.21 -0.79
C ASN A 368 23.78 21.09 -0.39
N GLY A 369 23.56 21.00 0.91
CA GLY A 369 22.22 20.93 1.47
C GLY A 369 22.15 19.90 2.56
N SER A 370 20.91 19.59 2.96
CA SER A 370 20.62 18.63 4.00
C SER A 370 19.85 17.45 3.43
N ASP A 371 19.75 16.38 4.22
CA ASP A 371 19.04 15.19 3.80
C ASP A 371 17.53 15.46 3.80
N ARG A 372 16.88 15.11 2.70
CA ARG A 372 15.45 15.32 2.55
C ARG A 372 14.84 14.12 1.82
N SER A 373 13.52 14.15 1.67
CA SER A 373 12.83 13.11 0.92
C SER A 373 13.11 13.28 -0.58
N MET A 374 12.56 12.40 -1.40
CA MET A 374 12.78 12.45 -2.84
C MET A 374 11.65 13.25 -3.49
N VAL A 375 12.01 14.37 -4.11
CA VAL A 375 11.10 15.12 -4.98
C VAL A 375 11.65 14.97 -6.38
N PRO A 376 11.04 14.13 -7.22
CA PRO A 376 11.67 13.75 -8.49
C PRO A 376 11.56 14.81 -9.57
N ILE A 377 12.48 15.78 -9.59
CA ILE A 377 12.49 16.79 -10.64
C ILE A 377 13.11 16.31 -11.93
N GLY A 378 13.53 15.04 -12.00
CA GLY A 378 13.97 14.46 -13.26
C GLY A 378 15.45 14.57 -13.53
N ASN A 379 16.28 14.37 -12.51
CA ASN A 379 17.73 14.46 -12.67
C ASN A 379 18.38 13.12 -12.99
N TYR A 380 17.82 12.02 -12.48
CA TYR A 380 18.40 10.70 -12.74
C TYR A 380 18.27 10.31 -14.20
N GLU A 381 17.19 10.73 -14.87
CA GLU A 381 17.01 10.44 -16.27
C GLU A 381 18.02 11.15 -17.16
N LYS A 382 18.62 12.24 -16.66
CA LYS A 382 19.64 12.94 -17.43
C LYS A 382 20.99 12.25 -17.37
N VAL A 383 21.19 11.32 -16.42
CA VAL A 383 22.50 10.73 -16.19
C VAL A 383 22.51 9.22 -16.32
N MET A 384 21.34 8.56 -16.39
CA MET A 384 21.32 7.12 -16.56
C MET A 384 21.11 6.78 -18.02
N PRO A 385 22.09 6.22 -18.72
CA PRO A 385 21.93 5.95 -20.15
C PRO A 385 21.31 4.59 -20.44
N LEU A 386 21.20 3.75 -19.41
CA LEU A 386 20.71 2.40 -19.60
C LEU A 386 19.21 2.38 -19.86
N ASP A 387 18.70 1.22 -20.27
CA ASP A 387 17.29 1.04 -20.60
C ASP A 387 16.57 0.55 -19.35
N MET A 388 16.40 1.46 -18.40
CA MET A 388 15.76 1.16 -17.12
C MET A 388 14.87 2.33 -16.73
N GLU A 389 14.26 2.22 -15.55
CA GLU A 389 13.45 3.28 -14.96
C GLU A 389 14.16 3.80 -13.73
N PRO A 390 14.91 4.91 -13.84
CA PRO A 390 15.79 5.32 -12.73
C PRO A 390 15.05 5.70 -11.46
N THR A 391 14.05 6.59 -11.56
CA THR A 391 13.36 7.06 -10.36
C THR A 391 12.69 5.91 -9.62
N LEU A 392 12.01 5.03 -10.36
CA LEU A 392 11.32 3.92 -9.73
C LEU A 392 12.31 2.92 -9.13
N LEU A 393 13.38 2.61 -9.84
CA LEU A 393 14.38 1.69 -9.30
C LEU A 393 14.99 2.26 -8.03
N LEU A 394 15.29 3.55 -8.01
CA LEU A 394 15.84 4.18 -6.82
C LEU A 394 14.84 4.20 -5.68
N ARG A 395 13.55 4.34 -5.98
CA ARG A 395 12.57 4.36 -4.89
C ARG A 395 12.39 2.98 -4.27
N ASP A 396 12.42 1.91 -5.08
CA ASP A 396 12.47 0.58 -4.50
C ASP A 396 13.75 0.33 -3.70
N LEU A 397 14.88 0.86 -4.18
CA LEU A 397 16.12 0.72 -3.40
C LEU A 397 15.99 1.44 -2.06
N CYS A 398 15.41 2.63 -2.05
CA CYS A 398 15.22 3.38 -0.81
C CYS A 398 14.28 2.66 0.14
N ALA A 399 13.13 2.21 -0.39
CA ALA A 399 12.15 1.52 0.45
C ALA A 399 12.58 0.12 0.85
N GLY A 400 13.63 -0.42 0.25
CA GLY A 400 14.06 -1.77 0.58
C GLY A 400 13.24 -2.87 -0.05
N ASP A 401 12.61 -2.61 -1.20
CA ASP A 401 11.83 -3.62 -1.91
C ASP A 401 12.78 -4.35 -2.85
N SER A 402 13.48 -5.34 -2.30
CA SER A 402 14.52 -6.03 -3.05
C SER A 402 13.92 -6.89 -4.16
N ASP A 403 12.80 -7.55 -3.90
CA ASP A 403 12.17 -8.39 -4.91
C ASP A 403 11.73 -7.57 -6.11
N SER A 404 11.22 -6.36 -5.89
CA SER A 404 10.83 -5.49 -6.99
C SER A 404 12.04 -4.86 -7.67
N ALA A 405 13.10 -4.58 -6.90
CA ALA A 405 14.30 -4.00 -7.50
C ALA A 405 14.98 -4.98 -8.43
N VAL A 406 14.94 -6.27 -8.10
CA VAL A 406 15.52 -7.28 -8.99
C VAL A 406 14.80 -7.29 -10.32
N ARG A 407 13.47 -7.21 -10.30
CA ARG A 407 12.72 -7.10 -11.55
C ARG A 407 13.06 -5.82 -12.29
N LEU A 408 13.18 -4.71 -11.57
CA LEU A 408 13.44 -3.43 -12.21
C LEU A 408 14.88 -3.30 -12.71
N GLY A 409 15.76 -4.24 -12.35
CA GLY A 409 17.05 -4.31 -13.00
C GLY A 409 18.24 -4.14 -12.10
N ALA A 410 18.11 -4.51 -10.82
CA ALA A 410 19.19 -4.31 -9.88
C ALA A 410 20.32 -5.32 -10.09
N LEU A 411 20.01 -6.49 -10.63
CA LEU A 411 21.02 -7.52 -10.79
C LEU A 411 22.10 -7.15 -11.82
N GLU A 412 21.84 -6.15 -12.65
CA GLU A 412 22.79 -5.70 -13.65
C GLU A 412 23.72 -4.62 -13.13
N LEU A 413 23.55 -4.17 -11.89
CA LEU A 413 24.17 -2.94 -11.41
C LEU A 413 25.29 -3.21 -10.43
N ASP A 414 26.19 -2.24 -10.34
CA ASP A 414 27.26 -2.19 -9.36
C ASP A 414 27.19 -0.84 -8.67
N GLU A 415 27.94 -0.69 -7.57
CA GLU A 415 27.92 0.57 -6.83
C GLU A 415 28.39 1.73 -7.69
N GLU A 416 29.28 1.47 -8.65
CA GLU A 416 29.79 2.51 -9.54
C GLU A 416 28.78 2.91 -10.60
N ASP A 417 27.70 2.16 -10.79
CA ASP A 417 26.69 2.51 -11.78
C ASP A 417 25.69 3.52 -11.27
N LEU A 418 25.56 3.68 -9.95
CA LEU A 418 24.66 4.66 -9.36
C LEU A 418 25.40 5.85 -8.77
N ALA A 419 26.67 6.05 -9.17
CA ALA A 419 27.45 7.14 -8.61
C ALA A 419 26.92 8.49 -9.05
N LEU A 420 26.55 8.61 -10.33
CA LEU A 420 25.98 9.88 -10.81
C LEU A 420 24.59 10.11 -10.24
N CYS A 421 23.83 9.02 -10.02
CA CYS A 421 22.53 9.16 -9.38
C CYS A 421 22.67 9.68 -7.95
N THR A 422 23.66 9.17 -7.20
CA THR A 422 23.97 9.73 -5.90
C THR A 422 24.45 11.17 -6.03
N PHE A 423 25.15 11.48 -7.12
CA PHE A 423 25.68 12.81 -7.35
C PHE A 423 24.56 13.84 -7.46
N VAL A 424 23.55 13.57 -8.29
CA VAL A 424 22.59 14.58 -8.70
C VAL A 424 21.29 14.50 -7.89
N CYS A 425 21.31 13.88 -6.72
CA CYS A 425 20.11 13.75 -5.92
C CYS A 425 19.89 15.00 -5.07
N PRO A 426 18.77 15.71 -5.21
CA PRO A 426 18.52 16.87 -4.33
C PRO A 426 18.21 16.47 -2.90
N GLY A 427 17.90 15.20 -2.63
CA GLY A 427 17.67 14.73 -1.29
C GLY A 427 18.87 14.16 -0.59
N LYS A 428 20.05 14.26 -1.21
CA LYS A 428 21.31 13.82 -0.61
C LYS A 428 21.25 12.35 -0.18
N TYR A 429 20.66 11.51 -1.03
CA TYR A 429 20.71 10.08 -0.81
C TYR A 429 22.03 9.50 -1.30
N GLU A 430 22.29 8.25 -0.92
CA GLU A 430 23.50 7.55 -1.31
C GLU A 430 23.08 6.14 -1.72
N TYR A 431 22.98 5.91 -3.02
CA TYR A 431 22.34 4.71 -3.55
C TYR A 431 23.26 3.52 -3.69
N GLY A 432 24.57 3.72 -3.65
CA GLY A 432 25.48 2.58 -3.72
C GLY A 432 25.32 1.65 -2.53
N GLN A 433 25.20 2.21 -1.33
CA GLN A 433 25.03 1.39 -0.15
C GLN A 433 23.67 0.69 -0.14
N LEU A 434 22.63 1.38 -0.61
CA LEU A 434 21.31 0.75 -0.71
C LEU A 434 21.32 -0.41 -1.70
N LEU A 435 21.99 -0.22 -2.84
CA LEU A 435 22.13 -1.30 -3.81
C LEU A 435 22.91 -2.47 -3.21
N ARG A 436 23.97 -2.19 -2.47
CA ARG A 436 24.74 -3.26 -1.85
C ARG A 436 23.90 -4.01 -0.82
N GLU A 437 23.07 -3.30 -0.05
CA GLU A 437 22.20 -3.98 0.90
C GLU A 437 21.20 -4.88 0.20
N CYS A 438 20.59 -4.38 -0.89
CA CYS A 438 19.63 -5.19 -1.64
C CYS A 438 20.30 -6.42 -2.23
N LEU A 439 21.51 -6.25 -2.78
CA LEU A 439 22.21 -7.39 -3.39
C LEU A 439 22.63 -8.40 -2.33
N ASP A 440 23.05 -7.94 -1.15
CA ASP A 440 23.37 -8.85 -0.05
C ASP A 440 22.14 -9.64 0.37
N LYS A 441 20.99 -8.97 0.46
CA LYS A 441 19.75 -9.66 0.81
C LYS A 441 19.39 -10.72 -0.24
N ILE A 442 19.52 -10.37 -1.52
CA ILE A 442 19.22 -11.33 -2.59
C ILE A 442 20.17 -12.52 -2.51
N GLU A 443 21.45 -12.25 -2.28
CA GLU A 443 22.43 -13.33 -2.21
C GLU A 443 22.13 -14.27 -1.05
N LYS A 444 21.87 -13.72 0.13
CA LYS A 444 21.64 -14.55 1.31
C LYS A 444 20.33 -15.31 1.22
N GLU A 445 19.30 -14.70 0.61
CA GLU A 445 18.00 -15.37 0.49
C GLU A 445 18.11 -16.68 -0.29
N GLY A 446 19.05 -16.75 -1.23
CA GLY A 446 19.25 -17.96 -2.01
C GLY A 446 18.96 -17.78 -3.49
N GLY B 2 27.58 38.98 16.47
CA GLY B 2 27.05 38.56 15.19
C GLY B 2 25.98 37.49 15.30
N LEU B 3 25.26 37.26 14.19
CA LEU B 3 24.23 36.23 14.19
C LEU B 3 24.85 34.84 14.25
N LYS B 4 26.03 34.67 13.66
CA LYS B 4 26.67 33.35 13.65
C LYS B 4 27.10 32.93 15.04
N LYS B 5 27.73 33.84 15.79
CA LYS B 5 28.13 33.52 17.16
C LYS B 5 26.91 33.31 18.05
N PHE B 6 25.83 34.04 17.79
CA PHE B 6 24.58 33.80 18.52
C PHE B 6 24.07 32.38 18.26
N LEU B 7 24.00 31.99 16.99
CA LEU B 7 23.45 30.68 16.63
C LEU B 7 24.34 29.55 17.10
N GLU B 8 25.64 29.81 17.26
CA GLU B 8 26.52 28.79 17.84
C GLU B 8 26.63 28.91 19.36
N ASP B 9 26.08 29.96 19.96
CA ASP B 9 26.10 30.13 21.40
C ASP B 9 24.86 29.53 22.07
N ILE B 10 23.70 29.64 21.43
CA ILE B 10 22.48 29.10 22.02
C ILE B 10 22.22 27.69 21.52
N GLU B 11 23.21 27.06 20.91
CA GLU B 11 23.02 25.72 20.37
C GLU B 11 22.90 24.68 21.48
N HIS B 12 23.53 24.91 22.62
CA HIS B 12 23.50 23.92 23.70
C HIS B 12 22.10 23.76 24.27
N HIS B 13 21.33 24.85 24.33
CA HIS B 13 20.00 24.80 24.91
C HIS B 13 19.07 23.82 24.20
N PHE B 14 19.33 23.55 22.92
CA PHE B 14 18.44 22.72 22.13
C PHE B 14 18.97 21.30 21.89
N GLU B 15 20.19 21.00 22.32
CA GLU B 15 20.63 19.63 22.38
C GLU B 15 20.02 18.94 23.60
N PRO B 16 20.00 17.61 23.64
CA PRO B 16 19.48 16.92 24.81
C PRO B 16 20.21 17.36 26.08
N GLY B 17 19.43 17.59 27.14
CA GLY B 17 19.95 18.15 28.37
C GLY B 17 19.84 19.65 28.49
N GLY B 18 19.15 20.32 27.55
CA GLY B 18 18.99 21.75 27.61
C GLY B 18 17.61 22.18 28.10
N LYS B 19 17.49 23.48 28.38
CA LYS B 19 16.21 24.02 28.83
C LYS B 19 15.18 24.04 27.71
N HIS B 20 15.61 23.93 26.47
CA HIS B 20 14.73 23.99 25.31
C HIS B 20 14.95 22.78 24.40
N GLU B 21 14.98 21.59 24.99
CA GLU B 21 15.28 20.39 24.22
C GLU B 21 14.11 19.89 23.39
N LYS B 22 12.96 20.55 23.48
CA LYS B 22 11.81 20.17 22.66
C LYS B 22 11.63 21.04 21.43
N TRP B 23 12.26 22.21 21.39
CA TRP B 23 12.20 23.10 20.23
C TRP B 23 13.41 22.94 19.32
N PHE B 24 14.04 21.77 19.35
CA PHE B 24 15.23 21.53 18.54
C PHE B 24 14.91 21.62 17.05
N ALA B 25 13.72 21.16 16.65
CA ALA B 25 13.33 21.24 15.25
C ALA B 25 13.27 22.69 14.79
N LEU B 26 12.66 23.56 15.60
CA LEU B 26 12.58 24.98 15.24
C LEU B 26 13.95 25.62 15.21
N TYR B 27 14.81 25.32 16.20
CA TYR B 27 16.14 25.89 16.19
C TYR B 27 16.93 25.44 14.96
N GLU B 28 16.85 24.16 14.61
CA GLU B 28 17.58 23.66 13.46
C GLU B 28 17.05 24.28 12.18
N ALA B 29 15.73 24.44 12.07
CA ALA B 29 15.15 25.09 10.91
C ALA B 29 15.69 26.51 10.75
N ALA B 30 15.67 27.29 11.83
CA ALA B 30 16.17 28.66 11.77
C ALA B 30 17.65 28.71 11.42
N ALA B 31 18.44 27.84 12.06
CA ALA B 31 19.88 27.83 11.84
C ALA B 31 20.23 27.49 10.41
N THR B 32 19.60 26.46 9.85
CA THR B 32 19.88 26.08 8.47
C THR B 32 19.23 27.00 7.45
N LEU B 33 18.24 27.79 7.87
CA LEU B 33 17.76 28.87 7.00
C LEU B 33 18.80 29.97 6.89
N PHE B 34 19.34 30.42 8.03
CA PHE B 34 20.27 31.54 8.00
C PHE B 34 21.63 31.15 7.42
N TYR B 35 22.17 30.00 7.82
CA TYR B 35 23.48 29.56 7.35
C TYR B 35 23.36 28.15 6.77
N THR B 36 24.27 27.84 5.85
CA THR B 36 24.37 26.50 5.30
C THR B 36 24.87 25.53 6.35
N PRO B 37 24.52 24.25 6.23
CA PRO B 37 24.86 23.29 7.31
C PRO B 37 26.35 23.14 7.57
N GLY B 38 27.20 23.30 6.56
CA GLY B 38 28.61 23.07 6.74
C GLY B 38 28.97 21.62 6.98
N LEU B 39 28.34 20.70 6.28
CA LEU B 39 28.61 19.28 6.41
C LEU B 39 29.47 18.79 5.25
N VAL B 40 29.92 17.54 5.35
CA VAL B 40 30.75 16.91 4.33
C VAL B 40 30.18 15.55 3.98
N THR B 41 30.54 15.04 2.81
CA THR B 41 30.15 13.71 2.41
C THR B 41 30.88 12.67 3.25
N LYS B 42 30.27 11.48 3.37
CA LYS B 42 30.86 10.46 4.23
C LYS B 42 31.02 9.09 3.59
N ARG B 43 30.29 8.75 2.53
CA ARG B 43 30.33 7.38 2.00
C ARG B 43 30.95 7.29 0.61
N SER B 44 30.42 8.00 -0.36
CA SER B 44 30.88 7.90 -1.74
C SER B 44 30.20 9.02 -2.53
N SER B 45 30.57 9.13 -3.79
CA SER B 45 30.30 10.34 -4.57
C SER B 45 30.69 11.55 -3.73
N HIS B 46 32.00 11.62 -3.43
CA HIS B 46 32.52 12.57 -2.46
C HIS B 46 32.23 14.01 -2.87
N VAL B 47 31.97 14.25 -4.15
CA VAL B 47 31.48 15.54 -4.64
C VAL B 47 29.99 15.40 -4.88
N ARG B 48 29.24 16.46 -4.59
CA ARG B 48 27.80 16.46 -4.77
C ARG B 48 27.38 17.63 -5.66
N ASP B 49 26.16 17.53 -6.19
CA ASP B 49 25.57 18.63 -6.92
C ASP B 49 25.25 19.77 -5.96
N SER B 50 25.07 20.96 -6.53
CA SER B 50 24.81 22.16 -5.73
C SER B 50 23.34 22.35 -5.39
N VAL B 51 22.45 21.62 -6.02
CA VAL B 51 21.02 21.87 -5.88
C VAL B 51 20.50 21.21 -4.61
N ASP B 52 19.42 21.77 -4.08
CA ASP B 52 18.72 21.18 -2.94
C ASP B 52 17.28 21.66 -2.94
N LEU B 53 16.50 21.11 -2.01
CA LEU B 53 15.09 21.43 -1.93
C LEU B 53 14.87 22.91 -1.67
N LYS B 54 15.79 23.55 -0.94
CA LYS B 54 15.65 24.97 -0.65
C LYS B 54 15.60 25.78 -1.94
N ARG B 55 16.55 25.55 -2.85
CA ARG B 55 16.53 26.25 -4.12
C ARG B 55 15.36 25.81 -4.98
N ILE B 56 15.07 24.50 -4.98
CA ILE B 56 13.97 24.00 -5.81
C ILE B 56 12.67 24.74 -5.48
N MET B 57 12.40 24.95 -4.20
CA MET B 57 11.16 25.61 -3.82
C MET B 57 11.27 27.13 -3.85
N ILE B 58 12.46 27.70 -3.65
CA ILE B 58 12.57 29.16 -3.70
C ILE B 58 12.36 29.65 -5.13
N MET B 59 12.83 28.90 -6.14
CA MET B 59 12.58 29.30 -7.51
C MET B 59 11.09 29.25 -7.86
N VAL B 60 10.39 28.22 -7.39
CA VAL B 60 8.96 28.12 -7.67
C VAL B 60 8.20 29.23 -6.95
N TRP B 61 8.61 29.57 -5.73
CA TRP B 61 7.98 30.67 -5.02
C TRP B 61 8.22 32.00 -5.73
N LEU B 62 9.43 32.21 -6.26
CA LEU B 62 9.73 33.43 -7.00
C LEU B 62 9.08 33.47 -8.37
N ALA B 63 8.65 32.32 -8.90
CA ALA B 63 8.08 32.28 -10.24
C ALA B 63 6.66 32.83 -10.31
N VAL B 64 5.95 32.93 -9.19
CA VAL B 64 4.56 33.37 -9.19
C VAL B 64 4.42 34.82 -8.72
N PHE B 65 5.52 35.55 -8.61
CA PHE B 65 5.44 36.95 -8.19
C PHE B 65 4.73 37.84 -9.20
N PRO B 66 5.04 37.79 -10.51
CA PRO B 66 4.26 38.63 -11.43
C PRO B 66 2.78 38.34 -11.42
N ALA B 67 2.40 37.06 -11.34
CA ALA B 67 0.99 36.69 -11.28
C ALA B 67 0.35 37.21 -9.99
N MET B 68 1.07 37.10 -8.87
CA MET B 68 0.52 37.55 -7.59
C MET B 68 0.32 39.06 -7.58
N PHE B 69 1.29 39.82 -8.09
CA PHE B 69 1.17 41.27 -8.09
C PHE B 69 0.09 41.74 -9.06
N TRP B 70 0.02 41.13 -10.24
CA TRP B 70 -1.05 41.47 -11.17
C TRP B 70 -2.41 41.10 -10.59
N GLY B 71 -2.51 39.99 -9.85
CA GLY B 71 -3.76 39.63 -9.23
C GLY B 71 -4.20 40.64 -8.19
N MET B 72 -3.25 41.12 -7.39
CA MET B 72 -3.56 42.17 -6.41
C MET B 72 -4.09 43.41 -7.12
N TYR B 73 -3.38 43.87 -8.15
CA TYR B 73 -3.80 45.06 -8.89
C TYR B 73 -5.17 44.87 -9.53
N ASN B 74 -5.40 43.70 -10.13
CA ASN B 74 -6.66 43.44 -10.81
C ASN B 74 -7.82 43.38 -9.83
N ALA B 75 -7.63 42.72 -8.69
CA ALA B 75 -8.68 42.67 -7.68
C ALA B 75 -9.06 44.08 -7.23
N GLY B 76 -8.05 44.91 -6.93
CA GLY B 76 -8.35 46.27 -6.53
C GLY B 76 -9.10 47.06 -7.60
N GLY B 77 -8.64 46.96 -8.85
CA GLY B 77 -9.26 47.72 -9.91
C GLY B 77 -10.69 47.28 -10.20
N GLN B 78 -10.93 45.97 -10.21
CA GLN B 78 -12.27 45.45 -10.42
C GLN B 78 -13.21 45.89 -9.31
N ALA B 79 -12.76 45.80 -8.05
CA ALA B 79 -13.60 46.24 -6.94
C ALA B 79 -13.93 47.72 -7.07
N ILE B 80 -12.94 48.54 -7.39
CA ILE B 80 -13.18 49.98 -7.49
C ILE B 80 -14.17 50.29 -8.60
N ALA B 81 -14.00 49.65 -9.76
CA ALA B 81 -14.89 49.89 -10.89
C ALA B 81 -16.32 49.50 -10.56
N ALA B 82 -16.50 48.32 -9.95
CA ALA B 82 -17.85 47.87 -9.61
C ALA B 82 -18.49 48.78 -8.57
N LEU B 83 -17.72 49.22 -7.57
CA LEU B 83 -18.28 50.08 -6.53
C LEU B 83 -18.70 51.42 -7.10
N ASN B 84 -17.90 52.00 -7.99
CA ASN B 84 -18.28 53.27 -8.58
C ASN B 84 -19.41 53.11 -9.58
N HIS B 85 -19.55 51.93 -10.20
CA HIS B 85 -20.72 51.66 -11.01
C HIS B 85 -21.98 51.69 -10.16
N LEU B 86 -21.98 50.95 -9.04
CA LEU B 86 -23.19 50.82 -8.25
C LEU B 86 -23.53 52.11 -7.51
N TYR B 87 -22.55 52.73 -6.85
CA TYR B 87 -22.81 53.80 -5.90
C TYR B 87 -22.19 55.10 -6.37
N SER B 88 -22.64 56.20 -5.75
CA SER B 88 -22.13 57.52 -6.11
C SER B 88 -22.37 58.49 -4.96
N GLY B 89 -21.40 59.36 -4.73
CA GLY B 89 -21.57 60.45 -3.79
C GLY B 89 -21.70 59.98 -2.35
N ASP B 90 -22.80 60.40 -1.71
CA ASP B 90 -22.98 60.13 -0.28
C ASP B 90 -23.14 58.64 -0.02
N GLN B 91 -23.80 57.92 -0.93
CA GLN B 91 -23.92 56.48 -0.76
C GLN B 91 -22.57 55.80 -0.89
N LEU B 92 -21.71 56.29 -1.79
CA LEU B 92 -20.35 55.78 -1.88
C LEU B 92 -19.58 56.03 -0.58
N ALA B 93 -19.74 57.23 -0.01
CA ALA B 93 -19.08 57.53 1.27
C ALA B 93 -19.55 56.59 2.37
N ALA B 94 -20.87 56.35 2.43
CA ALA B 94 -21.40 55.46 3.46
C ALA B 94 -20.92 54.03 3.26
N ILE B 95 -20.82 53.58 2.01
CA ILE B 95 -20.32 52.24 1.72
C ILE B 95 -18.86 52.12 2.13
N VAL B 96 -18.06 53.13 1.80
CA VAL B 96 -16.63 53.10 2.14
C VAL B 96 -16.44 53.10 3.65
N ALA B 97 -17.19 53.95 4.36
CA ALA B 97 -17.05 54.03 5.81
C ALA B 97 -17.41 52.72 6.51
N GLY B 98 -18.23 51.88 5.88
CA GLY B 98 -18.67 50.64 6.48
C GLY B 98 -17.82 49.42 6.18
N ASN B 99 -16.74 49.57 5.44
CA ASN B 99 -15.87 48.44 5.10
C ASN B 99 -14.42 48.81 5.41
N TRP B 100 -13.76 47.96 6.20
CA TRP B 100 -12.42 48.29 6.66
C TRP B 100 -11.41 48.24 5.52
N HIS B 101 -11.62 47.37 4.53
CA HIS B 101 -10.75 47.38 3.36
C HIS B 101 -10.77 48.75 2.70
N TYR B 102 -11.97 49.30 2.49
CA TYR B 102 -12.10 50.56 1.77
C TYR B 102 -11.57 51.72 2.59
N TRP B 103 -11.94 51.81 3.87
CA TRP B 103 -11.45 52.96 4.61
C TRP B 103 -9.97 52.84 4.98
N LEU B 104 -9.41 51.63 5.04
CA LEU B 104 -7.97 51.54 5.23
C LEU B 104 -7.21 51.88 3.95
N THR B 105 -7.76 51.51 2.79
CA THR B 105 -7.18 51.96 1.54
C THR B 105 -7.19 53.48 1.44
N GLU B 106 -8.28 54.11 1.87
CA GLU B 106 -8.33 55.56 1.83
C GLU B 106 -7.50 56.21 2.94
N MET B 107 -7.23 55.48 4.02
CA MET B 107 -6.43 56.04 5.10
C MET B 107 -4.94 55.94 4.83
N LEU B 108 -4.49 54.88 4.14
CA LEU B 108 -3.08 54.72 3.83
C LEU B 108 -2.61 55.62 2.70
N GLY B 109 -3.42 56.61 2.29
CA GLY B 109 -3.04 57.56 1.28
C GLY B 109 -3.69 57.34 -0.07
N GLY B 110 -4.28 56.17 -0.30
CA GLY B 110 -4.91 55.87 -1.57
C GLY B 110 -6.26 56.57 -1.72
N THR B 111 -6.93 56.24 -2.81
CA THR B 111 -8.25 56.76 -3.10
C THR B 111 -9.13 55.63 -3.64
N MET B 112 -10.43 55.77 -3.42
CA MET B 112 -11.40 54.80 -3.87
C MET B 112 -12.38 55.35 -4.91
N SER B 113 -12.11 56.55 -5.43
CA SER B 113 -12.99 57.13 -6.44
C SER B 113 -12.73 56.50 -7.80
N SER B 114 -13.44 56.99 -8.81
CA SER B 114 -13.38 56.39 -10.14
C SER B 114 -12.09 56.68 -10.88
N ASP B 115 -11.29 57.63 -10.40
CA ASP B 115 -10.03 57.99 -11.06
C ASP B 115 -8.82 57.52 -10.27
N ALA B 116 -8.92 56.36 -9.62
CA ALA B 116 -7.83 55.83 -8.84
C ALA B 116 -6.68 55.39 -9.74
N GLY B 117 -5.49 55.28 -9.14
CA GLY B 117 -4.31 54.85 -9.85
C GLY B 117 -3.93 53.41 -9.56
N TRP B 118 -2.85 52.97 -10.20
CA TRP B 118 -2.37 51.61 -10.01
C TRP B 118 -1.91 51.38 -8.58
N GLY B 119 -1.36 52.40 -7.93
CA GLY B 119 -0.97 52.26 -6.54
C GLY B 119 -2.15 52.00 -5.62
N SER B 120 -3.23 52.77 -5.80
CA SER B 120 -4.43 52.58 -5.00
C SER B 120 -5.07 51.22 -5.30
N LYS B 121 -5.08 50.81 -6.56
CA LYS B 121 -5.67 49.52 -6.91
C LYS B 121 -4.88 48.38 -6.31
N MET B 122 -3.55 48.44 -6.37
CA MET B 122 -2.74 47.39 -5.76
C MET B 122 -2.84 47.40 -4.24
N LEU B 123 -2.97 48.58 -3.63
CA LEU B 123 -3.17 48.64 -2.18
C LEU B 123 -4.49 47.97 -1.79
N LEU B 124 -5.56 48.26 -2.51
CA LEU B 124 -6.85 47.62 -2.22
C LEU B 124 -6.79 46.12 -2.42
N GLY B 125 -6.11 45.66 -3.49
CA GLY B 125 -5.97 44.23 -3.68
C GLY B 125 -5.10 43.57 -2.62
N ALA B 126 -4.10 44.30 -2.11
CA ALA B 126 -3.25 43.79 -1.05
C ALA B 126 -4.04 43.60 0.24
N THR B 127 -4.93 44.55 0.54
CA THR B 127 -5.76 44.41 1.74
C THR B 127 -6.62 43.15 1.72
N TYR B 128 -6.87 42.56 0.55
CA TYR B 128 -7.55 41.28 0.44
C TYR B 128 -6.61 40.09 0.39
N PHE B 129 -5.49 40.20 -0.33
CA PHE B 129 -4.59 39.06 -0.48
C PHE B 129 -3.84 38.76 0.81
N LEU B 130 -3.26 39.78 1.45
CA LEU B 130 -2.31 39.54 2.53
C LEU B 130 -2.92 38.84 3.74
N PRO B 131 -4.09 39.22 4.25
CA PRO B 131 -4.66 38.45 5.37
C PRO B 131 -4.87 36.98 5.07
N ILE B 132 -5.31 36.64 3.85
CA ILE B 132 -5.52 35.24 3.49
C ILE B 132 -4.19 34.49 3.52
N TYR B 133 -3.15 35.07 2.92
CA TYR B 133 -1.85 34.42 2.88
C TYR B 133 -1.28 34.23 4.29
N ALA B 134 -1.40 35.25 5.14
CA ALA B 134 -0.89 35.14 6.50
C ALA B 134 -1.63 34.05 7.28
N THR B 135 -2.96 34.02 7.17
CA THR B 135 -3.74 33.01 7.86
C THR B 135 -3.35 31.61 7.38
N VAL B 136 -3.24 31.45 6.06
CA VAL B 136 -2.89 30.15 5.51
C VAL B 136 -1.53 29.69 6.02
N PHE B 137 -0.54 30.58 5.96
CA PHE B 137 0.81 30.19 6.37
C PHE B 137 0.86 29.82 7.84
N ILE B 138 0.25 30.64 8.70
CA ILE B 138 0.33 30.36 10.14
C ILE B 138 -0.39 29.06 10.48
N VAL B 139 -1.60 28.88 9.94
CA VAL B 139 -2.39 27.72 10.31
C VAL B 139 -1.76 26.43 9.79
N GLY B 140 -1.18 26.46 8.58
CA GLY B 140 -0.51 25.27 8.07
C GLY B 140 0.80 24.99 8.79
N ALA B 141 1.54 26.05 9.13
CA ALA B 141 2.80 25.88 9.85
C ALA B 141 2.56 25.26 11.22
N PHE B 142 1.44 25.58 11.86
CA PHE B 142 1.13 24.94 13.14
C PHE B 142 1.09 23.43 13.00
N TRP B 143 0.38 22.92 12.00
CA TRP B 143 0.25 21.47 11.83
C TRP B 143 1.57 20.85 11.41
N GLU B 144 2.30 21.51 10.51
CA GLU B 144 3.61 20.97 10.10
C GLU B 144 4.54 20.83 11.29
N VAL B 145 4.65 21.87 12.10
CA VAL B 145 5.53 21.85 13.26
C VAL B 145 5.04 20.85 14.29
N LEU B 146 3.72 20.72 14.46
CA LEU B 146 3.19 19.75 15.40
C LEU B 146 3.57 18.33 15.01
N PHE B 147 3.39 17.98 13.73
CA PHE B 147 3.76 16.64 13.28
C PHE B 147 5.25 16.41 13.40
N CYS B 148 6.06 17.41 13.08
CA CYS B 148 7.51 17.26 13.20
C CYS B 148 7.94 17.04 14.65
N MET B 149 7.36 17.81 15.57
CA MET B 149 7.71 17.67 16.98
C MET B 149 7.25 16.33 17.53
N VAL B 150 6.04 15.89 17.18
CA VAL B 150 5.52 14.63 17.73
C VAL B 150 6.29 13.45 17.16
N ARG B 151 6.55 13.45 15.86
CA ARG B 151 7.16 12.30 15.20
C ARG B 151 8.68 12.43 15.06
N LYS B 152 9.26 13.51 15.58
CA LYS B 152 10.72 13.69 15.63
C LYS B 152 11.35 13.71 14.25
N HIS B 153 10.66 14.30 13.29
CA HIS B 153 11.25 14.63 12.00
C HIS B 153 11.88 16.02 12.08
N GLU B 154 12.27 16.57 10.94
CA GLU B 154 12.72 17.95 10.83
C GLU B 154 11.87 18.66 9.79
N VAL B 155 11.49 19.90 10.08
CA VAL B 155 10.60 20.61 9.16
C VAL B 155 11.31 20.84 7.84
N ASN B 156 10.57 20.71 6.75
CA ASN B 156 11.11 20.76 5.41
C ASN B 156 10.22 21.61 4.52
N GLU B 157 10.83 22.16 3.47
CA GLU B 157 10.15 23.00 2.50
C GLU B 157 9.10 22.20 1.74
N GLY B 158 8.24 22.93 1.03
CA GLY B 158 7.12 22.33 0.33
C GLY B 158 5.83 22.99 0.77
N PHE B 159 5.71 23.24 2.08
CA PHE B 159 4.64 24.10 2.56
C PHE B 159 4.88 25.55 2.13
N PHE B 160 6.14 25.93 1.95
CA PHE B 160 6.47 27.24 1.41
C PHE B 160 5.78 27.49 0.07
N VAL B 161 5.63 26.45 -0.74
CA VAL B 161 4.96 26.58 -2.03
C VAL B 161 3.47 26.30 -1.90
N THR B 162 3.09 25.33 -1.07
CA THR B 162 1.69 24.99 -0.88
C THR B 162 0.89 26.19 -0.39
N SER B 163 1.44 26.95 0.57
CA SER B 163 0.72 28.07 1.14
C SER B 163 0.39 29.12 0.09
N ILE B 164 1.38 29.53 -0.70
CA ILE B 164 1.13 30.59 -1.68
C ILE B 164 0.26 30.08 -2.81
N LEU B 165 0.44 28.82 -3.23
CA LEU B 165 -0.40 28.28 -4.29
C LEU B 165 -1.85 28.18 -3.86
N PHE B 166 -2.08 27.86 -2.58
CA PHE B 166 -3.45 27.80 -2.07
C PHE B 166 -4.04 29.19 -1.94
N ALA B 167 -3.24 30.16 -1.48
CA ALA B 167 -3.75 31.51 -1.29
C ALA B 167 -3.97 32.24 -2.60
N LEU B 168 -3.39 31.77 -3.71
CA LEU B 168 -3.54 32.44 -4.99
C LEU B 168 -4.68 31.90 -5.84
N ILE B 169 -5.44 30.93 -5.35
CA ILE B 169 -6.46 30.27 -6.16
C ILE B 169 -7.83 30.36 -5.51
N VAL B 170 -8.01 31.32 -4.60
CA VAL B 170 -9.30 31.49 -3.93
C VAL B 170 -9.86 32.85 -4.33
N PRO B 171 -11.18 33.01 -4.24
CA PRO B 171 -11.77 34.32 -4.51
C PRO B 171 -11.25 35.35 -3.52
N PRO B 172 -11.18 36.61 -3.93
CA PRO B 172 -10.64 37.65 -3.02
C PRO B 172 -11.47 37.84 -1.76
N THR B 173 -12.71 37.36 -1.72
CA THR B 173 -13.61 37.59 -0.60
C THR B 173 -13.76 36.38 0.31
N LEU B 174 -12.79 35.47 0.33
CA LEU B 174 -12.94 34.25 1.10
C LEU B 174 -12.80 34.54 2.59
N PRO B 175 -13.67 33.98 3.44
CA PRO B 175 -13.50 34.14 4.89
C PRO B 175 -12.23 33.48 5.41
N LEU B 176 -11.65 34.10 6.43
CA LEU B 176 -10.39 33.61 6.99
C LEU B 176 -10.56 32.30 7.73
N TRP B 177 -11.71 32.08 8.40
CA TRP B 177 -11.92 30.80 9.05
C TRP B 177 -12.06 29.68 8.01
N GLN B 178 -12.67 29.98 6.87
CA GLN B 178 -12.73 29.00 5.79
C GLN B 178 -11.35 28.73 5.21
N ALA B 179 -10.52 29.77 5.07
CA ALA B 179 -9.15 29.55 4.62
C ALA B 179 -8.37 28.67 5.59
N ALA B 180 -8.55 28.90 6.89
CA ALA B 180 -7.88 28.08 7.90
C ALA B 180 -8.34 26.63 7.83
N LEU B 181 -9.65 26.40 7.68
CA LEU B 181 -10.16 25.04 7.55
C LEU B 181 -9.60 24.37 6.30
N GLY B 182 -9.55 25.10 5.19
CA GLY B 182 -9.07 24.50 3.95
C GLY B 182 -7.60 24.13 4.03
N ILE B 183 -6.78 25.02 4.56
CA ILE B 183 -5.35 24.71 4.68
C ILE B 183 -5.13 23.57 5.68
N THR B 184 -5.93 23.53 6.75
CA THR B 184 -5.82 22.42 7.69
C THR B 184 -6.09 21.09 7.01
N PHE B 185 -7.20 21.01 6.26
CA PHE B 185 -7.52 19.77 5.55
C PHE B 185 -6.43 19.40 4.57
N GLY B 186 -5.99 20.36 3.75
CA GLY B 186 -5.01 20.07 2.72
C GLY B 186 -3.69 19.59 3.29
N VAL B 187 -3.21 20.26 4.34
CA VAL B 187 -1.93 19.90 4.93
C VAL B 187 -2.03 18.55 5.64
N VAL B 188 -3.05 18.38 6.49
CA VAL B 188 -3.07 17.22 7.37
C VAL B 188 -3.55 15.97 6.64
N VAL B 189 -4.72 16.04 6.00
CA VAL B 189 -5.32 14.83 5.46
C VAL B 189 -4.59 14.37 4.20
N ALA B 190 -4.31 15.31 3.29
CA ALA B 190 -3.73 14.94 2.01
C ALA B 190 -2.24 14.62 2.10
N LYS B 191 -1.51 15.23 3.02
CA LYS B 191 -0.06 15.13 3.02
C LYS B 191 0.53 14.55 4.29
N GLU B 192 0.11 15.04 5.47
CA GLU B 192 0.88 14.76 6.68
C GLU B 192 0.69 13.32 7.16
N VAL B 193 -0.50 12.75 6.98
CA VAL B 193 -0.73 11.39 7.45
C VAL B 193 0.00 10.37 6.59
N PHE B 194 0.48 10.77 5.42
CA PHE B 194 1.20 9.89 4.52
C PHE B 194 2.70 9.91 4.74
N GLY B 195 3.21 10.81 5.58
CA GLY B 195 4.63 10.93 5.86
C GLY B 195 5.21 12.30 5.62
N GLY B 196 4.51 13.21 4.96
CA GLY B 196 5.04 14.53 4.73
C GLY B 196 5.41 14.79 3.28
N THR B 197 6.33 15.73 3.05
CA THR B 197 6.74 16.07 1.71
C THR B 197 7.44 14.89 1.03
N GLY B 198 7.10 14.66 -0.23
CA GLY B 198 7.71 13.58 -0.98
C GLY B 198 7.12 12.21 -0.71
N ARG B 199 6.05 12.13 0.08
CA ARG B 199 5.48 10.85 0.45
C ARG B 199 3.96 10.78 0.31
N ASN B 200 3.31 11.83 -0.17
CA ASN B 200 1.90 11.80 -0.50
C ASN B 200 1.71 11.48 -1.97
N PHE B 201 0.46 11.20 -2.36
CA PHE B 201 0.12 10.96 -3.76
C PHE B 201 -0.85 11.99 -4.33
N LEU B 202 -1.46 12.82 -3.50
CA LEU B 202 -2.43 13.81 -3.95
C LEU B 202 -1.81 15.21 -3.89
N ASN B 203 -2.51 16.17 -4.51
CA ASN B 203 -2.05 17.55 -4.57
C ASN B 203 -2.56 18.29 -3.34
N PRO B 204 -1.70 18.64 -2.38
CA PRO B 204 -2.20 19.26 -1.14
C PRO B 204 -2.90 20.60 -1.36
N ALA B 205 -2.45 21.40 -2.32
CA ALA B 205 -3.04 22.71 -2.52
C ALA B 205 -4.41 22.62 -3.15
N LEU B 206 -4.62 21.64 -4.03
CA LEU B 206 -5.92 21.44 -4.65
C LEU B 206 -6.80 20.51 -3.84
N ALA B 207 -6.31 19.98 -2.72
CA ALA B 207 -7.14 19.12 -1.89
C ALA B 207 -7.90 19.92 -0.84
N GLY B 208 -7.31 21.00 -0.35
CA GLY B 208 -8.05 21.90 0.53
C GLY B 208 -9.04 22.75 -0.24
N ARG B 209 -8.70 23.11 -1.48
CA ARG B 209 -9.64 23.85 -2.32
C ARG B 209 -10.84 23.00 -2.67
N ALA B 210 -10.65 21.69 -2.86
CA ALA B 210 -11.78 20.80 -3.08
C ALA B 210 -12.62 20.67 -1.82
N PHE B 211 -11.99 20.64 -0.66
CA PHE B 211 -12.72 20.65 0.60
C PHE B 211 -13.62 21.86 0.70
N LEU B 212 -13.07 23.05 0.42
CA LEU B 212 -13.89 24.26 0.44
C LEU B 212 -14.97 24.22 -0.62
N PHE B 213 -14.64 23.73 -1.82
CA PHE B 213 -15.57 23.69 -2.93
C PHE B 213 -16.79 22.85 -2.61
N PHE B 214 -16.59 21.69 -1.97
CA PHE B 214 -17.68 20.78 -1.68
C PHE B 214 -18.32 21.00 -0.32
N ALA B 215 -17.66 21.71 0.60
CA ALA B 215 -18.23 21.94 1.92
C ALA B 215 -18.96 23.27 2.02
N TYR B 216 -18.37 24.34 1.50
CA TYR B 216 -18.95 25.68 1.55
C TYR B 216 -19.00 26.24 0.14
N PRO B 217 -19.98 25.81 -0.65
CA PRO B 217 -19.98 26.16 -2.08
C PRO B 217 -20.36 27.61 -2.36
N ALA B 218 -21.21 28.21 -1.53
CA ALA B 218 -21.71 29.55 -1.81
C ALA B 218 -20.65 30.62 -1.71
N GLN B 219 -19.51 30.32 -1.08
CA GLN B 219 -18.44 31.29 -0.90
C GLN B 219 -17.29 31.11 -1.88
N ILE B 220 -17.37 30.11 -2.76
CA ILE B 220 -16.29 29.84 -3.69
C ILE B 220 -16.87 29.67 -5.09
N SER B 221 -18.17 29.90 -5.23
CA SER B 221 -18.83 29.76 -6.51
C SER B 221 -19.93 30.81 -6.63
N GLY B 222 -20.46 30.95 -7.85
CA GLY B 222 -21.58 31.83 -8.08
C GLY B 222 -21.23 33.19 -8.66
N ASP B 223 -22.01 34.21 -8.31
CA ASP B 223 -21.85 35.55 -8.84
C ASP B 223 -21.36 36.57 -7.83
N LEU B 224 -21.48 36.29 -6.54
CA LEU B 224 -21.27 37.29 -5.50
C LEU B 224 -19.88 37.24 -4.89
N VAL B 225 -18.97 36.42 -5.42
CA VAL B 225 -17.71 36.13 -4.75
C VAL B 225 -16.49 36.50 -5.57
N TRP B 226 -16.64 36.90 -6.83
CA TRP B 226 -15.48 37.07 -7.69
C TRP B 226 -15.05 38.53 -7.87
N THR B 227 -15.88 39.48 -7.49
CA THR B 227 -15.49 40.89 -7.44
C THR B 227 -15.79 41.40 -6.04
N ALA B 228 -14.78 41.97 -5.39
CA ALA B 228 -14.89 42.37 -3.98
C ALA B 228 -15.54 43.74 -3.84
N ALA B 229 -16.76 43.83 -4.36
CA ALA B 229 -17.59 45.03 -4.27
C ALA B 229 -18.82 44.70 -3.44
N ASP B 230 -19.24 45.65 -2.60
CA ASP B 230 -20.33 45.40 -1.67
C ASP B 230 -21.66 45.53 -2.40
N GLY B 231 -22.39 44.41 -2.50
CA GLY B 231 -23.68 44.42 -3.16
C GLY B 231 -23.62 44.32 -4.67
N TYR B 232 -22.51 43.86 -5.23
CA TYR B 232 -22.34 43.73 -6.67
C TYR B 232 -22.51 42.27 -7.07
N SER B 233 -23.32 42.02 -8.08
CA SER B 233 -23.54 40.69 -8.63
C SER B 233 -23.14 40.69 -10.09
N GLY B 234 -22.29 39.75 -10.48
CA GLY B 234 -21.83 39.67 -11.86
C GLY B 234 -21.24 38.33 -12.22
N ALA B 235 -21.57 37.85 -13.42
CA ALA B 235 -21.05 36.57 -13.89
C ALA B 235 -19.67 36.76 -14.50
N THR B 236 -18.97 35.64 -14.67
CA THR B 236 -17.62 35.64 -15.23
C THR B 236 -17.65 34.97 -16.60
N ALA B 237 -16.50 35.01 -17.28
CA ALA B 237 -16.47 34.71 -18.71
C ALA B 237 -16.85 33.27 -19.01
N LEU B 238 -16.43 32.32 -18.16
CA LEU B 238 -16.81 30.92 -18.38
C LEU B 238 -18.28 30.70 -18.08
N SER B 239 -18.86 31.50 -17.18
CA SER B 239 -20.27 31.38 -16.87
C SER B 239 -21.14 32.15 -17.86
N GLN B 240 -20.54 33.02 -18.67
CA GLN B 240 -21.29 33.76 -19.67
C GLN B 240 -21.27 33.05 -21.02
N TRP B 241 -20.16 32.39 -21.34
CA TRP B 241 -20.09 31.61 -22.57
C TRP B 241 -21.09 30.46 -22.54
N ALA B 242 -21.20 29.76 -21.42
CA ALA B 242 -22.15 28.66 -21.31
C ALA B 242 -23.57 29.11 -21.57
N GLN B 243 -23.90 30.36 -21.23
CA GLN B 243 -25.23 30.88 -21.48
C GLN B 243 -25.42 31.37 -22.91
N GLY B 244 -24.46 32.12 -23.46
CA GLY B 244 -24.72 32.78 -24.72
C GLY B 244 -23.63 32.80 -25.78
N GLY B 245 -22.51 32.16 -25.53
CA GLY B 245 -21.43 32.18 -26.51
C GLY B 245 -20.55 33.42 -26.37
N ALA B 246 -19.87 33.73 -27.48
CA ALA B 246 -18.92 34.85 -27.47
C ALA B 246 -19.62 36.20 -27.43
N GLY B 247 -20.90 36.27 -27.78
CA GLY B 247 -21.63 37.52 -27.69
C GLY B 247 -22.10 37.87 -26.30
N ALA B 248 -21.99 36.94 -25.35
CA ALA B 248 -22.39 37.19 -23.97
C ALA B 248 -21.26 37.67 -23.09
N LEU B 249 -20.03 37.71 -23.59
CA LEU B 249 -18.88 38.16 -22.81
C LEU B 249 -18.86 39.68 -22.78
N ILE B 250 -19.34 40.25 -21.67
CA ILE B 250 -19.38 41.69 -21.49
C ILE B 250 -19.12 42.01 -20.03
N ASN B 251 -18.35 43.06 -19.78
CA ASN B 251 -18.04 43.49 -18.42
C ASN B 251 -19.14 44.44 -17.96
N ASN B 252 -20.00 43.96 -17.05
CA ASN B 252 -21.18 44.73 -16.67
C ASN B 252 -20.81 46.03 -15.98
N ALA B 253 -19.78 46.01 -15.14
CA ALA B 253 -19.41 47.19 -14.35
C ALA B 253 -18.99 48.34 -15.25
N THR B 254 -18.35 48.05 -16.37
CA THR B 254 -17.87 49.08 -17.29
C THR B 254 -18.64 49.10 -18.61
N GLY B 255 -19.48 48.10 -18.88
CA GLY B 255 -20.23 48.09 -20.12
C GLY B 255 -19.43 47.71 -21.34
N GLN B 256 -18.19 47.28 -21.16
CA GLN B 256 -17.30 46.95 -22.26
C GLN B 256 -17.23 45.45 -22.45
N THR B 257 -17.20 45.03 -23.72
CA THR B 257 -17.10 43.61 -24.03
C THR B 257 -15.75 43.06 -23.63
N ILE B 258 -15.73 41.81 -23.20
CA ILE B 258 -14.49 41.13 -22.86
C ILE B 258 -13.90 40.54 -24.13
N THR B 259 -12.68 40.94 -24.46
CA THR B 259 -12.01 40.50 -25.67
C THR B 259 -10.91 39.50 -25.33
N TRP B 260 -10.37 38.89 -26.38
CA TRP B 260 -9.31 37.91 -26.19
C TRP B 260 -8.08 38.56 -25.59
N MET B 261 -7.77 39.79 -25.98
CA MET B 261 -6.64 40.50 -25.38
C MET B 261 -6.87 40.77 -23.91
N ASP B 262 -8.11 41.12 -23.53
CA ASP B 262 -8.42 41.30 -22.11
C ASP B 262 -8.21 40.00 -21.34
N ALA B 263 -8.68 38.88 -21.89
CA ALA B 263 -8.52 37.60 -21.21
C ALA B 263 -7.05 37.20 -21.11
N PHE B 264 -6.27 37.49 -22.15
CA PHE B 264 -4.86 37.10 -22.16
C PHE B 264 -4.04 37.96 -21.20
N ILE B 265 -4.27 39.27 -21.22
CA ILE B 265 -3.53 40.16 -20.33
C ILE B 265 -3.93 39.92 -18.88
N GLY B 266 -5.22 39.78 -18.60
CA GLY B 266 -5.67 39.50 -17.25
C GLY B 266 -6.70 40.47 -16.73
N ASN B 267 -7.38 41.18 -17.63
CA ASN B 267 -8.40 42.16 -17.25
C ASN B 267 -9.75 41.51 -17.03
N ILE B 268 -9.82 40.47 -16.19
CA ILE B 268 -11.07 39.75 -15.94
C ILE B 268 -11.15 39.37 -14.48
N PRO B 269 -12.37 39.25 -13.96
CA PRO B 269 -12.55 38.76 -12.60
C PRO B 269 -12.32 37.26 -12.49
N GLY B 270 -12.09 36.83 -11.27
CA GLY B 270 -11.84 35.43 -10.99
C GLY B 270 -11.00 35.30 -9.73
N SER B 271 -10.38 34.12 -9.59
CA SER B 271 -9.45 33.90 -8.50
C SER B 271 -8.28 34.86 -8.61
N ILE B 272 -7.58 35.07 -7.49
CA ILE B 272 -6.64 36.18 -7.40
C ILE B 272 -5.52 36.05 -8.42
N GLY B 273 -4.86 34.88 -8.46
CA GLY B 273 -3.66 34.74 -9.24
C GLY B 273 -3.78 34.07 -10.59
N GLU B 274 -5.00 33.71 -11.02
CA GLU B 274 -5.19 32.92 -12.23
C GLU B 274 -5.39 33.77 -13.48
N VAL B 275 -5.52 35.09 -13.35
CA VAL B 275 -6.14 35.87 -14.42
C VAL B 275 -5.18 36.19 -15.56
N SER B 276 -3.90 36.38 -15.28
CA SER B 276 -2.94 36.86 -16.27
C SER B 276 -2.19 35.68 -16.87
N THR B 277 -2.64 35.25 -18.05
CA THR B 277 -1.92 34.18 -18.75
C THR B 277 -0.54 34.63 -19.16
N LEU B 278 -0.39 35.91 -19.52
CA LEU B 278 0.91 36.45 -19.87
C LEU B 278 1.90 36.32 -18.70
N ALA B 279 1.49 36.78 -17.52
CA ALA B 279 2.37 36.71 -16.36
C ALA B 279 2.63 35.27 -15.96
N LEU B 280 1.62 34.41 -16.05
CA LEU B 280 1.83 32.99 -15.72
C LEU B 280 2.82 32.34 -16.68
N MET B 281 2.76 32.69 -17.96
CA MET B 281 3.68 32.12 -18.93
C MET B 281 5.10 32.64 -18.70
N ILE B 282 5.25 33.93 -18.40
CA ILE B 282 6.57 34.46 -18.07
C ILE B 282 7.15 33.77 -16.86
N GLY B 283 6.32 33.53 -15.83
CA GLY B 283 6.80 32.83 -14.66
C GLY B 283 7.17 31.39 -14.94
N ALA B 284 6.35 30.69 -15.73
CA ALA B 284 6.56 29.26 -15.95
C ALA B 284 7.73 28.98 -16.88
N ALA B 285 8.02 29.90 -17.80
CA ALA B 285 9.15 29.68 -18.71
C ALA B 285 10.45 29.56 -17.94
N PHE B 286 10.63 30.36 -16.89
CA PHE B 286 11.86 30.33 -16.12
C PHE B 286 12.09 28.98 -15.46
N ILE B 287 11.07 28.43 -14.81
CA ILE B 287 11.24 27.16 -14.12
C ILE B 287 11.20 25.97 -15.07
N VAL B 288 10.62 26.13 -16.26
CA VAL B 288 10.78 25.08 -17.27
C VAL B 288 12.21 25.07 -17.80
N TYR B 289 12.78 26.25 -18.03
CA TYR B 289 14.16 26.34 -18.47
C TYR B 289 15.12 25.78 -17.42
N MET B 290 14.90 26.12 -16.15
CA MET B 290 15.79 25.67 -15.09
C MET B 290 15.75 24.17 -14.89
N GLY B 291 14.71 23.50 -15.38
CA GLY B 291 14.58 22.06 -15.20
C GLY B 291 13.79 21.62 -13.99
N ILE B 292 12.91 22.47 -13.47
CA ILE B 292 12.13 22.12 -12.30
C ILE B 292 10.73 21.62 -12.69
N ALA B 293 10.12 22.25 -13.68
CA ALA B 293 8.82 21.83 -14.21
C ALA B 293 9.01 20.99 -15.46
N SER B 294 7.98 20.22 -15.80
CA SER B 294 8.06 19.21 -16.85
C SER B 294 7.39 19.71 -18.12
N TRP B 295 8.21 19.98 -19.14
CA TRP B 295 7.69 20.37 -20.44
C TRP B 295 6.89 19.23 -21.07
N ARG B 296 7.20 17.98 -20.71
CA ARG B 296 6.38 16.87 -21.19
C ARG B 296 4.96 16.95 -20.65
N ILE B 297 4.82 17.26 -19.36
CA ILE B 297 3.50 17.40 -18.77
C ILE B 297 2.76 18.58 -19.38
N ILE B 298 3.44 19.72 -19.53
CA ILE B 298 2.78 20.89 -20.10
C ILE B 298 2.34 20.62 -21.54
N GLY B 299 3.21 20.00 -22.34
CA GLY B 299 2.85 19.68 -23.71
C GLY B 299 1.72 18.67 -23.81
N GLY B 300 1.69 17.69 -22.90
CA GLY B 300 0.58 16.76 -22.88
C GLY B 300 -0.74 17.44 -22.57
N VAL B 301 -0.73 18.36 -21.59
CA VAL B 301 -1.95 19.10 -21.26
C VAL B 301 -2.42 19.89 -22.47
N MET B 302 -1.51 20.57 -23.15
CA MET B 302 -1.89 21.33 -24.34
C MET B 302 -2.44 20.42 -25.43
N ILE B 303 -1.81 19.26 -25.64
CA ILE B 303 -2.25 18.34 -26.69
C ILE B 303 -3.67 17.87 -26.42
N GLY B 304 -3.93 17.41 -25.19
CA GLY B 304 -5.27 16.94 -24.86
C GLY B 304 -6.31 18.03 -24.98
N MET B 305 -5.99 19.23 -24.49
CA MET B 305 -6.94 20.34 -24.57
C MET B 305 -7.27 20.65 -26.03
N ILE B 306 -6.26 20.74 -26.89
CA ILE B 306 -6.50 21.10 -28.28
C ILE B 306 -7.32 20.02 -28.97
N LEU B 307 -6.98 18.75 -28.74
CA LEU B 307 -7.70 17.66 -29.40
C LEU B 307 -9.17 17.67 -29.03
N LEU B 308 -9.48 17.72 -27.73
CA LEU B 308 -10.89 17.65 -27.34
C LEU B 308 -11.65 18.91 -27.73
N SER B 309 -11.04 20.08 -27.56
CA SER B 309 -11.72 21.32 -27.90
C SER B 309 -11.93 21.49 -29.39
N THR B 310 -11.14 20.81 -30.23
CA THR B 310 -11.39 20.83 -31.66
C THR B 310 -12.41 19.77 -32.07
N LEU B 311 -12.41 18.62 -31.40
CA LEU B 311 -13.45 17.63 -31.68
C LEU B 311 -14.83 18.18 -31.35
N PHE B 312 -14.96 18.89 -30.24
CA PHE B 312 -16.26 19.48 -29.89
C PHE B 312 -16.69 20.51 -30.92
N ASN B 313 -15.75 21.32 -31.43
CA ASN B 313 -16.10 22.29 -32.46
C ASN B 313 -16.55 21.61 -33.73
N VAL B 314 -15.87 20.52 -34.12
CA VAL B 314 -16.23 19.82 -35.34
C VAL B 314 -17.62 19.20 -35.22
N ILE B 315 -17.89 18.55 -34.09
CA ILE B 315 -19.20 17.94 -33.88
C ILE B 315 -20.30 19.00 -33.86
N GLY B 316 -20.10 20.04 -33.05
CA GLY B 316 -21.06 21.13 -32.97
C GLY B 316 -22.31 20.77 -32.18
N SER B 317 -23.11 21.78 -31.84
CA SER B 317 -24.36 21.57 -31.13
C SER B 317 -25.28 22.74 -31.40
N ASP B 318 -26.58 22.50 -31.24
CA ASP B 318 -27.59 23.53 -31.48
C ASP B 318 -28.05 24.21 -30.20
N THR B 319 -27.87 23.57 -29.05
CA THR B 319 -28.33 24.12 -27.77
C THR B 319 -27.20 24.47 -26.83
N ASN B 320 -26.02 23.89 -26.98
CA ASN B 320 -24.89 24.14 -26.11
C ASN B 320 -23.97 25.14 -26.79
N ALA B 321 -23.82 26.32 -26.17
CA ALA B 321 -22.91 27.33 -26.70
C ALA B 321 -21.47 27.07 -26.28
N MET B 322 -21.24 26.05 -25.46
CA MET B 322 -19.89 25.66 -25.05
C MET B 322 -19.21 24.76 -26.07
N PHE B 323 -19.94 24.26 -27.05
CA PHE B 323 -19.37 23.37 -28.06
C PHE B 323 -18.52 24.11 -29.08
N ASN B 324 -18.66 25.42 -29.19
CA ASN B 324 -17.96 26.18 -30.23
C ASN B 324 -16.87 27.08 -29.66
N MET B 325 -16.44 26.86 -28.42
CA MET B 325 -15.30 27.58 -27.89
C MET B 325 -14.01 26.96 -28.40
N PRO B 326 -13.17 27.70 -29.11
CA PRO B 326 -11.93 27.13 -29.65
C PRO B 326 -10.86 27.00 -28.57
N TRP B 327 -9.72 26.42 -28.98
CA TRP B 327 -8.65 26.15 -28.03
C TRP B 327 -8.03 27.44 -27.50
N HIS B 328 -7.87 28.45 -28.36
CA HIS B 328 -7.25 29.69 -27.92
C HIS B 328 -8.15 30.46 -26.96
N TRP B 329 -9.44 30.13 -26.91
CA TRP B 329 -10.33 30.67 -25.90
C TRP B 329 -10.37 29.82 -24.65
N HIS B 330 -10.30 28.49 -24.81
CA HIS B 330 -10.15 27.61 -23.66
C HIS B 330 -8.89 27.93 -22.87
N LEU B 331 -7.86 28.43 -23.54
CA LEU B 331 -6.57 28.63 -22.88
C LEU B 331 -6.59 29.85 -21.96
N VAL B 332 -7.28 30.92 -22.34
CA VAL B 332 -7.17 32.19 -21.65
C VAL B 332 -8.34 32.45 -20.72
N LEU B 333 -9.08 31.41 -20.32
CA LEU B 333 -10.18 31.57 -19.40
C LEU B 333 -10.04 30.56 -18.26
N GLY B 334 -10.57 30.94 -17.09
CA GLY B 334 -10.52 30.07 -15.95
C GLY B 334 -9.10 29.89 -15.42
N GLY B 335 -8.92 28.82 -14.65
CA GLY B 335 -7.63 28.52 -14.06
C GLY B 335 -6.81 27.53 -14.86
N PHE B 336 -7.06 27.48 -16.17
CA PHE B 336 -6.38 26.49 -17.01
C PHE B 336 -4.87 26.73 -17.04
N ALA B 337 -4.47 27.98 -17.31
CA ALA B 337 -3.04 28.27 -17.41
C ALA B 337 -2.34 28.10 -16.06
N PHE B 338 -2.97 28.61 -15.00
CA PHE B 338 -2.38 28.47 -13.66
C PHE B 338 -2.20 27.00 -13.30
N GLY B 339 -3.24 26.19 -13.50
CA GLY B 339 -3.14 24.78 -13.18
C GLY B 339 -2.10 24.06 -14.01
N MET B 340 -2.14 24.29 -15.34
CA MET B 340 -1.24 23.56 -16.23
C MET B 340 0.21 23.95 -15.99
N PHE B 341 0.47 25.18 -15.55
CA PHE B 341 1.84 25.60 -15.36
C PHE B 341 2.38 25.32 -13.96
N PHE B 342 1.55 25.39 -12.91
CA PHE B 342 2.06 25.31 -11.56
C PHE B 342 1.48 24.19 -10.71
N MET B 343 0.38 23.56 -11.10
CA MET B 343 -0.18 22.46 -10.35
C MET B 343 -0.06 21.11 -11.03
N ALA B 344 -0.19 21.05 -12.35
CA ALA B 344 0.05 19.80 -13.05
C ALA B 344 1.50 19.35 -12.96
N THR B 345 2.43 20.27 -12.68
CA THR B 345 3.85 19.99 -12.69
C THR B 345 4.42 19.66 -11.31
N ASP B 346 3.56 19.32 -10.36
CA ASP B 346 4.03 18.86 -9.06
C ASP B 346 4.77 17.54 -9.24
N PRO B 347 6.06 17.47 -8.89
CA PRO B 347 6.81 16.24 -9.18
C PRO B 347 6.31 15.02 -8.42
N VAL B 348 5.77 15.20 -7.21
CA VAL B 348 5.45 14.05 -6.36
C VAL B 348 4.14 13.42 -6.78
N SER B 349 3.20 14.23 -7.28
CA SER B 349 1.88 13.73 -7.66
C SER B 349 1.78 13.33 -9.12
N ALA B 350 2.81 13.58 -9.92
CA ALA B 350 2.78 13.28 -11.35
C ALA B 350 3.31 11.87 -11.58
N SER B 351 3.53 11.52 -12.84
CA SER B 351 4.13 10.23 -13.17
C SER B 351 5.65 10.32 -13.10
N PHE B 352 6.26 9.19 -12.77
CA PHE B 352 7.71 9.12 -12.62
C PHE B 352 8.42 8.66 -13.89
N THR B 353 7.69 8.49 -14.98
CA THR B 353 8.25 8.00 -16.23
C THR B 353 8.00 9.00 -17.35
N ASN B 354 8.97 9.10 -18.27
CA ASN B 354 8.83 10.02 -19.40
C ASN B 354 7.65 9.63 -20.29
N SER B 355 7.44 8.32 -20.47
CA SER B 355 6.30 7.87 -21.25
C SER B 355 4.98 8.12 -20.53
N GLY B 356 4.97 8.02 -19.20
CA GLY B 356 3.75 8.24 -18.44
C GLY B 356 3.38 9.69 -18.26
N LYS B 357 4.35 10.61 -18.36
CA LYS B 357 4.04 12.02 -18.19
C LYS B 357 3.19 12.55 -19.34
N TRP B 358 3.45 12.08 -20.56
CA TRP B 358 2.63 12.48 -21.70
C TRP B 358 1.17 12.06 -21.50
N ALA B 359 0.95 10.81 -21.08
CA ALA B 359 -0.42 10.34 -20.84
C ALA B 359 -1.07 11.09 -19.69
N TYR B 360 -0.30 11.37 -18.64
CA TYR B 360 -0.80 12.16 -17.52
C TYR B 360 -1.31 13.52 -17.98
N GLY B 361 -0.49 14.23 -18.76
CA GLY B 361 -0.90 15.54 -19.24
C GLY B 361 -2.09 15.48 -20.19
N ILE B 362 -2.11 14.49 -21.08
CA ILE B 362 -3.22 14.35 -22.01
C ILE B 362 -4.52 14.09 -21.25
N LEU B 363 -4.46 13.26 -20.21
CA LEU B 363 -5.64 13.00 -19.39
C LEU B 363 -6.11 14.26 -18.69
N ILE B 364 -5.17 15.05 -18.15
CA ILE B 364 -5.56 16.29 -17.46
C ILE B 364 -6.27 17.24 -18.42
N GLY B 365 -5.70 17.44 -19.61
CA GLY B 365 -6.31 18.34 -20.57
C GLY B 365 -7.67 17.87 -21.03
N VAL B 366 -7.78 16.58 -21.36
CA VAL B 366 -9.05 16.03 -21.82
C VAL B 366 -10.11 16.18 -20.74
N MET B 367 -9.77 15.86 -19.49
CA MET B 367 -10.75 15.92 -18.42
C MET B 367 -11.17 17.37 -18.14
N CYS B 368 -10.22 18.31 -18.20
CA CYS B 368 -10.57 19.71 -18.00
C CYS B 368 -11.56 20.19 -19.05
N VAL B 369 -11.28 19.90 -20.33
CA VAL B 369 -12.18 20.36 -21.39
C VAL B 369 -13.54 19.67 -21.26
N LEU B 370 -13.54 18.38 -20.91
CA LEU B 370 -14.78 17.64 -20.78
C LEU B 370 -15.67 18.21 -19.68
N ILE B 371 -15.07 18.50 -18.51
CA ILE B 371 -15.84 19.08 -17.42
C ILE B 371 -16.33 20.47 -17.79
N ARG B 372 -15.51 21.23 -18.51
CA ARG B 372 -15.94 22.55 -18.95
C ARG B 372 -17.17 22.47 -19.84
N VAL B 373 -17.17 21.54 -20.80
CA VAL B 373 -18.22 21.52 -21.81
C VAL B 373 -19.46 20.76 -21.36
N VAL B 374 -19.31 19.46 -21.06
CA VAL B 374 -20.48 18.60 -20.93
C VAL B 374 -21.01 18.49 -19.50
N ASN B 375 -20.32 19.07 -18.52
CA ASN B 375 -20.82 19.06 -17.16
C ASN B 375 -21.49 20.39 -16.88
N PRO B 376 -22.81 20.44 -16.66
CA PRO B 376 -23.47 21.74 -16.47
C PRO B 376 -23.39 22.27 -15.05
N ALA B 377 -22.98 21.46 -14.07
CA ALA B 377 -22.89 21.93 -12.71
C ALA B 377 -21.71 22.86 -12.51
N TYR B 378 -20.55 22.50 -13.06
CA TYR B 378 -19.32 23.26 -12.86
C TYR B 378 -18.92 23.97 -14.13
N PRO B 379 -18.65 25.27 -14.09
CA PRO B 379 -18.19 25.97 -15.31
C PRO B 379 -16.72 25.74 -15.62
N GLU B 380 -15.93 25.29 -14.65
CA GLU B 380 -14.51 25.04 -14.82
C GLU B 380 -14.20 23.67 -14.22
N GLY B 381 -13.13 23.05 -14.70
CA GLY B 381 -12.83 21.71 -14.24
C GLY B 381 -11.36 21.37 -14.01
N MET B 382 -10.51 22.38 -13.83
CA MET B 382 -9.07 22.11 -13.75
C MET B 382 -8.71 21.40 -12.44
N MET B 383 -9.24 21.88 -11.31
CA MET B 383 -8.91 21.26 -10.03
C MET B 383 -9.39 19.81 -9.99
N LEU B 384 -10.62 19.56 -10.44
CA LEU B 384 -11.14 18.21 -10.45
C LEU B 384 -10.39 17.32 -11.44
N ALA B 385 -10.00 17.87 -12.59
CA ALA B 385 -9.22 17.10 -13.57
C ALA B 385 -7.87 16.68 -13.01
N ILE B 386 -7.18 17.60 -12.32
CA ILE B 386 -5.88 17.27 -11.76
C ILE B 386 -6.04 16.25 -10.63
N LEU B 387 -7.05 16.44 -9.77
CA LEU B 387 -7.29 15.47 -8.71
C LEU B 387 -7.70 14.11 -9.26
N PHE B 388 -8.29 14.08 -10.44
CA PHE B 388 -8.66 12.82 -11.08
C PHE B 388 -7.44 12.12 -11.68
N ALA B 389 -6.53 12.87 -12.28
CA ALA B 389 -5.34 12.26 -12.85
C ALA B 389 -4.34 11.84 -11.78
N ASN B 390 -4.43 12.44 -10.60
CA ASN B 390 -3.58 12.04 -9.48
C ASN B 390 -3.82 10.58 -9.09
N LEU B 391 -4.97 10.02 -9.45
CA LEU B 391 -5.29 8.65 -9.08
C LEU B 391 -4.80 7.66 -10.12
N PHE B 392 -4.64 8.08 -11.37
CA PHE B 392 -4.28 7.17 -12.45
C PHE B 392 -2.85 7.34 -12.95
N ALA B 393 -2.10 8.31 -12.43
CA ALA B 393 -0.66 8.35 -12.74
C ALA B 393 0.08 7.05 -12.40
N PRO B 394 -0.10 6.44 -11.22
CA PRO B 394 0.61 5.18 -10.95
C PRO B 394 0.25 4.05 -11.90
N LEU B 395 -0.94 4.06 -12.51
CA LEU B 395 -1.28 3.02 -13.48
C LEU B 395 -0.49 3.20 -14.78
N PHE B 396 -0.29 4.44 -15.22
CA PHE B 396 0.58 4.69 -16.36
C PHE B 396 2.00 4.23 -16.05
N ASP B 397 2.47 4.52 -14.84
CA ASP B 397 3.80 4.03 -14.44
C ASP B 397 3.85 2.51 -14.48
N HIS B 398 2.80 1.85 -14.00
CA HIS B 398 2.75 0.39 -14.00
C HIS B 398 2.83 -0.16 -15.42
N VAL B 399 2.08 0.42 -16.35
CA VAL B 399 2.09 -0.08 -17.72
C VAL B 399 3.48 0.07 -18.34
N VAL B 400 4.08 1.25 -18.16
CA VAL B 400 5.41 1.49 -18.73
C VAL B 400 6.43 0.53 -18.13
N VAL B 401 6.37 0.32 -16.82
CA VAL B 401 7.34 -0.55 -16.15
C VAL B 401 7.16 -1.99 -16.59
N GLU B 402 5.92 -2.43 -16.80
CA GLU B 402 5.71 -3.82 -17.23
C GLU B 402 6.22 -4.03 -18.64
N ARG B 403 6.04 -3.05 -19.53
CA ARG B 403 6.66 -3.14 -20.85
C ARG B 403 8.18 -3.22 -20.73
N ASN B 404 8.76 -2.40 -19.86
CA ASN B 404 10.21 -2.44 -19.66
C ASN B 404 10.67 -3.79 -19.14
N ILE B 405 9.90 -4.39 -18.23
CA ILE B 405 10.29 -5.68 -17.65
C ILE B 405 10.19 -6.78 -18.71
N LYS B 406 9.19 -6.72 -19.58
CA LYS B 406 9.14 -7.68 -20.68
C LYS B 406 10.35 -7.53 -21.60
N ARG B 407 10.72 -6.29 -21.89
CA ARG B 407 11.93 -6.06 -22.70
C ARG B 407 13.16 -6.66 -22.02
N ARG B 408 13.27 -6.47 -20.70
CA ARG B 408 14.42 -7.00 -19.96
C ARG B 408 14.45 -8.52 -20.01
N LEU B 409 13.29 -9.15 -19.83
CA LEU B 409 13.22 -10.61 -19.91
C LEU B 409 13.58 -11.13 -21.30
N ALA B 410 13.27 -10.36 -22.34
CA ALA B 410 13.70 -10.72 -23.68
C ALA B 410 15.19 -10.53 -23.92
N ARG B 411 15.95 -10.16 -22.87
CA ARG B 411 17.41 -10.04 -22.91
C ARG B 411 17.88 -8.95 -23.87
N TYR B 412 17.02 -7.97 -24.16
CA TYR B 412 17.38 -6.83 -24.99
C TYR B 412 17.11 -5.53 -24.25
N GLY B 413 17.47 -5.47 -22.97
CA GLY B 413 17.23 -4.29 -22.17
C GLY B 413 17.36 -4.55 -20.68
N ASP C 6 -22.63 -35.25 1.87
CA ASP C 6 -21.77 -34.94 0.73
C ASP C 6 -22.18 -35.77 -0.48
N SER C 7 -23.25 -36.53 -0.34
CA SER C 7 -23.79 -37.32 -1.44
C SER C 7 -24.96 -36.61 -2.10
N ILE C 8 -25.35 -37.11 -3.27
CA ILE C 8 -26.38 -36.45 -4.06
C ILE C 8 -27.73 -36.50 -3.33
N LYS C 9 -28.07 -37.66 -2.78
CA LYS C 9 -29.36 -37.80 -2.09
C LYS C 9 -29.44 -36.86 -0.90
N LYS C 10 -28.38 -36.82 -0.07
CA LYS C 10 -28.37 -35.94 1.09
C LYS C 10 -28.46 -34.48 0.68
N THR C 11 -27.66 -34.08 -0.31
CA THR C 11 -27.68 -32.71 -0.78
C THR C 11 -29.07 -32.31 -1.26
N LEU C 12 -29.67 -33.12 -2.14
CA LEU C 12 -30.98 -32.77 -2.68
C LEU C 12 -32.04 -32.74 -1.59
N PHE C 13 -32.00 -33.69 -0.66
CA PHE C 13 -33.01 -33.72 0.39
C PHE C 13 -32.93 -32.48 1.27
N VAL C 14 -31.72 -32.12 1.73
CA VAL C 14 -31.61 -30.97 2.61
C VAL C 14 -31.98 -29.69 1.86
N VAL C 15 -31.59 -29.59 0.58
CA VAL C 15 -31.92 -28.41 -0.21
C VAL C 15 -33.43 -28.26 -0.33
N ILE C 16 -34.12 -29.35 -0.68
CA ILE C 16 -35.57 -29.28 -0.88
C ILE C 16 -36.27 -28.96 0.43
N ALA C 17 -35.85 -29.60 1.53
CA ALA C 17 -36.49 -29.36 2.81
C ALA C 17 -36.35 -27.90 3.24
N LEU C 18 -35.13 -27.36 3.16
CA LEU C 18 -34.93 -25.97 3.56
C LEU C 18 -35.69 -25.02 2.64
N SER C 19 -35.68 -25.30 1.33
CA SER C 19 -36.38 -24.43 0.39
C SER C 19 -37.87 -24.37 0.72
N LEU C 20 -38.50 -25.54 0.93
CA LEU C 20 -39.92 -25.55 1.28
C LEU C 20 -40.18 -24.81 2.58
N VAL C 21 -39.37 -25.08 3.61
CA VAL C 21 -39.62 -24.51 4.92
C VAL C 21 -39.51 -23.00 4.90
N CYS C 22 -38.51 -22.46 4.20
CA CYS C 22 -38.36 -21.02 4.12
C CYS C 22 -39.43 -20.39 3.24
N SER C 23 -39.72 -21.02 2.08
CA SER C 23 -40.63 -20.43 1.11
C SER C 23 -42.05 -20.34 1.66
N ILE C 24 -42.50 -21.36 2.39
CA ILE C 24 -43.88 -21.32 2.89
C ILE C 24 -44.04 -20.17 3.89
N ILE C 25 -43.05 -19.98 4.77
CA ILE C 25 -43.12 -18.90 5.74
C ILE C 25 -43.10 -17.55 5.04
N VAL C 26 -42.22 -17.39 4.04
CA VAL C 26 -42.13 -16.12 3.33
C VAL C 26 -43.42 -15.82 2.60
N SER C 27 -43.99 -16.83 1.92
CA SER C 27 -45.23 -16.63 1.19
C SER C 27 -46.38 -16.27 2.14
N ALA C 28 -46.46 -16.94 3.28
CA ALA C 28 -47.49 -16.61 4.25
C ALA C 28 -47.36 -15.18 4.72
N ALA C 29 -46.16 -14.80 5.18
CA ALA C 29 -45.96 -13.44 5.69
C ALA C 29 -46.11 -12.39 4.61
N ALA C 30 -46.00 -12.76 3.34
CA ALA C 30 -46.09 -11.79 2.25
C ALA C 30 -47.53 -11.61 1.76
N VAL C 31 -48.18 -12.70 1.36
CA VAL C 31 -49.49 -12.58 0.73
C VAL C 31 -50.62 -12.66 1.75
N GLY C 32 -50.38 -13.30 2.90
CA GLY C 32 -51.44 -13.43 3.89
C GLY C 32 -51.79 -12.13 4.57
N LEU C 33 -50.97 -11.10 4.42
CA LEU C 33 -51.22 -9.78 4.98
C LEU C 33 -51.63 -8.77 3.92
N ARG C 34 -51.86 -9.21 2.68
CA ARG C 34 -51.99 -8.27 1.56
C ARG C 34 -53.17 -7.34 1.74
N ASP C 35 -54.30 -7.85 2.21
CA ASP C 35 -55.45 -6.99 2.47
C ASP C 35 -55.14 -5.95 3.52
N LYS C 36 -54.42 -6.34 4.59
CA LYS C 36 -54.03 -5.40 5.62
C LYS C 36 -53.10 -4.33 5.07
N GLN C 37 -52.17 -4.72 4.19
CA GLN C 37 -51.30 -3.74 3.56
C GLN C 37 -52.10 -2.76 2.70
N LYS C 38 -53.12 -3.26 2.01
CA LYS C 38 -53.98 -2.38 1.22
C LYS C 38 -54.73 -1.39 2.11
N GLU C 39 -55.25 -1.86 3.25
CA GLU C 39 -55.91 -0.94 4.18
C GLU C 39 -54.93 0.10 4.72
N ASN C 40 -53.71 -0.32 5.03
CA ASN C 40 -52.70 0.62 5.50
C ASN C 40 -52.42 1.68 4.44
N ALA C 41 -52.29 1.26 3.18
CA ALA C 41 -52.03 2.21 2.10
C ALA C 41 -53.20 3.18 1.93
N ALA C 42 -54.43 2.67 2.03
CA ALA C 42 -55.59 3.56 1.93
C ALA C 42 -55.60 4.58 3.05
N LEU C 43 -55.29 4.15 4.28
CA LEU C 43 -55.25 5.08 5.40
C LEU C 43 -54.16 6.14 5.22
N ASP C 44 -52.96 5.71 4.81
CA ASP C 44 -51.87 6.68 4.68
C ASP C 44 -52.01 7.55 3.44
N LYS C 45 -52.90 7.20 2.51
CA LYS C 45 -53.26 8.11 1.44
C LYS C 45 -54.30 9.13 1.91
N GLN C 46 -55.37 8.63 2.53
CA GLN C 46 -56.46 9.51 2.95
C GLN C 46 -55.98 10.53 3.96
N SER C 47 -55.32 10.08 5.02
CA SER C 47 -54.86 11.02 6.05
C SER C 47 -53.81 11.98 5.51
N LYS C 48 -52.92 11.49 4.66
CA LYS C 48 -51.86 12.34 4.13
C LYS C 48 -52.44 13.46 3.27
N ILE C 49 -53.43 13.16 2.44
CA ILE C 49 -54.03 14.21 1.61
C ILE C 49 -54.94 15.12 2.46
N LEU C 50 -55.60 14.55 3.46
CA LEU C 50 -56.54 15.34 4.25
C LEU C 50 -55.83 16.33 5.17
N GLN C 51 -54.68 15.93 5.72
CA GLN C 51 -53.97 16.80 6.66
C GLN C 51 -53.62 18.14 6.01
N VAL C 52 -53.28 18.12 4.72
CA VAL C 52 -53.02 19.36 4.02
C VAL C 52 -54.31 19.93 3.44
N ALA C 53 -55.33 19.07 3.26
CA ALA C 53 -56.64 19.58 2.86
C ALA C 53 -57.32 20.41 3.95
N GLY C 54 -56.63 20.69 5.05
CA GLY C 54 -57.19 21.51 6.11
C GLY C 54 -58.01 20.77 7.14
N ILE C 55 -58.01 19.43 7.11
CA ILE C 55 -58.79 18.62 8.03
C ILE C 55 -57.84 17.68 8.76
N GLU C 56 -57.90 17.69 10.09
CA GLU C 56 -56.96 16.96 10.94
C GLU C 56 -57.41 15.51 11.07
N ALA C 57 -57.24 14.75 9.98
CA ALA C 57 -57.55 13.33 9.96
C ALA C 57 -56.32 12.58 10.48
N LYS C 58 -56.20 12.54 11.80
CA LYS C 58 -55.00 12.02 12.47
C LYS C 58 -55.16 10.55 12.85
N GLY C 59 -55.41 9.72 11.84
CA GLY C 59 -55.41 8.29 12.03
C GLY C 59 -56.76 7.69 12.36
N SER C 60 -56.74 6.38 12.62
CA SER C 60 -57.97 5.63 12.84
C SER C 60 -58.68 6.03 14.13
N LYS C 61 -58.01 6.79 15.00
CA LYS C 61 -58.66 7.27 16.21
C LYS C 61 -59.81 8.21 15.90
N GLN C 62 -59.78 8.90 14.75
CA GLN C 62 -60.82 9.83 14.36
C GLN C 62 -61.27 9.69 12.92
N ILE C 63 -60.66 8.81 12.12
CA ILE C 63 -61.01 8.71 10.71
C ILE C 63 -62.49 8.33 10.55
N VAL C 64 -63.02 7.56 11.50
CA VAL C 64 -64.39 7.06 11.40
C VAL C 64 -65.39 8.21 11.41
N GLU C 65 -65.04 9.32 12.04
CA GLU C 65 -65.90 10.50 12.06
C GLU C 65 -65.40 11.61 11.16
N LEU C 66 -64.20 11.51 10.61
CA LEU C 66 -63.72 12.58 9.73
C LEU C 66 -63.79 12.26 8.24
N PHE C 67 -63.78 10.99 7.84
CA PHE C 67 -63.86 10.66 6.42
C PHE C 67 -65.29 10.39 6.00
N ASN C 68 -65.65 10.89 4.82
CA ASN C 68 -66.99 10.90 4.24
C ASN C 68 -67.91 11.90 4.92
N LYS C 69 -67.47 12.53 6.02
CA LYS C 69 -68.15 13.66 6.61
C LYS C 69 -67.43 14.97 6.33
N SER C 70 -66.32 14.92 5.60
CA SER C 70 -65.57 16.12 5.23
C SER C 70 -65.37 16.29 3.73
N ILE C 71 -65.52 15.23 2.94
CA ILE C 71 -65.28 15.28 1.49
C ILE C 71 -66.28 14.37 0.79
N GLU C 72 -66.38 14.52 -0.53
CA GLU C 72 -67.23 13.67 -1.35
C GLU C 72 -66.47 13.34 -2.63
N PRO C 73 -66.62 12.13 -3.15
CA PRO C 73 -65.87 11.73 -4.35
C PRO C 73 -66.29 12.50 -5.59
N ARG C 74 -65.32 12.67 -6.50
CA ARG C 74 -65.55 13.26 -7.81
C ARG C 74 -64.36 13.02 -8.73
N LEU C 75 -64.61 12.63 -9.98
CA LEU C 75 -63.56 12.31 -10.93
C LEU C 75 -63.83 13.01 -12.26
N VAL C 76 -62.75 13.36 -12.97
CA VAL C 76 -62.84 14.11 -14.22
C VAL C 76 -62.04 13.39 -15.30
N ASP C 77 -62.19 13.91 -16.54
CA ASP C 77 -61.44 13.37 -17.67
C ASP C 77 -59.94 13.64 -17.54
N PHE C 78 -59.58 14.79 -16.97
CA PHE C 78 -58.23 15.36 -16.85
C PHE C 78 -57.76 15.97 -18.17
N ASN C 79 -58.58 15.97 -19.21
CA ASN C 79 -58.24 16.64 -20.46
C ASN C 79 -59.35 17.50 -21.04
N THR C 80 -60.61 17.32 -20.61
CA THR C 80 -61.71 18.13 -21.11
C THR C 80 -62.41 18.92 -20.00
N GLY C 81 -62.02 18.73 -18.74
CA GLY C 81 -62.62 19.49 -17.65
C GLY C 81 -64.07 19.19 -17.38
N ASP C 82 -64.46 17.91 -17.48
CA ASP C 82 -65.82 17.49 -17.16
C ASP C 82 -65.77 16.26 -16.28
N PHE C 83 -66.77 16.13 -15.41
CA PHE C 83 -66.94 14.93 -14.61
C PHE C 83 -67.63 13.86 -15.45
N VAL C 84 -67.19 12.62 -15.31
CA VAL C 84 -67.79 11.51 -16.03
C VAL C 84 -68.34 10.49 -15.04
N GLU C 85 -67.83 10.52 -13.81
CA GLU C 85 -68.32 9.67 -12.75
C GLU C 85 -67.70 10.13 -11.43
N GLY C 86 -68.19 9.54 -10.34
CA GLY C 86 -67.87 10.05 -9.01
C GLY C 86 -67.38 9.03 -8.00
N ASP C 87 -66.50 8.11 -8.41
CA ASP C 87 -65.98 7.09 -7.51
C ASP C 87 -64.63 7.45 -6.91
N ALA C 88 -64.25 8.72 -6.96
CA ALA C 88 -62.87 9.10 -6.69
C ALA C 88 -62.62 9.47 -5.22
N ALA C 89 -63.36 8.86 -4.31
CA ALA C 89 -63.03 9.01 -2.90
C ALA C 89 -61.64 8.48 -2.60
N ASN C 90 -61.32 7.28 -3.09
CA ASN C 90 -59.96 6.75 -3.03
C ASN C 90 -59.66 6.21 -4.44
N TYR C 91 -59.06 7.06 -5.28
CA TYR C 91 -58.77 6.73 -6.66
C TYR C 91 -57.36 7.16 -7.02
N ASP C 92 -56.64 6.30 -7.72
CA ASP C 92 -55.29 6.56 -8.20
C ASP C 92 -55.31 6.42 -9.71
N GLN C 93 -54.65 7.35 -10.41
CA GLN C 93 -54.66 7.33 -11.86
C GLN C 93 -53.74 6.26 -12.44
N ARG C 94 -52.65 5.94 -11.74
CA ARG C 94 -51.72 4.93 -12.23
C ARG C 94 -52.37 3.55 -12.30
N LYS C 95 -53.25 3.24 -11.34
CA LYS C 95 -53.93 1.96 -11.36
C LYS C 95 -54.86 1.85 -12.55
N ALA C 96 -55.49 2.96 -12.94
CA ALA C 96 -56.41 2.96 -14.07
C ALA C 96 -55.72 3.21 -15.41
N ALA C 97 -54.43 3.53 -15.39
CA ALA C 97 -53.69 3.75 -16.63
C ALA C 97 -53.03 2.49 -17.17
N LYS C 98 -53.28 1.33 -16.55
CA LYS C 98 -52.59 0.10 -16.97
C LYS C 98 -53.10 -0.39 -18.31
N GLU C 99 -54.23 0.13 -18.79
CA GLU C 99 -54.78 -0.30 -20.07
C GLU C 99 -54.08 0.44 -21.20
N ALA C 100 -52.99 -0.16 -21.71
CA ALA C 100 -52.22 0.34 -22.86
C ALA C 100 -51.82 1.79 -22.60
N SER C 101 -51.86 2.67 -23.60
CA SER C 101 -51.35 4.04 -23.49
C SER C 101 -52.43 5.02 -23.96
N GLU C 102 -53.62 4.90 -23.39
CA GLU C 102 -54.77 5.72 -23.76
C GLU C 102 -54.40 7.19 -23.85
N SER C 103 -54.94 7.86 -24.86
CA SER C 103 -54.76 9.29 -25.15
C SER C 103 -53.33 9.65 -25.54
N ILE C 104 -52.44 8.65 -25.63
CA ILE C 104 -51.02 8.74 -26.01
C ILE C 104 -50.24 9.71 -25.12
N LYS C 105 -48.98 9.37 -24.85
CA LYS C 105 -48.12 10.18 -24.00
C LYS C 105 -46.76 10.46 -24.62
N LEU C 106 -46.59 10.15 -25.91
CA LEU C 106 -45.35 10.45 -26.63
C LEU C 106 -45.37 11.83 -27.26
N THR C 107 -46.23 12.72 -26.75
CA THR C 107 -46.38 14.07 -27.28
C THR C 107 -45.26 14.98 -26.74
N ALA C 108 -45.45 16.28 -26.90
CA ALA C 108 -44.40 17.23 -26.54
C ALA C 108 -44.07 17.20 -25.05
N GLU C 109 -45.08 16.95 -24.21
CA GLU C 109 -44.88 16.92 -22.77
C GLU C 109 -44.31 15.59 -22.26
N GLN C 110 -43.71 14.80 -23.15
CA GLN C 110 -43.17 13.50 -22.78
C GLN C 110 -42.11 13.60 -21.68
N ASP C 111 -41.49 14.77 -21.52
CA ASP C 111 -40.52 14.95 -20.45
C ASP C 111 -41.14 14.66 -19.09
N LYS C 112 -42.31 15.24 -18.82
CA LYS C 112 -43.07 14.90 -17.63
C LYS C 112 -43.79 13.56 -17.79
N ALA C 113 -44.28 13.26 -18.99
CA ALA C 113 -44.95 11.99 -19.28
C ALA C 113 -43.97 10.93 -19.80
N LYS C 114 -42.87 10.71 -19.07
CA LYS C 114 -41.91 9.69 -19.46
C LYS C 114 -42.41 8.29 -19.17
N ILE C 115 -43.38 8.14 -18.27
CA ILE C 115 -43.98 6.82 -18.02
C ILE C 115 -44.69 6.33 -19.28
N GLN C 116 -45.16 7.25 -20.12
CA GLN C 116 -45.87 6.92 -21.36
C GLN C 116 -47.08 6.02 -21.07
N ARG C 117 -47.93 6.49 -20.17
CA ARG C 117 -49.11 5.75 -19.75
C ARG C 117 -50.08 6.72 -19.10
N ARG C 118 -51.34 6.67 -19.53
CA ARG C 118 -52.33 7.63 -19.05
C ARG C 118 -53.75 7.12 -19.28
N ALA C 119 -54.55 7.05 -18.23
CA ALA C 119 -55.96 6.71 -18.37
C ALA C 119 -56.74 7.93 -18.88
N ASN C 120 -57.87 7.66 -19.53
CA ASN C 120 -58.70 8.74 -20.04
C ASN C 120 -59.43 9.50 -18.94
N VAL C 121 -59.21 9.17 -17.67
CA VAL C 121 -59.83 9.86 -16.54
C VAL C 121 -58.77 10.15 -15.49
N GLY C 122 -58.80 11.36 -14.97
CA GLY C 122 -57.85 11.78 -13.95
C GLY C 122 -58.55 12.07 -12.65
N VAL C 123 -57.82 11.85 -11.56
CA VAL C 123 -58.35 12.07 -10.21
C VAL C 123 -58.41 13.56 -9.93
N VAL C 124 -59.45 13.98 -9.23
CA VAL C 124 -59.59 15.35 -8.78
C VAL C 124 -60.13 15.32 -7.36
N TYR C 125 -59.89 16.42 -6.63
CA TYR C 125 -60.29 16.55 -5.23
C TYR C 125 -60.59 18.03 -5.00
N LEU C 126 -61.87 18.39 -5.05
CA LEU C 126 -62.31 19.76 -4.88
C LEU C 126 -62.92 20.03 -3.51
N VAL C 127 -62.76 19.12 -2.55
CA VAL C 127 -63.24 19.27 -1.19
C VAL C 127 -64.72 19.64 -1.20
N LYS C 128 -65.48 19.02 -2.10
CA LYS C 128 -66.90 19.35 -2.28
C LYS C 128 -67.79 18.36 -1.52
N ASP C 129 -67.66 18.38 -0.20
CA ASP C 129 -68.56 17.59 0.64
C ASP C 129 -69.99 18.11 0.55
N GLY C 130 -70.16 19.42 0.72
CA GLY C 130 -71.46 20.04 0.64
C GLY C 130 -71.76 20.58 -0.75
N ASP C 131 -71.04 20.06 -1.75
CA ASP C 131 -71.17 20.43 -3.16
C ASP C 131 -70.70 21.84 -3.46
N LYS C 132 -69.94 22.45 -2.55
CA LYS C 132 -69.37 23.77 -2.78
C LYS C 132 -67.86 23.66 -2.96
N THR C 133 -67.31 24.42 -3.91
CA THR C 133 -65.87 24.41 -4.17
C THR C 133 -65.19 25.39 -3.21
N SER C 134 -64.76 24.85 -2.08
CA SER C 134 -64.05 25.66 -1.10
C SER C 134 -62.55 25.62 -1.34
N LYS C 135 -62.01 24.43 -1.62
CA LYS C 135 -60.59 24.25 -1.87
C LYS C 135 -60.41 23.36 -3.08
N VAL C 136 -59.25 23.44 -3.72
CA VAL C 136 -58.93 22.62 -4.88
C VAL C 136 -57.54 22.04 -4.70
N ILE C 137 -57.37 20.76 -5.06
CA ILE C 137 -56.06 20.12 -5.11
C ILE C 137 -56.04 19.29 -6.40
N LEU C 138 -54.92 19.34 -7.11
CA LEU C 138 -54.75 18.56 -8.32
C LEU C 138 -53.40 17.86 -8.30
N PRO C 139 -53.31 16.65 -8.82
CA PRO C 139 -52.06 15.90 -8.78
C PRO C 139 -51.17 16.17 -9.99
N VAL C 140 -49.87 16.04 -9.75
CA VAL C 140 -48.87 15.90 -10.81
C VAL C 140 -48.32 14.49 -10.68
N HIS C 141 -47.82 13.93 -11.78
CA HIS C 141 -47.32 12.55 -11.78
C HIS C 141 -46.40 12.38 -12.98
N GLY C 142 -45.11 12.18 -12.71
CA GLY C 142 -44.16 12.01 -13.79
C GLY C 142 -42.95 11.21 -13.36
N ASN C 143 -42.11 10.89 -14.34
CA ASN C 143 -40.87 10.18 -14.11
C ASN C 143 -39.79 11.18 -13.68
N GLY C 144 -38.54 10.73 -13.66
CA GLY C 144 -37.47 11.54 -13.11
C GLY C 144 -37.52 11.50 -11.59
N LEU C 145 -37.15 10.33 -11.05
CA LEU C 145 -37.19 10.06 -9.61
C LEU C 145 -38.63 9.95 -9.10
N TRP C 146 -39.54 9.49 -9.96
CA TRP C 146 -40.93 9.26 -9.61
C TRP C 146 -41.57 10.50 -8.96
N SER C 147 -41.58 11.61 -9.71
CA SER C 147 -42.23 12.81 -9.21
C SER C 147 -43.73 12.71 -9.43
N MET C 148 -44.48 12.61 -8.33
CA MET C 148 -45.93 12.52 -8.38
C MET C 148 -46.48 13.15 -7.10
N MET C 149 -47.18 14.27 -7.25
CA MET C 149 -47.32 15.15 -6.10
C MET C 149 -48.66 15.90 -6.23
N TYR C 150 -49.11 16.48 -5.12
CA TYR C 150 -50.25 17.40 -5.13
C TYR C 150 -49.82 18.81 -4.74
N ALA C 151 -50.72 19.77 -4.99
CA ALA C 151 -50.47 21.18 -4.72
C ALA C 151 -51.78 21.90 -4.39
N PHE C 152 -51.70 22.83 -3.44
CA PHE C 152 -52.86 23.54 -2.90
C PHE C 152 -52.74 25.05 -3.10
N VAL C 153 -51.50 25.55 -3.08
CA VAL C 153 -51.13 26.96 -3.24
C VAL C 153 -52.06 27.90 -2.48
N ALA C 154 -52.21 29.13 -2.96
CA ALA C 154 -52.96 30.18 -2.29
C ALA C 154 -54.23 30.53 -3.07
N VAL C 155 -54.93 31.57 -2.59
CA VAL C 155 -56.20 31.96 -3.20
C VAL C 155 -55.96 32.65 -4.54
N GLU C 156 -54.76 33.18 -4.77
CA GLU C 156 -54.52 34.00 -5.96
C GLU C 156 -54.78 33.22 -7.23
N THR C 157 -54.27 31.98 -7.33
CA THR C 157 -54.64 31.13 -8.45
C THR C 157 -55.66 30.06 -8.08
N ASP C 158 -55.33 29.13 -7.18
CA ASP C 158 -56.17 27.95 -7.03
C ASP C 158 -56.82 27.82 -5.65
N GLY C 159 -56.03 27.73 -4.57
CA GLY C 159 -56.56 27.24 -3.31
C GLY C 159 -56.48 28.19 -2.13
N ASN C 160 -55.70 27.80 -1.12
CA ASN C 160 -55.55 28.60 0.09
C ASN C 160 -54.40 28.05 0.93
N THR C 161 -53.81 28.94 1.73
CA THR C 161 -52.78 28.61 2.71
C THR C 161 -51.62 27.80 2.13
N VAL C 162 -51.36 26.63 2.68
CA VAL C 162 -50.15 25.88 2.42
C VAL C 162 -50.49 24.50 1.88
N SER C 163 -49.60 23.96 1.07
CA SER C 163 -49.69 22.61 0.53
C SER C 163 -48.56 21.72 1.02
N GLY C 164 -47.33 22.19 0.96
CA GLY C 164 -46.20 21.36 1.36
C GLY C 164 -45.96 20.19 0.44
N LEU C 165 -46.67 20.14 -0.69
CA LEU C 165 -46.53 19.07 -1.67
C LEU C 165 -46.65 17.70 -1.00
N THR C 166 -47.88 17.39 -0.60
CA THR C 166 -48.20 16.08 -0.05
C THR C 166 -47.64 14.94 -0.91
N TYR C 167 -46.83 14.08 -0.29
CA TYR C 167 -46.29 12.90 -0.95
C TYR C 167 -47.26 11.73 -0.80
N TYR C 168 -47.32 10.88 -1.82
CA TYR C 168 -48.37 9.87 -1.87
C TYR C 168 -48.06 8.71 -0.92
N GLU C 169 -47.00 7.98 -1.19
CA GLU C 169 -46.68 6.81 -0.36
C GLU C 169 -45.30 6.87 0.26
N GLN C 170 -44.27 7.18 -0.51
CA GLN C 170 -42.89 7.04 -0.03
C GLN C 170 -41.97 7.98 -0.78
N GLY C 171 -41.02 8.56 -0.05
CA GLY C 171 -39.90 9.28 -0.64
C GLY C 171 -38.74 8.33 -0.85
N GLU C 172 -37.97 8.58 -1.90
CA GLU C 172 -36.97 7.61 -2.33
C GLU C 172 -35.95 7.32 -1.24
N THR C 173 -35.46 8.36 -0.57
CA THR C 173 -34.44 8.16 0.45
C THR C 173 -34.80 8.91 1.72
N PRO C 174 -34.44 8.36 2.88
CA PRO C 174 -34.57 9.10 4.15
C PRO C 174 -33.49 10.16 4.35
N GLY C 175 -32.63 10.39 3.37
CA GLY C 175 -31.60 11.41 3.50
C GLY C 175 -30.20 10.96 3.10
N LEU C 176 -30.11 9.81 2.44
CA LEU C 176 -28.81 9.27 2.04
C LEU C 176 -28.08 10.24 1.13
N GLY C 177 -28.73 10.70 0.06
CA GLY C 177 -28.08 11.54 -0.91
C GLY C 177 -28.91 12.77 -1.25
N GLY C 178 -28.42 13.59 -2.17
CA GLY C 178 -29.12 14.80 -2.51
C GLY C 178 -30.40 14.54 -3.28
N GLU C 179 -31.53 14.69 -2.59
CA GLU C 179 -32.84 14.60 -3.23
C GLU C 179 -33.84 15.31 -2.35
N VAL C 180 -34.26 16.51 -2.76
CA VAL C 180 -35.26 17.28 -2.04
C VAL C 180 -36.49 17.38 -2.95
N GLU C 181 -37.39 16.40 -2.83
CA GLU C 181 -38.75 16.61 -3.29
C GLU C 181 -39.48 17.53 -2.33
N ASN C 182 -39.21 17.38 -1.03
CA ASN C 182 -39.57 18.29 0.05
C ASN C 182 -38.55 18.11 1.16
N PRO C 183 -38.49 19.00 2.14
CA PRO C 183 -37.76 18.68 3.37
C PRO C 183 -38.54 17.69 4.22
N ALA C 184 -38.76 16.49 3.68
CA ALA C 184 -39.64 15.47 4.27
C ALA C 184 -41.01 16.12 4.43
N TRP C 185 -41.71 15.94 5.55
CA TRP C 185 -42.96 16.63 5.80
C TRP C 185 -42.76 18.03 6.36
N ARG C 186 -41.53 18.37 6.75
CA ARG C 186 -41.19 19.68 7.29
C ARG C 186 -40.87 20.66 6.18
N ALA C 187 -41.76 20.80 5.21
CA ALA C 187 -41.52 21.64 4.04
C ALA C 187 -41.51 23.11 4.43
N GLN C 188 -40.65 23.87 3.76
CA GLN C 188 -40.60 25.32 3.90
C GLN C 188 -41.71 26.02 3.12
N TRP C 189 -42.68 25.27 2.61
CA TRP C 189 -43.72 25.85 1.77
C TRP C 189 -44.70 26.68 2.58
N VAL C 190 -45.15 27.79 1.98
CA VAL C 190 -46.36 28.49 2.38
C VAL C 190 -46.79 29.38 1.22
N GLY C 191 -48.06 29.26 0.82
CA GLY C 191 -48.60 30.03 -0.28
C GLY C 191 -47.76 30.00 -1.54
N LYS C 192 -47.30 28.80 -1.92
CA LYS C 192 -46.39 28.68 -3.05
C LYS C 192 -47.07 29.05 -4.35
N LYS C 193 -46.28 29.47 -5.33
CA LYS C 193 -46.83 29.93 -6.60
C LYS C 193 -45.88 29.57 -7.73
N LEU C 194 -46.21 28.54 -8.49
CA LEU C 194 -45.51 28.22 -9.72
C LEU C 194 -46.43 28.12 -10.93
N PHE C 195 -47.74 28.14 -10.72
CA PHE C 195 -48.72 28.02 -11.80
C PHE C 195 -48.96 29.39 -12.45
N ASP C 196 -49.64 29.37 -13.59
CA ASP C 196 -49.99 30.60 -14.28
C ASP C 196 -51.46 30.56 -14.63
N GLU C 197 -52.09 31.72 -14.65
CA GLU C 197 -53.49 31.85 -15.07
C GLU C 197 -53.65 32.05 -16.57
N ASN C 198 -52.61 31.80 -17.36
CA ASN C 198 -52.66 31.98 -18.80
C ASN C 198 -51.90 30.88 -19.53
N HIS C 199 -51.93 29.66 -18.99
CA HIS C 199 -51.38 28.46 -19.61
C HIS C 199 -49.86 28.55 -19.83
N LYS C 200 -49.14 29.40 -19.09
CA LYS C 200 -47.70 29.57 -19.28
C LYS C 200 -46.96 29.62 -17.95
N PRO C 201 -46.86 28.48 -17.24
CA PRO C 201 -46.04 28.43 -16.02
C PRO C 201 -44.60 28.01 -16.30
N ALA C 202 -43.73 28.12 -15.29
CA ALA C 202 -42.33 27.72 -15.40
C ALA C 202 -41.76 27.59 -14.00
N ILE C 203 -40.65 26.86 -13.90
CA ILE C 203 -40.02 26.58 -12.61
C ILE C 203 -38.57 26.19 -12.84
N LYS C 204 -37.69 26.72 -12.00
CA LYS C 204 -36.26 26.37 -12.02
C LYS C 204 -35.76 26.27 -10.59
N ILE C 205 -34.44 26.23 -10.44
CA ILE C 205 -33.79 26.12 -9.13
C ILE C 205 -33.46 27.51 -8.63
N VAL C 206 -34.21 28.00 -7.64
CA VAL C 206 -33.94 29.30 -7.04
C VAL C 206 -33.80 29.19 -5.52
N LYS C 207 -34.88 28.79 -4.85
CA LYS C 207 -35.00 28.83 -3.40
C LYS C 207 -34.60 30.19 -2.84
N GLY C 208 -33.82 30.20 -1.76
CA GLY C 208 -33.28 31.43 -1.21
C GLY C 208 -34.31 32.43 -0.69
N GLY C 209 -35.00 32.09 0.40
CA GLY C 209 -35.83 33.05 1.10
C GLY C 209 -37.18 33.32 0.47
N ALA C 210 -37.20 33.53 -0.85
CA ALA C 210 -38.46 33.76 -1.56
C ALA C 210 -39.50 32.66 -1.37
N PRO C 211 -39.16 31.35 -1.38
CA PRO C 211 -40.23 30.33 -1.33
C PRO C 211 -41.08 30.38 -0.09
N GLN C 212 -40.61 30.97 1.00
CA GLN C 212 -41.40 31.09 2.22
C GLN C 212 -42.47 32.18 2.03
N GLY C 213 -43.31 31.95 1.04
CA GLY C 213 -44.39 32.88 0.74
C GLY C 213 -44.67 33.11 -0.73
N SER C 214 -43.66 33.05 -1.61
CA SER C 214 -43.86 33.45 -2.99
C SER C 214 -43.74 32.32 -4.00
N GLU C 215 -42.58 31.68 -4.13
CA GLU C 215 -42.39 30.82 -5.31
C GLU C 215 -41.02 30.15 -5.28
N HIS C 216 -40.88 29.15 -6.15
CA HIS C 216 -39.58 28.58 -6.56
C HIS C 216 -38.79 28.06 -5.36
N GLY C 217 -39.34 27.01 -4.74
CA GLY C 217 -38.75 26.44 -3.56
C GLY C 217 -38.19 25.04 -3.72
N VAL C 218 -37.58 24.76 -4.86
CA VAL C 218 -36.92 23.48 -5.09
C VAL C 218 -35.46 23.73 -5.43
N ASP C 219 -34.57 23.16 -4.62
CA ASP C 219 -33.18 22.95 -5.02
C ASP C 219 -32.97 21.49 -5.37
N GLY C 220 -33.16 20.58 -4.41
CA GLY C 220 -33.10 19.16 -4.66
C GLY C 220 -31.76 18.49 -4.45
N LEU C 221 -30.67 19.25 -4.45
CA LEU C 221 -29.34 18.67 -4.25
C LEU C 221 -28.37 19.81 -4.01
N SER C 222 -27.08 19.49 -3.97
CA SER C 222 -26.05 20.51 -4.03
C SER C 222 -24.90 20.04 -4.92
N GLY C 223 -24.75 20.68 -6.08
CA GLY C 223 -23.64 20.39 -6.96
C GLY C 223 -23.91 19.47 -8.13
N ALA C 224 -25.14 19.00 -8.30
CA ALA C 224 -25.42 18.10 -9.43
C ALA C 224 -26.65 18.49 -10.21
N THR C 225 -27.67 19.02 -9.53
CA THR C 225 -28.98 19.28 -10.13
C THR C 225 -29.51 18.00 -10.77
N LEU C 226 -29.05 16.84 -10.26
CA LEU C 226 -29.29 15.59 -10.97
C LEU C 226 -30.53 14.84 -10.49
N THR C 227 -30.55 14.40 -9.23
CA THR C 227 -31.69 13.59 -8.81
C THR C 227 -32.77 14.50 -8.23
N SER C 228 -33.02 15.62 -8.91
CA SER C 228 -34.21 16.42 -8.67
C SER C 228 -34.62 17.10 -9.97
N ASN C 229 -33.96 16.75 -11.06
CA ASN C 229 -34.25 17.35 -12.35
C ASN C 229 -35.69 17.01 -12.76
N GLY C 230 -36.09 15.77 -12.51
CA GLY C 230 -37.48 15.41 -12.77
C GLY C 230 -38.46 16.23 -11.94
N VAL C 231 -38.11 16.48 -10.67
CA VAL C 231 -38.99 17.28 -9.81
C VAL C 231 -39.08 18.71 -10.32
N GLN C 232 -37.94 19.30 -10.71
CA GLN C 232 -37.93 20.67 -11.18
C GLN C 232 -38.52 20.83 -12.58
N ASN C 233 -38.59 19.75 -13.35
CA ASN C 233 -39.15 19.79 -14.69
C ASN C 233 -40.57 19.24 -14.79
N THR C 234 -41.10 18.66 -13.72
CA THR C 234 -42.43 18.07 -13.77
C THR C 234 -43.55 19.09 -13.55
N PHE C 235 -43.27 20.38 -13.73
CA PHE C 235 -44.30 21.40 -13.79
C PHE C 235 -44.26 22.21 -15.07
N ASP C 236 -43.36 21.86 -16.00
CA ASP C 236 -43.37 22.43 -17.34
C ASP C 236 -44.53 21.89 -18.18
N PHE C 237 -45.25 20.88 -17.67
CA PHE C 237 -46.40 20.28 -18.31
C PHE C 237 -47.68 21.06 -18.05
N TRP C 238 -47.61 22.17 -17.33
CA TRP C 238 -48.80 22.89 -16.86
C TRP C 238 -49.28 23.95 -17.84
N LEU C 239 -49.05 23.74 -19.14
CA LEU C 239 -49.58 24.63 -20.17
C LEU C 239 -51.02 24.30 -20.53
N GLY C 240 -51.70 23.48 -19.74
CA GLY C 240 -53.08 23.16 -19.98
C GLY C 240 -53.27 22.03 -20.98
N ASP C 241 -54.52 21.91 -21.43
CA ASP C 241 -54.93 20.91 -22.41
C ASP C 241 -54.78 19.50 -21.84
N MET C 242 -53.55 18.98 -21.86
CA MET C 242 -53.32 17.65 -21.31
C MET C 242 -53.39 17.69 -19.78
N GLY C 243 -52.99 18.80 -19.17
CA GLY C 243 -53.10 18.92 -17.73
C GLY C 243 -54.40 19.58 -17.30
N PHE C 244 -55.40 18.74 -17.00
CA PHE C 244 -56.73 19.20 -16.56
C PHE C 244 -57.31 20.24 -17.52
N GLY C 245 -56.86 20.21 -18.77
CA GLY C 245 -57.39 21.06 -19.82
C GLY C 245 -57.30 22.55 -19.53
N PRO C 246 -58.39 23.27 -19.82
CA PRO C 246 -58.41 24.73 -19.61
C PRO C 246 -58.63 25.12 -18.15
N PHE C 247 -58.36 24.17 -17.23
CA PHE C 247 -58.57 24.42 -15.80
C PHE C 247 -57.80 25.62 -15.31
N LEU C 248 -56.54 25.77 -15.70
CA LEU C 248 -55.71 26.79 -15.09
C LEU C 248 -56.00 28.20 -15.63
N THR C 249 -56.81 28.33 -16.67
CA THR C 249 -57.48 29.60 -16.96
C THR C 249 -58.89 29.64 -16.41
N LYS C 250 -59.40 28.52 -15.91
CA LYS C 250 -60.67 28.44 -15.20
C LYS C 250 -60.53 28.65 -13.69
N VAL C 251 -59.30 28.84 -13.18
CA VAL C 251 -59.12 29.05 -11.75
C VAL C 251 -59.83 30.34 -11.30
N ARG C 252 -60.49 30.27 -10.14
CA ARG C 252 -61.25 31.37 -9.56
C ARG C 252 -62.04 32.15 -10.62
N ASP C 253 -62.52 31.41 -11.62
CA ASP C 253 -63.26 32.02 -12.72
C ASP C 253 -64.77 31.91 -12.49
N GLY C 254 -65.27 30.70 -12.36
CA GLY C 254 -66.69 30.46 -12.22
C GLY C 254 -67.03 29.04 -12.58
N GLY C 255 -68.31 28.70 -12.38
CA GLY C 255 -68.77 27.36 -12.65
C GLY C 255 -68.12 26.33 -11.75
N LEU C 256 -67.20 25.54 -12.31
CA LEU C 256 -66.44 24.60 -11.50
C LEU C 256 -65.62 25.34 -10.43
N ASN C 257 -65.01 26.46 -10.82
CA ASN C 257 -64.24 27.31 -9.92
C ASN C 257 -63.04 26.58 -9.31
N LYS D 5 -19.87 -13.68 34.20
CA LYS D 5 -19.40 -14.91 33.57
C LYS D 5 -18.90 -14.62 32.15
N GLU D 6 -18.87 -15.66 31.31
CA GLU D 6 -18.38 -15.49 29.94
C GLU D 6 -19.39 -14.77 29.04
N LEU D 7 -20.63 -14.63 29.49
CA LEU D 7 -21.65 -13.97 28.67
C LEU D 7 -21.28 -12.51 28.41
N LYS D 8 -21.00 -11.76 29.47
CA LYS D 8 -20.65 -10.35 29.32
C LYS D 8 -19.35 -10.19 28.56
N LYS D 9 -18.38 -11.07 28.84
CA LYS D 9 -17.11 -11.04 28.11
C LYS D 9 -17.34 -11.20 26.61
N SER D 10 -18.16 -12.18 26.23
CA SER D 10 -18.36 -12.47 24.82
C SER D 10 -19.21 -11.40 24.14
N VAL D 11 -20.15 -10.79 24.86
CA VAL D 11 -20.97 -9.76 24.21
C VAL D 11 -20.22 -8.44 24.11
N LEU D 12 -19.26 -8.21 25.00
CA LEU D 12 -18.54 -6.94 25.00
C LEU D 12 -17.22 -6.99 24.25
N ALA D 13 -16.69 -8.18 23.93
CA ALA D 13 -15.44 -8.23 23.18
C ALA D 13 -15.53 -7.59 21.80
N PRO D 14 -16.47 -7.95 20.92
CA PRO D 14 -16.44 -7.40 19.56
C PRO D 14 -16.69 -5.91 19.48
N VAL D 15 -16.97 -5.24 20.60
CA VAL D 15 -17.20 -3.79 20.57
C VAL D 15 -15.88 -3.07 20.30
N LEU D 16 -14.82 -3.47 20.99
CA LEU D 16 -13.57 -2.73 20.94
C LEU D 16 -12.37 -3.62 20.64
N ASP D 17 -12.47 -4.91 20.97
CA ASP D 17 -11.35 -5.81 20.81
C ASP D 17 -11.35 -6.54 19.47
N ASN D 18 -12.52 -6.80 18.90
CA ASN D 18 -12.64 -7.48 17.62
C ASN D 18 -13.69 -6.78 16.76
N ASN D 19 -13.58 -5.46 16.65
CA ASN D 19 -14.63 -4.66 16.03
C ASN D 19 -14.79 -5.04 14.56
N PRO D 20 -16.02 -5.28 14.09
CA PRO D 20 -16.21 -5.74 12.71
C PRO D 20 -15.71 -4.78 11.65
N ILE D 21 -15.73 -3.48 11.91
CA ILE D 21 -15.34 -2.51 10.89
C ILE D 21 -13.92 -2.03 11.15
N ALA D 22 -13.54 -1.94 12.43
CA ALA D 22 -12.26 -1.37 12.81
C ALA D 22 -11.13 -2.38 12.89
N LEU D 23 -11.43 -3.67 13.00
CA LEU D 23 -10.40 -4.71 13.01
C LEU D 23 -10.62 -5.72 11.89
N GLN D 24 -11.87 -6.09 11.66
CA GLN D 24 -12.25 -6.83 10.46
C GLN D 24 -12.64 -5.80 9.39
N VAL D 25 -13.08 -6.26 8.22
CA VAL D 25 -13.64 -5.35 7.24
C VAL D 25 -15.00 -5.87 6.82
N LEU D 26 -16.05 -5.47 7.53
CA LEU D 26 -17.39 -5.97 7.30
C LEU D 26 -18.41 -4.90 7.65
N GLY D 27 -19.31 -4.59 6.73
CA GLY D 27 -20.34 -3.58 6.96
C GLY D 27 -20.01 -2.19 6.48
N VAL D 28 -18.94 -2.04 5.69
CA VAL D 28 -18.44 -0.71 5.35
C VAL D 28 -19.45 0.04 4.49
N CYS D 29 -20.11 -0.65 3.57
CA CYS D 29 -21.03 0.04 2.66
C CYS D 29 -22.19 0.67 3.41
N SER D 30 -22.83 -0.08 4.30
CA SER D 30 -23.93 0.48 5.07
C SER D 30 -23.43 1.52 6.06
N ALA D 31 -22.23 1.33 6.62
CA ALA D 31 -21.64 2.34 7.48
C ALA D 31 -21.46 3.66 6.75
N LEU D 32 -21.10 3.60 5.47
CA LEU D 32 -20.99 4.82 4.69
C LEU D 32 -22.36 5.39 4.35
N ALA D 33 -23.34 4.52 4.12
CA ALA D 33 -24.62 4.98 3.57
C ALA D 33 -25.52 5.61 4.62
N VAL D 34 -25.76 4.91 5.73
CA VAL D 34 -26.88 5.24 6.60
C VAL D 34 -26.48 6.12 7.79
N THR D 35 -25.31 6.77 7.73
CA THR D 35 -24.79 7.51 8.88
C THR D 35 -24.92 9.02 8.73
N THR D 36 -25.85 9.49 7.90
CA THR D 36 -26.19 10.90 7.86
C THR D 36 -27.27 11.27 8.85
N LYS D 37 -27.91 10.29 9.48
CA LYS D 37 -29.00 10.55 10.42
C LYS D 37 -28.92 9.52 11.54
N LEU D 38 -29.02 10.00 12.78
CA LEU D 38 -28.93 9.11 13.93
C LEU D 38 -30.11 8.15 14.00
N GLU D 39 -31.29 8.58 13.57
CA GLU D 39 -32.45 7.69 13.59
C GLU D 39 -32.25 6.52 12.62
N THR D 40 -31.74 6.80 11.41
CA THR D 40 -31.48 5.72 10.46
C THR D 40 -30.34 4.83 10.93
N ALA D 41 -29.31 5.42 11.51
CA ALA D 41 -28.21 4.61 12.05
C ALA D 41 -28.70 3.69 13.15
N PHE D 42 -29.56 4.19 14.05
CA PHE D 42 -30.09 3.37 15.14
C PHE D 42 -30.96 2.24 14.61
N VAL D 43 -31.84 2.55 13.66
CA VAL D 43 -32.71 1.52 13.09
C VAL D 43 -31.88 0.44 12.41
N MET D 44 -30.89 0.86 11.62
CA MET D 44 -30.04 -0.10 10.92
C MET D 44 -29.25 -0.96 11.91
N THR D 45 -28.75 -0.35 12.97
CA THR D 45 -28.02 -1.10 13.99
C THR D 45 -28.90 -2.18 14.60
N LEU D 46 -30.12 -1.81 15.00
CA LEU D 46 -31.01 -2.79 15.61
C LEU D 46 -31.37 -3.90 14.63
N ALA D 47 -31.67 -3.55 13.38
CA ALA D 47 -32.03 -4.55 12.39
C ALA D 47 -30.89 -5.52 12.15
N VAL D 48 -29.68 -5.00 11.98
CA VAL D 48 -28.53 -5.86 11.71
C VAL D 48 -28.25 -6.77 12.89
N MET D 49 -28.32 -6.22 14.12
CA MET D 49 -28.09 -7.04 15.31
C MET D 49 -29.09 -8.19 15.38
N PHE D 50 -30.37 -7.88 15.23
CA PHE D 50 -31.41 -8.91 15.33
C PHE D 50 -31.26 -9.96 14.25
N VAL D 51 -31.05 -9.53 13.01
CA VAL D 51 -30.94 -10.48 11.90
C VAL D 51 -29.72 -11.36 12.06
N THR D 52 -28.58 -10.79 12.45
CA THR D 52 -27.37 -11.58 12.63
C THR D 52 -27.54 -12.60 13.75
N ALA D 53 -28.14 -12.19 14.87
CA ALA D 53 -28.35 -13.13 15.97
C ALA D 53 -29.21 -14.30 15.53
N LEU D 54 -30.37 -14.02 14.91
CA LEU D 54 -31.26 -15.11 14.52
C LEU D 54 -30.64 -15.99 13.43
N SER D 55 -29.92 -15.39 12.49
CA SER D 55 -29.29 -16.17 11.44
C SER D 55 -28.22 -17.09 12.00
N ASN D 56 -27.41 -16.58 12.94
CA ASN D 56 -26.41 -17.44 13.58
C ASN D 56 -27.08 -18.58 14.31
N PHE D 57 -28.15 -18.30 15.05
CA PHE D 57 -28.86 -19.35 15.76
C PHE D 57 -29.36 -20.43 14.80
N PHE D 58 -30.04 -20.02 13.74
CA PHE D 58 -30.67 -20.98 12.83
C PHE D 58 -29.63 -21.76 12.03
N VAL D 59 -28.50 -21.12 11.70
CA VAL D 59 -27.45 -21.83 10.99
C VAL D 59 -26.77 -22.84 11.92
N SER D 60 -26.54 -22.46 13.18
CA SER D 60 -25.88 -23.38 14.10
C SER D 60 -26.78 -24.54 14.50
N LEU D 61 -28.10 -24.37 14.41
CA LEU D 61 -29.00 -25.48 14.72
C LEU D 61 -28.80 -26.66 13.78
N ILE D 62 -28.41 -26.41 12.54
CA ILE D 62 -28.32 -27.47 11.53
C ILE D 62 -26.92 -27.53 10.93
N ARG D 63 -25.90 -27.21 11.73
CA ARG D 63 -24.55 -27.10 11.20
C ARG D 63 -23.96 -28.45 10.81
N ASN D 64 -24.50 -29.56 11.32
CA ASN D 64 -23.95 -30.87 11.01
C ASN D 64 -24.51 -31.48 9.74
N HIS D 65 -25.44 -30.80 9.07
CA HIS D 65 -26.12 -31.37 7.92
C HIS D 65 -25.84 -30.61 6.63
N ILE D 66 -25.21 -29.44 6.70
CA ILE D 66 -24.97 -28.62 5.52
C ILE D 66 -23.82 -29.23 4.70
N PRO D 67 -24.06 -29.62 3.45
CA PRO D 67 -22.95 -30.03 2.59
C PRO D 67 -22.09 -28.83 2.19
N ASN D 68 -20.83 -29.12 1.87
CA ASN D 68 -19.90 -28.05 1.52
C ASN D 68 -20.30 -27.41 0.20
N SER D 69 -20.88 -28.19 -0.73
CA SER D 69 -21.16 -27.68 -2.07
C SER D 69 -22.33 -26.71 -2.10
N VAL D 70 -23.26 -26.80 -1.15
CA VAL D 70 -24.43 -25.94 -1.13
C VAL D 70 -24.50 -25.09 0.14
N ARG D 71 -23.35 -24.88 0.80
CA ARG D 71 -23.33 -24.17 2.07
C ARG D 71 -23.78 -22.72 1.90
N ILE D 72 -23.31 -22.07 0.83
CA ILE D 72 -23.67 -20.67 0.62
C ILE D 72 -25.14 -20.55 0.29
N ILE D 73 -25.67 -21.50 -0.49
CA ILE D 73 -27.08 -21.48 -0.83
C ILE D 73 -27.94 -21.61 0.42
N VAL D 74 -27.59 -22.55 1.30
CA VAL D 74 -28.36 -22.74 2.53
C VAL D 74 -28.29 -21.50 3.41
N GLN D 75 -27.08 -20.97 3.60
CA GLN D 75 -26.89 -19.82 4.46
C GLN D 75 -27.69 -18.62 3.95
N MET D 76 -27.59 -18.34 2.65
CA MET D 76 -28.27 -17.16 2.12
C MET D 76 -29.77 -17.37 2.03
N ALA D 77 -30.24 -18.60 1.86
CA ALA D 77 -31.68 -18.84 1.94
C ALA D 77 -32.21 -18.49 3.32
N ILE D 78 -31.50 -18.94 4.37
CA ILE D 78 -31.93 -18.61 5.73
C ILE D 78 -31.91 -17.09 5.94
N ILE D 79 -30.81 -16.45 5.54
CA ILE D 79 -30.66 -15.01 5.80
C ILE D 79 -31.71 -14.21 5.04
N ALA D 80 -31.92 -14.53 3.76
CA ALA D 80 -32.88 -13.81 2.95
C ALA D 80 -34.30 -14.01 3.45
N SER D 81 -34.65 -15.22 3.87
CA SER D 81 -35.98 -15.44 4.43
C SER D 81 -36.17 -14.64 5.69
N LEU D 82 -35.16 -14.60 6.57
CA LEU D 82 -35.25 -13.79 7.78
C LEU D 82 -35.50 -12.32 7.45
N VAL D 83 -34.71 -11.77 6.53
CA VAL D 83 -34.83 -10.35 6.20
C VAL D 83 -36.18 -10.05 5.56
N ILE D 84 -36.64 -10.92 4.65
CA ILE D 84 -37.89 -10.68 3.97
C ILE D 84 -39.07 -10.73 4.95
N VAL D 85 -39.07 -11.71 5.85
CA VAL D 85 -40.14 -11.79 6.84
C VAL D 85 -40.12 -10.57 7.75
N VAL D 86 -38.92 -10.12 8.13
CA VAL D 86 -38.81 -8.91 8.95
C VAL D 86 -39.43 -7.73 8.23
N ASP D 87 -39.10 -7.56 6.94
CA ASP D 87 -39.63 -6.44 6.17
C ASP D 87 -41.14 -6.52 6.04
N GLN D 88 -41.67 -7.72 5.79
CA GLN D 88 -43.12 -7.88 5.63
C GLN D 88 -43.86 -7.54 6.92
N ILE D 89 -43.39 -8.06 8.05
CA ILE D 89 -44.05 -7.78 9.32
C ILE D 89 -43.93 -6.30 9.67
N LEU D 90 -42.77 -5.70 9.43
CA LEU D 90 -42.59 -4.29 9.71
C LEU D 90 -43.52 -3.43 8.86
N LYS D 91 -43.67 -3.77 7.58
CA LYS D 91 -44.62 -3.07 6.73
C LYS D 91 -46.05 -3.23 7.25
N ALA D 92 -46.41 -4.44 7.66
CA ALA D 92 -47.77 -4.70 8.08
C ALA D 92 -48.13 -3.93 9.34
N TYR D 93 -47.23 -3.90 10.33
CA TYR D 93 -47.56 -3.36 11.64
C TYR D 93 -46.81 -2.09 12.00
N LEU D 94 -45.48 -2.07 11.88
CA LEU D 94 -44.72 -0.87 12.19
C LEU D 94 -44.52 -0.02 10.95
N TYR D 95 -45.63 0.45 10.38
CA TYR D 95 -45.58 1.18 9.12
C TYR D 95 -44.76 2.47 9.24
N ASP D 96 -44.84 3.13 10.40
CA ASP D 96 -44.16 4.41 10.58
C ASP D 96 -42.66 4.28 10.37
N ILE D 97 -42.02 3.33 11.03
CA ILE D 97 -40.59 3.14 10.86
C ILE D 97 -40.28 2.36 9.57
N SER D 98 -41.21 1.53 9.10
CA SER D 98 -40.98 0.82 7.85
C SER D 98 -40.88 1.77 6.67
N LYS D 99 -41.57 2.92 6.75
CA LYS D 99 -41.47 3.89 5.67
C LYS D 99 -40.09 4.53 5.60
N GLN D 100 -39.45 4.78 6.75
CA GLN D 100 -38.10 5.33 6.73
C GLN D 100 -37.03 4.26 6.66
N LEU D 101 -37.41 2.98 6.75
CA LEU D 101 -36.47 1.92 6.38
C LEU D 101 -36.45 1.74 4.87
N SER D 102 -37.59 1.40 4.28
CA SER D 102 -37.81 1.40 2.82
C SER D 102 -36.71 0.72 2.03
N VAL D 103 -35.88 1.51 1.35
CA VAL D 103 -34.88 0.98 0.43
C VAL D 103 -33.73 0.27 1.13
N PHE D 104 -33.73 0.25 2.46
CA PHE D 104 -32.60 -0.30 3.19
C PHE D 104 -32.73 -1.79 3.48
N VAL D 105 -33.84 -2.42 3.08
CA VAL D 105 -34.00 -3.86 3.30
C VAL D 105 -32.97 -4.65 2.50
N GLY D 106 -32.55 -4.10 1.35
CA GLY D 106 -31.65 -4.84 0.49
C GLY D 106 -30.26 -5.02 1.06
N LEU D 107 -29.72 -3.97 1.67
CA LEU D 107 -28.33 -4.03 2.13
C LEU D 107 -28.17 -4.94 3.35
N ILE D 108 -29.24 -5.21 4.07
CA ILE D 108 -29.15 -6.11 5.22
C ILE D 108 -28.81 -7.52 4.76
N ILE D 109 -29.40 -7.96 3.64
CA ILE D 109 -29.12 -9.29 3.12
C ILE D 109 -27.66 -9.41 2.72
N THR D 110 -27.15 -8.44 1.97
CA THR D 110 -25.78 -8.47 1.48
C THR D 110 -24.80 -7.82 2.43
N ASN D 111 -25.23 -7.45 3.63
CA ASN D 111 -24.30 -7.01 4.66
C ASN D 111 -23.30 -8.11 4.94
N CYS D 112 -22.02 -7.75 5.01
CA CYS D 112 -20.98 -8.75 5.12
C CYS D 112 -20.93 -9.39 6.50
N ILE D 113 -21.38 -8.66 7.54
CA ILE D 113 -21.28 -9.17 8.90
C ILE D 113 -22.14 -10.43 9.06
N VAL D 114 -23.35 -10.40 8.52
CA VAL D 114 -24.28 -11.51 8.69
C VAL D 114 -23.65 -12.81 8.20
N MET D 115 -23.31 -12.87 6.91
CA MET D 115 -22.81 -14.12 6.36
C MET D 115 -21.38 -14.41 6.81
N GLY D 116 -20.58 -13.38 7.09
CA GLY D 116 -19.25 -13.62 7.62
C GLY D 116 -19.27 -14.31 8.97
N ARG D 117 -20.12 -13.83 9.88
CA ARG D 117 -20.25 -14.48 11.18
C ARG D 117 -20.92 -15.84 11.05
N ALA D 118 -21.87 -15.98 10.12
CA ALA D 118 -22.46 -17.29 9.89
C ALA D 118 -21.41 -18.30 9.44
N GLU D 119 -20.47 -17.87 8.59
CA GLU D 119 -19.43 -18.77 8.10
C GLU D 119 -18.39 -19.05 9.17
N ALA D 120 -17.95 -18.01 9.90
CA ALA D 120 -16.81 -18.13 10.79
C ALA D 120 -17.16 -18.69 12.16
N PHE D 121 -18.37 -18.46 12.65
CA PHE D 121 -18.73 -18.90 14.00
C PHE D 121 -19.90 -19.86 14.03
N ALA D 122 -20.94 -19.61 13.22
CA ALA D 122 -22.16 -20.38 13.33
C ALA D 122 -21.98 -21.83 12.90
N MET D 123 -21.08 -22.08 11.96
CA MET D 123 -20.91 -23.43 11.44
C MET D 123 -19.98 -24.29 12.30
N LYS D 124 -19.43 -23.74 13.39
CA LYS D 124 -18.60 -24.54 14.28
C LYS D 124 -18.86 -24.24 15.75
N SER D 125 -20.04 -23.76 16.10
CA SER D 125 -20.35 -23.39 17.48
C SER D 125 -21.72 -23.94 17.87
N GLU D 126 -22.19 -23.51 19.04
CA GLU D 126 -23.46 -23.91 19.60
C GLU D 126 -24.51 -22.81 19.41
N PRO D 127 -25.80 -23.15 19.42
CA PRO D 127 -26.85 -22.17 19.12
C PRO D 127 -26.83 -20.91 19.99
N ILE D 128 -26.87 -21.08 21.31
CA ILE D 128 -26.94 -19.96 22.24
C ILE D 128 -25.66 -19.12 22.16
N PRO D 129 -24.46 -19.72 22.17
CA PRO D 129 -23.26 -18.89 21.95
C PRO D 129 -23.24 -18.18 20.60
N SER D 130 -23.81 -18.79 19.56
CA SER D 130 -23.90 -18.10 18.27
C SER D 130 -24.83 -16.90 18.35
N PHE D 131 -25.94 -17.03 19.06
CA PHE D 131 -26.83 -15.90 19.29
C PHE D 131 -26.11 -14.78 20.03
N ILE D 132 -25.35 -15.14 21.07
CA ILE D 132 -24.59 -14.14 21.83
C ILE D 132 -23.56 -13.46 20.94
N ASP D 133 -22.89 -14.23 20.08
CA ASP D 133 -21.91 -13.67 19.16
C ASP D 133 -22.56 -12.70 18.19
N GLY D 134 -23.75 -13.04 17.68
CA GLY D 134 -24.46 -12.12 16.81
C GLY D 134 -24.81 -10.83 17.51
N ILE D 135 -25.28 -10.91 18.75
CA ILE D 135 -25.57 -9.68 19.51
C ILE D 135 -24.31 -8.86 19.71
N GLY D 136 -23.20 -9.52 20.03
CA GLY D 136 -21.95 -8.79 20.25
C GLY D 136 -21.46 -8.09 18.99
N ASN D 137 -21.53 -8.77 17.85
CA ASN D 137 -21.14 -8.13 16.59
C ASN D 137 -22.08 -7.00 16.23
N GLY D 138 -23.36 -7.13 16.56
CA GLY D 138 -24.28 -6.02 16.37
C GLY D 138 -23.91 -4.81 17.20
N LEU D 139 -23.52 -5.04 18.46
CA LEU D 139 -23.07 -3.92 19.30
C LEU D 139 -21.82 -3.28 18.75
N GLY D 140 -20.86 -4.08 18.31
CA GLY D 140 -19.63 -3.52 17.74
C GLY D 140 -19.89 -2.71 16.49
N TYR D 141 -20.78 -3.19 15.63
CA TYR D 141 -21.16 -2.46 14.42
C TYR D 141 -21.88 -1.16 14.76
N GLY D 142 -22.80 -1.22 15.72
CA GLY D 142 -23.54 -0.03 16.12
C GLY D 142 -22.66 1.03 16.75
N PHE D 143 -21.62 0.63 17.48
CA PHE D 143 -20.70 1.61 18.05
C PHE D 143 -20.15 2.52 16.96
N VAL D 144 -19.59 1.94 15.91
CA VAL D 144 -19.02 2.72 14.81
C VAL D 144 -20.11 3.50 14.10
N LEU D 145 -21.25 2.87 13.82
CA LEU D 145 -22.31 3.54 13.09
C LEU D 145 -22.79 4.80 13.82
N MET D 146 -23.06 4.69 15.12
CA MET D 146 -23.59 5.82 15.86
C MET D 146 -22.52 6.87 16.13
N THR D 147 -21.25 6.44 16.32
CA THR D 147 -20.19 7.42 16.49
C THR D 147 -20.01 8.28 15.24
N VAL D 148 -20.04 7.65 14.06
CA VAL D 148 -19.92 8.42 12.82
C VAL D 148 -21.17 9.26 12.59
N GLY D 149 -22.35 8.70 12.89
CA GLY D 149 -23.58 9.44 12.66
C GLY D 149 -23.71 10.68 13.52
N PHE D 150 -23.22 10.60 14.76
CA PHE D 150 -23.22 11.78 15.64
C PHE D 150 -22.48 12.93 14.98
N PHE D 151 -21.24 12.70 14.56
CA PHE D 151 -20.44 13.76 13.95
C PHE D 151 -21.07 14.24 12.65
N ARG D 152 -21.52 13.31 11.80
CA ARG D 152 -22.03 13.71 10.50
C ARG D 152 -23.30 14.55 10.64
N GLU D 153 -24.26 14.08 11.44
CA GLU D 153 -25.50 14.82 11.62
C GLU D 153 -25.25 16.15 12.30
N LEU D 154 -24.47 16.14 13.39
CA LEU D 154 -24.20 17.38 14.11
C LEU D 154 -23.56 18.42 13.21
N LEU D 155 -22.46 18.07 12.53
CA LEU D 155 -21.73 19.06 11.77
C LEU D 155 -22.36 19.36 10.41
N GLY D 156 -23.29 18.54 9.94
CA GLY D 156 -23.91 18.80 8.65
C GLY D 156 -25.28 19.44 8.72
N SER D 157 -25.98 19.32 9.85
CA SER D 157 -27.30 19.92 9.95
C SER D 157 -27.59 20.55 11.32
N GLY D 158 -26.60 20.65 12.21
CA GLY D 158 -26.85 21.23 13.51
C GLY D 158 -27.89 20.53 14.34
N LYS D 159 -28.15 19.25 14.08
CA LYS D 159 -29.23 18.52 14.72
C LYS D 159 -28.73 17.18 15.21
N LEU D 160 -29.39 16.67 16.26
CA LEU D 160 -29.17 15.34 16.79
C LEU D 160 -30.52 14.66 16.93
N PHE D 161 -30.71 13.56 16.22
CA PHE D 161 -31.99 12.83 16.17
C PHE D 161 -33.14 13.71 15.69
N GLY D 162 -32.83 14.77 14.95
CA GLY D 162 -33.85 15.71 14.50
C GLY D 162 -34.07 16.90 15.40
N LEU D 163 -33.52 16.87 16.61
CA LEU D 163 -33.65 17.99 17.55
C LEU D 163 -32.53 18.99 17.27
N GLU D 164 -32.90 20.25 17.06
CA GLU D 164 -31.93 21.26 16.68
C GLU D 164 -31.11 21.72 17.87
N VAL D 165 -29.80 21.51 17.80
CA VAL D 165 -28.90 21.91 18.87
C VAL D 165 -27.91 22.98 18.45
N LEU D 166 -27.67 23.19 17.16
CA LEU D 166 -26.83 24.27 16.66
C LEU D 166 -27.68 25.12 15.72
N PRO D 167 -28.09 26.32 16.15
CA PRO D 167 -28.98 27.13 15.31
C PRO D 167 -28.33 27.48 13.98
N LEU D 168 -29.12 27.41 12.92
CA LEU D 168 -28.62 27.60 11.56
C LEU D 168 -28.84 29.03 11.10
N ILE D 169 -27.93 29.52 10.26
CA ILE D 169 -28.06 30.86 9.71
C ILE D 169 -29.28 30.94 8.80
N SER D 170 -29.65 29.83 8.15
CA SER D 170 -30.81 29.81 7.28
C SER D 170 -32.09 30.16 8.04
N ASN D 171 -32.24 29.61 9.25
CA ASN D 171 -33.42 29.86 10.07
C ASN D 171 -33.20 30.94 11.12
N GLY D 172 -32.03 31.54 11.18
CA GLY D 172 -31.76 32.64 12.07
C GLY D 172 -30.82 32.38 13.23
N GLY D 173 -29.80 31.56 13.03
CA GLY D 173 -28.86 31.22 14.08
C GLY D 173 -27.49 31.81 13.86
N TRP D 174 -26.45 31.01 14.13
CA TRP D 174 -25.08 31.45 14.00
C TRP D 174 -24.18 30.44 13.29
N TYR D 175 -24.71 29.29 12.89
CA TYR D 175 -23.90 28.19 12.39
C TYR D 175 -24.14 28.00 10.90
N GLN D 176 -23.06 27.74 10.16
CA GLN D 176 -23.13 27.42 8.75
C GLN D 176 -22.80 25.94 8.56
N PRO D 177 -23.74 25.12 8.09
CA PRO D 177 -23.48 23.68 8.02
C PRO D 177 -22.39 23.33 7.02
N ASN D 178 -21.73 22.21 7.29
CA ASN D 178 -20.69 21.69 6.42
C ASN D 178 -21.32 20.71 5.44
N GLY D 179 -21.25 21.03 4.15
CA GLY D 179 -21.88 20.19 3.14
C GLY D 179 -21.09 18.99 2.71
N LEU D 180 -19.88 18.81 3.24
CA LEU D 180 -19.11 17.60 3.01
C LEU D 180 -19.52 16.48 3.94
N MET D 181 -20.12 16.82 5.09
CA MET D 181 -20.63 15.80 6.00
C MET D 181 -21.85 15.08 5.47
N LEU D 182 -22.43 15.57 4.38
CA LEU D 182 -23.54 14.90 3.70
C LEU D 182 -23.05 14.08 2.52
N LEU D 183 -21.76 13.81 2.43
CA LEU D 183 -21.16 13.01 1.37
C LEU D 183 -20.26 11.95 1.98
N ALA D 184 -20.05 10.86 1.24
CA ALA D 184 -19.35 9.68 1.71
C ALA D 184 -17.86 9.88 2.02
N PRO D 185 -17.15 10.81 1.37
CA PRO D 185 -15.77 11.08 1.79
C PRO D 185 -15.63 11.40 3.26
N SER D 186 -16.59 12.15 3.83
CA SER D 186 -16.52 12.47 5.25
C SER D 186 -16.64 11.22 6.11
N ALA D 187 -17.50 10.28 5.71
CA ALA D 187 -17.60 9.01 6.43
C ALA D 187 -16.28 8.24 6.33
N PHE D 188 -15.67 8.23 5.15
CA PHE D 188 -14.36 7.59 5.01
C PHE D 188 -13.35 8.18 5.99
N PHE D 189 -13.23 9.50 6.01
CA PHE D 189 -12.24 10.15 6.88
C PHE D 189 -12.54 9.89 8.35
N LEU D 190 -13.81 9.96 8.74
CA LEU D 190 -14.18 9.75 10.13
C LEU D 190 -13.85 8.33 10.57
N ILE D 191 -14.15 7.33 9.73
CA ILE D 191 -13.83 5.95 10.08
C ILE D 191 -12.32 5.77 10.19
N GLY D 192 -11.56 6.38 9.28
CA GLY D 192 -10.11 6.27 9.35
C GLY D 192 -9.56 6.84 10.64
N PHE D 193 -10.06 8.02 11.05
CA PHE D 193 -9.56 8.63 12.28
C PHE D 193 -10.01 7.88 13.53
N MET D 194 -11.21 7.29 13.50
CA MET D 194 -11.62 6.45 14.63
C MET D 194 -10.76 5.20 14.73
N ILE D 195 -10.38 4.62 13.60
CA ILE D 195 -9.45 3.49 13.61
C ILE D 195 -8.11 3.92 14.21
N TRP D 196 -7.65 5.11 13.83
CA TRP D 196 -6.41 5.65 14.41
C TRP D 196 -6.51 5.73 15.93
N ALA D 197 -7.61 6.28 16.45
CA ALA D 197 -7.77 6.42 17.90
C ALA D 197 -7.84 5.06 18.58
N ILE D 198 -8.58 4.11 18.00
CA ILE D 198 -8.72 2.80 18.60
C ILE D 198 -7.38 2.09 18.67
N ARG D 199 -6.62 2.12 17.57
CA ARG D 199 -5.33 1.44 17.56
C ARG D 199 -4.23 2.23 18.27
N THR D 200 -4.49 3.48 18.63
CA THR D 200 -3.59 4.18 19.54
C THR D 200 -3.85 3.80 20.99
N PHE D 201 -5.11 3.65 21.38
CA PHE D 201 -5.41 3.24 22.75
C PHE D 201 -5.25 1.74 22.98
N LYS D 202 -5.24 0.93 21.93
CA LYS D 202 -5.02 -0.52 22.03
C LYS D 202 -3.95 -0.91 21.03
N PRO D 203 -2.67 -0.75 21.38
CA PRO D 203 -1.58 -0.93 20.40
C PRO D 203 -1.36 -2.36 19.97
N GLU D 204 -2.06 -3.34 20.55
CA GLU D 204 -1.88 -4.72 20.13
C GLU D 204 -2.52 -5.00 18.77
N GLN D 205 -3.30 -4.06 18.24
CA GLN D 205 -3.99 -4.23 16.96
C GLN D 205 -3.22 -3.64 15.79
N VAL D 206 -2.05 -3.04 16.04
CA VAL D 206 -1.29 -2.40 14.97
C VAL D 206 -0.76 -3.46 14.00
N GLU D 207 -0.94 -3.20 12.71
CA GLU D 207 -0.50 -4.11 11.67
C GLU D 207 1.01 -4.06 11.50
N ALA D 208 1.60 -5.21 11.18
CA ALA D 208 3.04 -5.30 11.01
C ALA D 208 3.49 -4.52 9.77
N LYS D 209 4.74 -4.07 9.81
CA LYS D 209 5.30 -3.25 8.74
C LYS D 209 5.43 -4.10 7.48
N GLU D 210 4.79 -3.65 6.40
CA GLU D 210 4.87 -4.34 5.12
C GLU D 210 5.00 -3.34 3.97
N MET E 1 -26.75 1.86 -31.64
CA MET E 1 -25.32 2.12 -31.52
C MET E 1 -25.04 3.11 -30.40
N GLU E 2 -25.49 4.35 -30.58
CA GLU E 2 -25.21 5.40 -29.61
C GLU E 2 -25.77 5.06 -28.23
N HIS E 3 -26.93 4.40 -28.21
CA HIS E 3 -27.58 4.06 -26.94
C HIS E 3 -26.69 3.16 -26.09
N TYR E 4 -26.07 2.16 -26.71
CA TYR E 4 -25.29 1.19 -25.95
C TYR E 4 -23.95 1.75 -25.53
N ILE E 5 -23.32 2.58 -26.36
CA ILE E 5 -22.09 3.24 -25.92
C ILE E 5 -22.38 4.22 -24.79
N SER E 6 -23.52 4.92 -24.86
CA SER E 6 -23.91 5.80 -23.77
C SER E 6 -24.11 5.01 -22.48
N LEU E 7 -24.78 3.86 -22.57
CA LEU E 7 -24.98 3.03 -21.38
C LEU E 7 -23.65 2.53 -20.82
N LEU E 8 -22.76 2.07 -21.68
CA LEU E 8 -21.47 1.54 -21.22
C LEU E 8 -20.64 2.64 -20.55
N VAL E 9 -20.55 3.80 -21.19
CA VAL E 9 -19.77 4.90 -20.63
C VAL E 9 -20.38 5.36 -19.31
N LYS E 10 -21.70 5.46 -19.25
CA LYS E 10 -22.37 5.84 -18.01
C LYS E 10 -22.03 4.87 -16.89
N SER E 11 -22.15 3.56 -17.15
CA SER E 11 -21.88 2.57 -16.12
C SER E 11 -20.42 2.60 -15.67
N ILE E 12 -19.49 2.78 -16.61
CA ILE E 12 -18.08 2.76 -16.24
C ILE E 12 -17.70 4.00 -15.45
N PHE E 13 -18.13 5.18 -15.90
CA PHE E 13 -17.63 6.44 -15.36
C PHE E 13 -18.69 7.23 -14.61
N ILE E 14 -19.82 7.54 -15.25
CA ILE E 14 -20.77 8.48 -14.66
C ILE E 14 -21.43 7.88 -13.43
N GLU E 15 -21.68 6.58 -13.44
CA GLU E 15 -22.23 5.86 -12.28
C GLU E 15 -21.34 4.68 -11.94
N ASN E 16 -20.29 4.97 -11.18
CA ASN E 16 -19.26 3.98 -10.92
C ASN E 16 -19.64 3.14 -9.71
N MET E 17 -19.49 1.82 -9.83
CA MET E 17 -19.99 0.93 -8.81
C MET E 17 -19.23 1.08 -7.49
N ALA E 18 -17.98 1.51 -7.56
CA ALA E 18 -17.14 1.57 -6.37
C ALA E 18 -16.96 2.98 -5.83
N LEU E 19 -16.62 3.94 -6.68
CA LEU E 19 -16.29 5.29 -6.24
C LEU E 19 -17.38 6.30 -6.56
N SER E 20 -18.54 5.87 -7.00
CA SER E 20 -19.68 6.75 -7.15
C SER E 20 -20.89 6.27 -6.37
N PHE E 21 -21.15 4.97 -6.37
CA PHE E 21 -22.23 4.39 -5.57
C PHE E 21 -21.75 3.77 -4.27
N PHE E 22 -20.45 3.51 -4.15
CA PHE E 22 -19.82 3.00 -2.92
C PHE E 22 -20.42 1.67 -2.48
N LEU E 23 -20.23 0.66 -3.33
CA LEU E 23 -20.63 -0.70 -3.04
C LEU E 23 -19.49 -1.66 -3.40
N GLY E 24 -19.28 -2.67 -2.57
CA GLY E 24 -18.12 -3.53 -2.69
C GLY E 24 -16.97 -3.13 -1.80
N MET E 25 -17.21 -2.29 -0.81
CA MET E 25 -16.12 -1.63 -0.09
C MET E 25 -15.29 -2.59 0.74
N CYS E 26 -15.88 -3.64 1.29
CA CYS E 26 -15.13 -4.55 2.16
C CYS E 26 -13.96 -5.16 1.42
N THR E 27 -14.23 -5.88 0.32
CA THR E 27 -13.14 -6.48 -0.44
C THR E 27 -12.35 -5.42 -1.20
N PHE E 28 -12.98 -4.31 -1.55
CA PHE E 28 -12.28 -3.22 -2.23
C PHE E 28 -11.17 -2.66 -1.36
N LEU E 29 -11.39 -2.57 -0.04
CA LEU E 29 -10.38 -2.09 0.88
C LEU E 29 -9.46 -3.20 1.38
N ALA E 30 -9.93 -4.44 1.38
CA ALA E 30 -9.11 -5.53 1.94
C ALA E 30 -8.11 -6.06 0.93
N VAL E 31 -8.54 -6.36 -0.28
CA VAL E 31 -7.74 -7.16 -1.21
C VAL E 31 -7.07 -6.27 -2.28
N SER E 32 -6.80 -5.02 -1.95
CA SER E 32 -6.27 -4.06 -2.92
C SER E 32 -4.86 -3.59 -2.56
N LYS E 33 -3.99 -4.50 -2.14
CA LYS E 33 -2.60 -4.14 -1.88
C LYS E 33 -1.66 -4.53 -3.00
N LYS E 34 -2.06 -5.46 -3.88
CA LYS E 34 -1.23 -5.88 -5.00
C LYS E 34 -2.04 -5.85 -6.28
N VAL E 35 -1.47 -5.25 -7.32
CA VAL E 35 -2.15 -5.16 -8.61
C VAL E 35 -2.37 -6.55 -9.19
N LYS E 36 -1.44 -7.47 -8.95
CA LYS E 36 -1.55 -8.81 -9.51
C LYS E 36 -2.80 -9.52 -9.07
N THR E 37 -3.14 -9.44 -7.78
CA THR E 37 -4.37 -10.06 -7.28
C THR E 37 -5.60 -9.18 -7.49
N SER E 38 -5.44 -7.86 -7.48
CA SER E 38 -6.59 -6.99 -7.75
C SER E 38 -7.11 -7.19 -9.16
N PHE E 39 -6.21 -7.43 -10.12
CA PHE E 39 -6.62 -7.69 -11.50
C PHE E 39 -7.47 -8.95 -11.59
N GLY E 40 -7.04 -10.02 -10.92
CA GLY E 40 -7.81 -11.25 -10.93
C GLY E 40 -9.15 -11.12 -10.24
N LEU E 41 -9.18 -10.41 -9.11
CA LEU E 41 -10.46 -10.16 -8.45
C LEU E 41 -11.40 -9.37 -9.34
N GLY E 42 -10.88 -8.35 -10.03
CA GLY E 42 -11.70 -7.59 -10.94
C GLY E 42 -12.25 -8.43 -12.08
N ILE E 43 -11.43 -9.31 -12.65
CA ILE E 43 -11.89 -10.16 -13.74
C ILE E 43 -12.98 -11.11 -13.25
N ALA E 44 -12.79 -11.70 -12.07
CA ALA E 44 -13.79 -12.60 -11.52
C ALA E 44 -15.11 -11.87 -11.27
N VAL E 45 -15.02 -10.65 -10.73
CA VAL E 45 -16.25 -9.87 -10.47
C VAL E 45 -16.93 -9.53 -11.78
N ILE E 46 -16.16 -9.20 -12.82
CA ILE E 46 -16.75 -8.91 -14.12
C ILE E 46 -17.53 -10.11 -14.63
N VAL E 47 -16.92 -11.29 -14.57
CA VAL E 47 -17.59 -12.49 -15.07
C VAL E 47 -18.88 -12.75 -14.27
N VAL E 48 -18.78 -12.71 -12.94
CA VAL E 48 -19.94 -13.00 -12.11
C VAL E 48 -21.06 -12.01 -12.39
N LEU E 49 -20.73 -10.73 -12.48
CA LEU E 49 -21.77 -9.71 -12.68
C LEU E 49 -22.41 -9.82 -14.05
N THR E 50 -21.60 -9.97 -15.10
CA THR E 50 -22.14 -10.00 -16.45
C THR E 50 -22.89 -11.29 -16.75
N ILE E 51 -22.68 -12.34 -15.96
CA ILE E 51 -23.52 -13.53 -16.12
C ILE E 51 -24.76 -13.46 -15.24
N SER E 52 -24.65 -12.89 -14.04
CA SER E 52 -25.77 -12.91 -13.10
C SER E 52 -26.86 -11.91 -13.46
N VAL E 53 -26.51 -10.73 -13.97
CA VAL E 53 -27.52 -9.71 -14.25
C VAL E 53 -28.52 -10.15 -15.32
N PRO E 54 -28.09 -10.61 -16.51
CA PRO E 54 -29.10 -11.02 -17.51
C PRO E 54 -29.93 -12.23 -17.09
N VAL E 55 -29.34 -13.16 -16.35
CA VAL E 55 -30.09 -14.33 -15.89
C VAL E 55 -31.22 -13.90 -14.95
N ASN E 56 -30.91 -13.01 -14.02
CA ASN E 56 -31.95 -12.48 -13.15
C ASN E 56 -32.95 -11.65 -13.91
N ASN E 57 -32.52 -10.97 -14.98
CA ASN E 57 -33.46 -10.26 -15.84
C ASN E 57 -34.48 -11.22 -16.44
N LEU E 58 -33.99 -12.34 -16.98
CA LEU E 58 -34.89 -13.35 -17.55
C LEU E 58 -35.82 -13.91 -16.48
N VAL E 59 -35.28 -14.22 -15.31
CA VAL E 59 -36.09 -14.82 -14.25
C VAL E 59 -37.19 -13.85 -13.81
N TYR E 60 -36.84 -12.57 -13.61
CA TYR E 60 -37.82 -11.58 -13.23
C TYR E 60 -38.89 -11.41 -14.30
N ASN E 61 -38.48 -11.30 -15.57
CA ASN E 61 -39.44 -10.99 -16.62
C ASN E 61 -40.37 -12.17 -16.88
N LEU E 62 -39.89 -13.40 -16.70
CA LEU E 62 -40.69 -14.57 -17.06
C LEU E 62 -41.38 -15.25 -15.88
N VAL E 63 -40.97 -14.95 -14.64
CA VAL E 63 -41.56 -15.64 -13.49
C VAL E 63 -42.10 -14.66 -12.47
N LEU E 64 -41.24 -13.75 -11.98
CA LEU E 64 -41.56 -12.95 -10.81
C LEU E 64 -42.32 -11.67 -11.12
N LYS E 65 -42.36 -11.24 -12.38
CA LYS E 65 -43.09 -10.03 -12.72
C LYS E 65 -44.58 -10.26 -12.47
N PRO E 66 -45.31 -9.24 -12.01
CA PRO E 66 -46.76 -9.41 -11.82
C PRO E 66 -47.45 -9.79 -13.11
N ASP E 67 -48.38 -10.74 -13.01
CA ASP E 67 -49.17 -11.28 -14.12
C ASP E 67 -48.30 -11.91 -15.21
N ALA E 68 -47.08 -12.31 -14.88
CA ALA E 68 -46.20 -12.89 -15.90
C ALA E 68 -46.50 -14.37 -16.13
N LEU E 69 -46.92 -15.08 -15.08
CA LEU E 69 -47.25 -16.50 -15.21
C LEU E 69 -48.75 -16.71 -15.31
N VAL E 70 -49.50 -16.25 -14.32
CA VAL E 70 -50.95 -16.31 -14.32
C VAL E 70 -51.50 -14.93 -13.98
N GLU E 71 -52.68 -14.63 -14.53
CA GLU E 71 -53.29 -13.33 -14.33
C GLU E 71 -53.78 -13.21 -12.89
N GLY E 72 -53.30 -12.20 -12.19
CA GLY E 72 -53.64 -11.99 -10.79
C GLY E 72 -52.65 -12.56 -9.80
N VAL E 73 -51.73 -13.40 -10.24
CA VAL E 73 -50.73 -14.02 -9.38
C VAL E 73 -49.48 -13.16 -9.41
N ASP E 74 -49.13 -12.58 -8.26
CA ASP E 74 -47.96 -11.72 -8.15
C ASP E 74 -46.92 -12.41 -7.27
N LEU E 75 -45.71 -12.56 -7.80
CA LEU E 75 -44.61 -13.22 -7.09
C LEU E 75 -43.43 -12.28 -6.89
N SER E 76 -43.71 -10.99 -6.72
CA SER E 76 -42.63 -10.01 -6.64
C SER E 76 -41.98 -9.92 -5.26
N PHE E 77 -42.29 -10.84 -4.36
CA PHE E 77 -41.66 -10.85 -3.04
C PHE E 77 -40.56 -11.90 -2.91
N LEU E 78 -40.42 -12.79 -3.90
CA LEU E 78 -39.30 -13.72 -3.96
C LEU E 78 -38.07 -13.11 -4.62
N ASN E 79 -38.11 -11.80 -4.90
CA ASN E 79 -37.08 -11.17 -5.72
C ASN E 79 -35.70 -11.32 -5.09
N PHE E 80 -35.56 -10.90 -3.82
CA PHE E 80 -34.25 -10.84 -3.19
C PHE E 80 -33.63 -12.23 -3.07
N ILE E 81 -34.44 -13.20 -2.60
CA ILE E 81 -33.90 -14.52 -2.34
C ILE E 81 -33.58 -15.24 -3.65
N THR E 82 -34.41 -15.04 -4.69
CA THR E 82 -34.11 -15.61 -6.00
C THR E 82 -32.80 -15.04 -6.56
N PHE E 83 -32.65 -13.71 -6.49
CA PHE E 83 -31.45 -13.08 -7.02
C PHE E 83 -30.21 -13.57 -6.29
N ILE E 84 -30.28 -13.64 -4.96
CA ILE E 84 -29.11 -14.05 -4.19
C ILE E 84 -28.83 -15.54 -4.39
N GLY E 85 -29.86 -16.34 -4.67
CA GLY E 85 -29.61 -17.74 -4.99
C GLY E 85 -28.86 -17.91 -6.30
N VAL E 86 -29.25 -17.15 -7.32
CA VAL E 86 -28.53 -17.21 -8.59
C VAL E 86 -27.07 -16.77 -8.40
N ILE E 87 -26.88 -15.66 -7.67
CA ILE E 87 -25.52 -15.16 -7.45
C ILE E 87 -24.70 -16.19 -6.66
N ALA E 88 -25.30 -16.82 -5.65
CA ALA E 88 -24.59 -17.79 -4.84
C ALA E 88 -24.18 -19.02 -5.65
N ALA E 89 -25.07 -19.50 -6.54
CA ALA E 89 -24.70 -20.63 -7.38
C ALA E 89 -23.55 -20.27 -8.32
N LEU E 90 -23.60 -19.07 -8.92
CA LEU E 90 -22.50 -18.65 -9.78
C LEU E 90 -21.19 -18.57 -9.00
N VAL E 91 -21.23 -18.02 -7.79
CA VAL E 91 -20.02 -17.90 -6.99
C VAL E 91 -19.52 -19.27 -6.55
N GLN E 92 -20.43 -20.22 -6.33
CA GLN E 92 -20.02 -21.58 -6.00
C GLN E 92 -19.22 -22.20 -7.14
N ILE E 93 -19.73 -22.08 -8.36
CA ILE E 93 -19.00 -22.60 -9.51
C ILE E 93 -17.67 -21.87 -9.68
N LEU E 94 -17.66 -20.56 -9.43
CA LEU E 94 -16.42 -19.79 -9.52
C LEU E 94 -15.38 -20.26 -8.51
N GLU E 95 -15.80 -20.52 -7.27
CA GLU E 95 -14.90 -21.06 -6.27
C GLU E 95 -14.35 -22.41 -6.69
N MET E 96 -15.22 -23.26 -7.26
CA MET E 96 -14.77 -24.55 -7.76
C MET E 96 -13.68 -24.40 -8.82
N ILE E 97 -13.86 -23.45 -9.74
CA ILE E 97 -12.84 -23.20 -10.76
C ILE E 97 -11.56 -22.68 -10.13
N LEU E 98 -11.69 -21.72 -9.21
CA LEU E 98 -10.52 -21.03 -8.66
C LEU E 98 -9.66 -21.96 -7.82
N ASP E 99 -10.29 -22.85 -7.04
CA ASP E 99 -9.52 -23.73 -6.17
C ASP E 99 -8.66 -24.68 -6.98
N ARG E 100 -9.06 -24.97 -8.22
CA ARG E 100 -8.30 -25.88 -9.07
C ARG E 100 -7.26 -25.16 -9.93
N PHE E 101 -7.65 -24.06 -10.57
CA PHE E 101 -6.78 -23.46 -11.58
C PHE E 101 -5.88 -22.35 -11.04
N PHE E 102 -6.33 -21.58 -10.06
CA PHE E 102 -5.58 -20.43 -9.55
C PHE E 102 -5.47 -20.49 -8.03
N PRO E 103 -4.60 -21.36 -7.51
CA PRO E 103 -4.36 -21.40 -6.06
C PRO E 103 -3.84 -20.09 -5.51
N PRO E 104 -2.96 -19.35 -6.23
CA PRO E 104 -2.53 -18.04 -5.69
C PRO E 104 -3.68 -17.05 -5.51
N LEU E 105 -4.74 -17.16 -6.31
CA LEU E 105 -5.88 -16.27 -6.14
C LEU E 105 -6.90 -16.84 -5.15
N TYR E 106 -6.97 -18.16 -5.03
CA TYR E 106 -7.76 -18.76 -3.95
C TYR E 106 -7.24 -18.31 -2.60
N ASN E 107 -5.92 -18.42 -2.40
CA ASN E 107 -5.26 -17.75 -1.30
C ASN E 107 -5.19 -16.26 -1.58
N ALA E 108 -4.87 -15.48 -0.54
CA ALA E 108 -4.90 -14.02 -0.58
C ALA E 108 -6.32 -13.52 -0.73
N LEU E 109 -7.26 -14.45 -0.89
CA LEU E 109 -8.69 -14.18 -0.79
C LEU E 109 -9.28 -14.89 0.41
N GLY E 110 -9.13 -16.22 0.49
CA GLY E 110 -9.53 -16.95 1.67
C GLY E 110 -10.99 -16.78 2.05
N ILE E 111 -11.25 -16.02 3.12
CA ILE E 111 -12.61 -15.83 3.59
C ILE E 111 -13.43 -14.94 2.67
N PHE E 112 -12.80 -14.18 1.78
CA PHE E 112 -13.53 -13.28 0.91
C PHE E 112 -13.99 -13.94 -0.38
N LEU E 113 -13.39 -15.07 -0.77
CA LEU E 113 -13.86 -15.80 -1.94
C LEU E 113 -15.31 -16.23 -1.80
N PRO E 114 -15.75 -16.84 -0.69
CA PRO E 114 -17.19 -17.02 -0.49
C PRO E 114 -17.95 -15.72 -0.38
N LEU E 115 -17.34 -14.67 0.17
CA LEU E 115 -18.04 -13.40 0.36
C LEU E 115 -18.15 -12.59 -0.92
N ILE E 116 -17.65 -13.11 -2.04
CA ILE E 116 -17.99 -12.53 -3.34
C ILE E 116 -19.49 -12.58 -3.56
N THR E 117 -20.15 -13.56 -2.95
CA THR E 117 -21.61 -13.67 -3.04
C THR E 117 -22.30 -12.44 -2.47
N VAL E 118 -21.83 -11.97 -1.31
CA VAL E 118 -22.44 -10.84 -0.63
C VAL E 118 -21.72 -9.53 -0.99
N ASN E 119 -20.94 -9.52 -2.07
CA ASN E 119 -20.43 -8.27 -2.61
C ASN E 119 -21.62 -7.39 -2.97
N CYS E 120 -21.68 -6.19 -2.38
CA CYS E 120 -22.85 -5.35 -2.56
C CYS E 120 -23.02 -4.87 -3.98
N ALA E 121 -21.94 -4.87 -4.77
CA ALA E 121 -22.02 -4.39 -6.14
C ALA E 121 -22.90 -5.29 -7.01
N ILE E 122 -22.78 -6.61 -6.84
CA ILE E 122 -23.57 -7.54 -7.66
C ILE E 122 -25.05 -7.36 -7.37
N PHE E 123 -25.42 -7.37 -6.09
CA PHE E 123 -26.83 -7.25 -5.70
C PHE E 123 -27.38 -5.87 -6.06
N GLY E 124 -26.55 -4.82 -5.92
CA GLY E 124 -26.98 -3.51 -6.34
C GLY E 124 -27.21 -3.42 -7.83
N GLY E 125 -26.35 -4.06 -8.62
CA GLY E 125 -26.56 -4.09 -10.06
C GLY E 125 -27.84 -4.80 -10.44
N VAL E 126 -28.12 -5.93 -9.80
CA VAL E 126 -29.37 -6.65 -10.10
C VAL E 126 -30.58 -5.81 -9.71
N SER E 127 -30.54 -5.18 -8.53
CA SER E 127 -31.66 -4.36 -8.09
C SER E 127 -31.85 -3.15 -8.99
N PHE E 128 -30.74 -2.54 -9.44
CA PHE E 128 -30.86 -1.42 -10.36
C PHE E 128 -31.41 -1.85 -11.71
N MET E 129 -31.04 -3.04 -12.18
CA MET E 129 -31.65 -3.55 -13.40
C MET E 129 -33.16 -3.67 -13.25
N VAL E 130 -33.60 -4.21 -12.11
CA VAL E 130 -35.03 -4.35 -11.86
C VAL E 130 -35.69 -2.98 -11.82
N GLN E 131 -35.05 -2.01 -11.15
CA GLN E 131 -35.62 -0.67 -11.03
C GLN E 131 -35.74 0.01 -12.39
N ARG E 132 -34.68 -0.05 -13.20
CA ARG E 132 -34.66 0.69 -14.45
C ARG E 132 -35.37 -0.04 -15.58
N ASP E 133 -35.72 -1.32 -15.39
CA ASP E 133 -36.45 -2.08 -16.38
C ASP E 133 -35.71 -2.16 -17.72
N TYR E 134 -34.41 -2.49 -17.66
CA TYR E 134 -33.65 -2.71 -18.87
C TYR E 134 -34.16 -3.94 -19.61
N SER E 135 -33.79 -4.04 -20.88
CA SER E 135 -34.07 -5.22 -21.67
C SER E 135 -32.90 -6.20 -21.52
N PHE E 136 -32.88 -7.25 -22.34
CA PHE E 136 -31.82 -8.24 -22.21
C PHE E 136 -30.47 -7.69 -22.66
N ALA E 137 -30.44 -7.02 -23.81
CA ALA E 137 -29.19 -6.44 -24.30
C ALA E 137 -28.69 -5.34 -23.37
N GLU E 138 -29.59 -4.49 -22.89
CA GLU E 138 -29.19 -3.47 -21.94
C GLU E 138 -28.71 -4.08 -20.64
N SER E 139 -29.30 -5.21 -20.23
CA SER E 139 -28.84 -5.89 -19.03
C SER E 139 -27.41 -6.40 -19.20
N VAL E 140 -27.12 -7.02 -20.35
CA VAL E 140 -25.77 -7.52 -20.60
C VAL E 140 -24.77 -6.37 -20.60
N VAL E 141 -25.10 -5.29 -21.31
CA VAL E 141 -24.18 -4.15 -21.40
C VAL E 141 -23.98 -3.52 -20.03
N TYR E 142 -25.06 -3.37 -19.27
CA TYR E 142 -24.99 -2.75 -17.95
C TYR E 142 -24.13 -3.58 -16.99
N GLY E 143 -24.33 -4.90 -16.98
CA GLY E 143 -23.51 -5.74 -16.11
C GLY E 143 -22.04 -5.69 -16.49
N PHE E 144 -21.74 -5.76 -17.79
CA PHE E 144 -20.34 -5.69 -18.21
C PHE E 144 -19.71 -4.36 -17.82
N GLY E 145 -20.43 -3.26 -18.05
CA GLY E 145 -19.89 -1.95 -17.69
C GLY E 145 -19.68 -1.77 -16.20
N SER E 146 -20.63 -2.27 -15.38
CA SER E 146 -20.47 -2.16 -13.94
C SER E 146 -19.27 -2.96 -13.46
N GLY E 147 -19.08 -4.17 -13.98
CA GLY E 147 -17.91 -4.94 -13.62
C GLY E 147 -16.62 -4.26 -14.02
N VAL E 148 -16.60 -3.68 -15.22
CA VAL E 148 -15.39 -2.99 -15.69
C VAL E 148 -15.07 -1.79 -14.81
N GLY E 149 -16.09 -1.02 -14.43
CA GLY E 149 -15.84 0.12 -13.57
C GLY E 149 -15.33 -0.28 -12.20
N TRP E 150 -15.91 -1.34 -11.62
CA TRP E 150 -15.41 -1.82 -10.33
C TRP E 150 -13.96 -2.28 -10.43
N MET E 151 -13.63 -3.00 -11.51
CA MET E 151 -12.24 -3.42 -11.71
C MET E 151 -11.32 -2.21 -11.82
N LEU E 152 -11.74 -1.19 -12.57
CA LEU E 152 -10.91 -0.01 -12.76
C LEU E 152 -10.62 0.66 -11.43
N ALA E 153 -11.64 0.79 -10.59
CA ALA E 153 -11.44 1.41 -9.28
C ALA E 153 -10.50 0.60 -8.40
N ILE E 154 -10.68 -0.73 -8.39
CA ILE E 154 -9.85 -1.54 -7.50
C ILE E 154 -8.39 -1.57 -7.98
N VAL E 155 -8.17 -1.56 -9.29
CA VAL E 155 -6.81 -1.56 -9.81
C VAL E 155 -6.14 -0.21 -9.57
N ALA E 156 -6.91 0.88 -9.67
CA ALA E 156 -6.35 2.19 -9.33
C ALA E 156 -5.94 2.25 -7.87
N LEU E 157 -6.79 1.72 -6.97
CA LEU E 157 -6.42 1.69 -5.56
C LEU E 157 -5.18 0.83 -5.32
N ALA E 158 -5.09 -0.30 -6.01
CA ALA E 158 -3.92 -1.17 -5.86
C ALA E 158 -2.65 -0.47 -6.32
N GLY E 159 -2.72 0.26 -7.44
CA GLY E 159 -1.56 1.01 -7.90
C GLY E 159 -1.15 2.10 -6.93
N ILE E 160 -2.13 2.82 -6.37
CA ILE E 160 -1.81 3.84 -5.38
C ILE E 160 -1.12 3.22 -4.17
N ARG E 161 -1.68 2.12 -3.66
CA ARG E 161 -1.10 1.49 -2.48
C ARG E 161 0.28 0.94 -2.75
N GLU E 162 0.51 0.43 -3.97
CA GLU E 162 1.84 -0.05 -4.32
C GLU E 162 2.83 1.11 -4.42
N LYS E 163 2.38 2.26 -4.90
CA LYS E 163 3.25 3.44 -4.90
C LYS E 163 3.54 3.93 -3.49
N MET E 164 2.64 3.70 -2.55
CA MET E 164 2.86 4.13 -1.17
C MET E 164 3.90 3.29 -0.43
N LYS E 165 4.69 2.45 -1.10
CA LYS E 165 5.75 1.72 -0.42
C LYS E 165 6.82 2.65 0.13
N TYR E 166 6.90 3.88 -0.39
CA TYR E 166 7.88 4.87 0.04
C TYR E 166 7.33 5.81 1.12
N SER E 167 6.07 5.65 1.49
CA SER E 167 5.46 6.54 2.47
C SER E 167 5.87 6.16 3.89
N ASP E 168 5.61 7.06 4.82
CA ASP E 168 5.94 6.88 6.24
C ASP E 168 4.68 7.19 7.05
N VAL E 169 3.84 6.17 7.22
CA VAL E 169 2.53 6.33 7.84
C VAL E 169 2.66 6.10 9.34
N PRO E 170 1.93 6.84 10.18
CA PRO E 170 1.98 6.58 11.61
C PRO E 170 1.56 5.15 11.90
N PRO E 171 2.15 4.52 12.93
CA PRO E 171 1.88 3.09 13.17
C PRO E 171 0.41 2.77 13.37
N GLY E 172 -0.33 3.62 14.06
CA GLY E 172 -1.75 3.35 14.28
C GLY E 172 -2.62 3.63 13.08
N LEU E 173 -2.05 4.17 12.01
CA LEU E 173 -2.80 4.52 10.81
C LEU E 173 -2.47 3.62 9.62
N ARG E 174 -1.39 2.86 9.68
CA ARG E 174 -0.99 2.06 8.53
C ARG E 174 -1.95 0.91 8.32
N GLY E 175 -2.28 0.63 7.06
CA GLY E 175 -3.23 -0.40 6.72
C GLY E 175 -4.63 0.10 6.52
N LEU E 176 -5.51 -0.18 7.49
CA LEU E 176 -6.93 0.08 7.32
C LEU E 176 -7.26 1.57 7.36
N GLY E 177 -6.69 2.30 8.32
CA GLY E 177 -7.00 3.72 8.42
C GLY E 177 -6.53 4.50 7.21
N ILE E 178 -5.29 4.26 6.79
CA ILE E 178 -4.77 4.96 5.64
C ILE E 178 -5.46 4.50 4.36
N THR E 179 -5.93 3.26 4.31
CA THR E 179 -6.70 2.81 3.15
C THR E 179 -8.05 3.51 3.09
N PHE E 180 -8.69 3.69 4.24
CA PHE E 180 -9.94 4.43 4.30
C PHE E 180 -9.74 5.86 3.83
N ILE E 181 -8.69 6.52 4.31
CA ILE E 181 -8.42 7.90 3.91
C ILE E 181 -8.12 7.97 2.41
N THR E 182 -7.34 7.02 1.89
CA THR E 182 -7.04 7.00 0.47
C THR E 182 -8.30 6.84 -0.38
N ALA E 183 -9.20 5.94 0.01
CA ALA E 183 -10.44 5.76 -0.72
C ALA E 183 -11.31 7.02 -0.64
N GLY E 184 -11.30 7.69 0.51
CA GLY E 184 -12.06 8.93 0.63
C GLY E 184 -11.51 10.04 -0.24
N LEU E 185 -10.20 10.01 -0.50
CA LEU E 185 -9.60 10.97 -1.43
C LEU E 185 -9.93 10.61 -2.87
N MET E 186 -9.91 9.31 -3.20
CA MET E 186 -10.31 8.89 -4.54
C MET E 186 -11.77 9.22 -4.84
N ALA E 187 -12.64 9.20 -3.83
CA ALA E 187 -14.02 9.61 -4.04
C ALA E 187 -14.10 11.08 -4.47
N LEU E 188 -13.34 11.94 -3.80
CA LEU E 188 -13.28 13.35 -4.19
C LEU E 188 -12.74 13.48 -5.61
N GLY E 189 -11.74 12.68 -5.96
CA GLY E 189 -11.26 12.68 -7.34
C GLY E 189 -12.35 12.33 -8.34
N PHE E 190 -13.13 11.28 -8.03
CA PHE E 190 -14.20 10.83 -8.91
C PHE E 190 -15.42 11.73 -8.90
N MET E 191 -15.50 12.69 -7.99
CA MET E 191 -16.66 13.58 -7.94
C MET E 191 -16.78 14.50 -9.16
N SER E 192 -15.97 14.38 -10.21
CA SER E 192 -16.03 15.33 -11.32
C SER E 192 -17.07 14.96 -12.38
N PHE E 193 -17.69 13.79 -12.29
CA PHE E 193 -18.73 13.37 -13.21
C PHE E 193 -20.13 13.56 -12.63
N SER E 194 -20.25 14.23 -11.49
CA SER E 194 -21.49 14.17 -10.71
C SER E 194 -22.66 14.79 -11.47
N GLY E 195 -22.43 15.88 -12.19
CA GLY E 195 -23.51 16.57 -12.86
C GLY E 195 -23.82 16.14 -14.28
N VAL E 196 -23.18 15.09 -14.78
CA VAL E 196 -23.34 14.71 -16.18
C VAL E 196 -24.65 13.94 -16.36
N GLN E 197 -25.49 14.40 -17.27
CA GLN E 197 -26.79 13.79 -17.53
C GLN E 197 -26.70 12.87 -18.74
N LEU E 198 -25.91 11.81 -18.59
CA LEU E 198 -25.75 10.84 -19.67
C LEU E 198 -26.82 9.76 -19.56
N MET F 1 -54.32 -17.31 -2.61
CA MET F 1 -54.17 -18.65 -2.04
C MET F 1 -53.37 -19.56 -2.99
N SER F 2 -53.83 -19.64 -4.25
CA SER F 2 -53.06 -20.38 -5.23
C SER F 2 -51.73 -19.71 -5.54
N THR F 3 -51.62 -18.42 -5.26
CA THR F 3 -50.37 -17.70 -5.40
C THR F 3 -49.31 -18.31 -4.49
N ILE F 4 -49.72 -18.79 -3.31
CA ILE F 4 -48.78 -19.46 -2.40
C ILE F 4 -48.25 -20.73 -3.05
N ILE F 5 -49.14 -21.53 -3.63
CA ILE F 5 -48.73 -22.77 -4.29
C ILE F 5 -47.76 -22.47 -5.42
N PHE F 6 -48.09 -21.46 -6.24
CA PHE F 6 -47.24 -21.11 -7.37
C PHE F 6 -45.87 -20.63 -6.90
N GLY F 7 -45.84 -19.77 -5.88
CA GLY F 7 -44.56 -19.30 -5.37
C GLY F 7 -43.71 -20.44 -4.85
N VAL F 8 -44.31 -21.35 -4.07
CA VAL F 8 -43.55 -22.45 -3.49
C VAL F 8 -42.99 -23.34 -4.60
N VAL F 9 -43.82 -23.70 -5.58
CA VAL F 9 -43.35 -24.64 -6.60
C VAL F 9 -42.29 -24.00 -7.47
N MET F 10 -42.48 -22.73 -7.84
CA MET F 10 -41.52 -22.08 -8.73
C MET F 10 -40.19 -21.85 -8.03
N PHE F 11 -40.22 -21.40 -6.76
CA PHE F 11 -39.00 -21.29 -5.99
C PHE F 11 -38.27 -22.62 -5.89
N THR F 12 -39.01 -23.69 -5.56
CA THR F 12 -38.37 -24.99 -5.41
C THR F 12 -37.74 -25.44 -6.72
N LEU F 13 -38.43 -25.22 -7.84
CA LEU F 13 -37.88 -25.63 -9.14
C LEU F 13 -36.62 -24.82 -9.47
N ILE F 14 -36.64 -23.52 -9.22
CA ILE F 14 -35.48 -22.68 -9.53
C ILE F 14 -34.28 -23.12 -8.70
N ILE F 15 -34.49 -23.31 -7.40
CA ILE F 15 -33.40 -23.70 -6.51
C ILE F 15 -32.87 -25.08 -6.89
N LEU F 16 -33.77 -26.02 -7.21
CA LEU F 16 -33.36 -27.35 -7.61
C LEU F 16 -32.53 -27.30 -8.90
N ALA F 17 -32.94 -26.48 -9.85
CA ALA F 17 -32.18 -26.35 -11.09
C ALA F 17 -30.79 -25.78 -10.81
N LEU F 18 -30.70 -24.78 -9.95
CA LEU F 18 -29.39 -24.22 -9.61
C LEU F 18 -28.50 -25.26 -8.96
N VAL F 19 -29.04 -26.04 -8.01
CA VAL F 19 -28.24 -27.05 -7.33
C VAL F 19 -27.83 -28.15 -8.30
N LEU F 20 -28.71 -28.52 -9.23
CA LEU F 20 -28.36 -29.52 -10.23
C LEU F 20 -27.24 -29.03 -11.13
N VAL F 21 -27.27 -27.75 -11.51
CA VAL F 21 -26.16 -27.18 -12.28
C VAL F 21 -24.86 -27.22 -11.49
N ILE F 22 -24.95 -26.91 -10.18
CA ILE F 22 -23.76 -26.96 -9.34
C ILE F 22 -23.17 -28.36 -9.30
N LEU F 23 -24.03 -29.36 -9.14
CA LEU F 23 -23.56 -30.75 -9.10
C LEU F 23 -22.96 -31.18 -10.44
N PHE F 24 -23.60 -30.77 -11.55
CA PHE F 24 -23.06 -31.08 -12.86
C PHE F 24 -21.66 -30.48 -13.03
N ALA F 25 -21.48 -29.22 -12.63
CA ALA F 25 -20.17 -28.60 -12.75
C ALA F 25 -19.15 -29.29 -11.85
N LYS F 26 -19.56 -29.67 -10.64
CA LYS F 26 -18.63 -30.34 -9.73
C LYS F 26 -18.18 -31.69 -10.28
N SER F 27 -19.09 -32.43 -10.92
CA SER F 27 -18.76 -33.75 -11.44
C SER F 27 -17.54 -33.70 -12.36
N LYS F 28 -17.45 -32.68 -13.20
CA LYS F 28 -16.32 -32.55 -14.10
C LYS F 28 -15.23 -31.62 -13.59
N LEU F 29 -15.45 -30.91 -12.48
CA LEU F 29 -14.43 -30.04 -11.92
C LEU F 29 -13.74 -30.61 -10.70
N VAL F 30 -14.10 -31.81 -10.25
CA VAL F 30 -13.33 -32.50 -9.22
C VAL F 30 -12.88 -33.85 -9.79
N PRO F 31 -11.71 -34.35 -9.38
CA PRO F 31 -11.21 -35.61 -9.97
C PRO F 31 -12.03 -36.83 -9.58
N THR F 32 -12.46 -36.87 -8.32
CA THR F 32 -13.27 -37.88 -7.64
C THR F 32 -12.62 -39.27 -7.68
N GLY F 33 -11.41 -39.42 -8.22
CA GLY F 33 -10.71 -40.69 -8.22
C GLY F 33 -9.50 -40.65 -7.31
N ASP F 34 -8.97 -41.82 -6.98
CA ASP F 34 -7.81 -41.89 -6.09
C ASP F 34 -6.52 -41.59 -6.88
N ILE F 35 -5.46 -41.30 -6.13
CA ILE F 35 -4.18 -40.90 -6.69
C ILE F 35 -3.08 -41.74 -6.07
N THR F 36 -1.88 -41.62 -6.63
CA THR F 36 -0.71 -42.36 -6.17
C THR F 36 0.41 -41.39 -5.83
N ILE F 37 0.90 -41.48 -4.59
CA ILE F 37 2.02 -40.67 -4.14
C ILE F 37 3.27 -41.54 -4.29
N SER F 38 3.89 -41.46 -5.47
CA SER F 38 5.12 -42.22 -5.70
C SER F 38 6.26 -41.64 -4.90
N ILE F 39 7.16 -42.51 -4.43
CA ILE F 39 8.24 -42.13 -3.55
C ILE F 39 9.54 -42.69 -4.12
N ASN F 40 10.48 -41.80 -4.46
CA ASN F 40 11.76 -42.14 -5.06
C ASN F 40 11.62 -43.00 -6.31
N GLY F 41 10.50 -42.90 -7.01
CA GLY F 41 10.30 -43.68 -8.23
C GLY F 41 10.30 -45.18 -8.02
N ASP F 42 10.01 -45.64 -6.81
CA ASP F 42 10.03 -47.05 -6.47
C ASP F 42 8.63 -47.64 -6.65
N PRO F 43 8.50 -48.80 -7.29
CA PRO F 43 7.17 -49.43 -7.37
C PRO F 43 6.56 -49.70 -6.00
N GLU F 44 7.36 -50.11 -5.03
CA GLU F 44 6.89 -50.16 -3.65
C GLU F 44 6.94 -48.75 -3.05
N LYS F 45 6.43 -48.64 -1.82
CA LYS F 45 6.29 -47.40 -1.07
C LYS F 45 5.31 -46.43 -1.72
N ALA F 46 4.72 -46.79 -2.87
CA ALA F 46 3.72 -45.96 -3.51
C ALA F 46 2.42 -46.07 -2.71
N ILE F 47 1.83 -44.93 -2.37
CA ILE F 47 0.70 -44.86 -1.46
C ILE F 47 -0.52 -44.36 -2.23
N VAL F 48 -1.59 -45.14 -2.17
CA VAL F 48 -2.88 -44.76 -2.76
C VAL F 48 -3.73 -44.18 -1.64
N THR F 49 -4.19 -42.94 -1.81
CA THR F 49 -4.90 -42.22 -0.77
C THR F 49 -6.14 -41.56 -1.36
N GLN F 50 -7.15 -41.39 -0.51
CA GLN F 50 -8.32 -40.62 -0.90
C GLN F 50 -7.90 -39.18 -1.19
N PRO F 51 -8.43 -38.57 -2.25
CA PRO F 51 -8.00 -37.20 -2.59
C PRO F 51 -8.50 -36.16 -1.61
N GLY F 52 -7.85 -36.06 -0.46
CA GLY F 52 -8.21 -35.09 0.54
C GLY F 52 -7.27 -35.18 1.72
N GLY F 53 -7.33 -34.15 2.55
CA GLY F 53 -6.50 -34.09 3.74
C GLY F 53 -5.08 -33.62 3.44
N LYS F 54 -4.31 -33.46 4.50
CA LYS F 54 -2.93 -33.01 4.38
C LYS F 54 -2.00 -34.20 4.11
N LEU F 55 -0.85 -33.89 3.50
CA LEU F 55 0.12 -34.93 3.15
C LEU F 55 0.66 -35.65 4.38
N LEU F 56 0.74 -34.95 5.52
CA LEU F 56 1.31 -35.56 6.72
C LEU F 56 0.45 -36.71 7.22
N THR F 57 -0.87 -36.56 7.18
CA THR F 57 -1.76 -37.64 7.62
C THR F 57 -1.60 -38.87 6.75
N ALA F 58 -1.54 -38.68 5.43
CA ALA F 58 -1.34 -39.82 4.52
C ALA F 58 0.01 -40.48 4.75
N LEU F 59 1.06 -39.67 4.96
CA LEU F 59 2.38 -40.24 5.22
C LEU F 59 2.38 -41.05 6.50
N ALA F 60 1.76 -40.52 7.56
CA ALA F 60 1.73 -41.23 8.84
C ALA F 60 0.92 -42.52 8.74
N GLY F 61 -0.23 -42.47 8.08
CA GLY F 61 -1.03 -43.66 7.91
C GLY F 61 -0.42 -44.69 6.97
N ALA F 62 0.51 -44.26 6.12
CA ALA F 62 1.15 -45.15 5.17
C ALA F 62 2.42 -45.80 5.72
N GLY F 63 2.86 -45.42 6.91
CA GLY F 63 4.03 -46.03 7.53
C GLY F 63 5.34 -45.33 7.32
N VAL F 64 5.34 -44.10 6.80
CA VAL F 64 6.55 -43.29 6.64
C VAL F 64 6.43 -42.08 7.56
N PHE F 65 7.39 -41.93 8.46
CA PHE F 65 7.30 -40.97 9.55
C PHE F 65 8.38 -39.90 9.41
N VAL F 66 8.00 -38.66 9.69
CA VAL F 66 8.92 -37.51 9.66
C VAL F 66 8.69 -36.69 10.93
N SER F 67 9.47 -35.63 11.06
CA SER F 67 9.44 -34.82 12.27
C SER F 67 8.09 -34.16 12.47
N SER F 68 7.60 -34.21 13.71
CA SER F 68 6.31 -33.64 14.09
C SER F 68 6.42 -32.82 15.37
N ALA F 69 7.39 -31.89 15.42
CA ALA F 69 7.61 -31.09 16.60
C ALA F 69 6.36 -30.32 17.01
N CYS F 70 5.72 -29.65 16.06
CA CYS F 70 4.43 -29.02 16.31
C CYS F 70 3.27 -30.01 16.19
N GLY F 71 3.50 -31.17 15.58
CA GLY F 71 2.46 -32.17 15.43
C GLY F 71 1.42 -31.80 14.39
N GLY F 72 1.88 -31.43 13.20
CA GLY F 72 0.95 -31.08 12.14
C GLY F 72 0.40 -29.68 12.20
N GLY F 73 0.88 -28.86 13.13
CA GLY F 73 0.38 -27.50 13.27
C GLY F 73 1.02 -26.51 12.32
N GLY F 74 2.09 -26.93 11.65
CA GLY F 74 2.75 -26.09 10.67
C GLY F 74 3.46 -24.88 11.25
N SER F 75 3.62 -24.84 12.57
CA SER F 75 4.38 -23.75 13.18
C SER F 75 5.81 -24.19 13.46
N CYS F 76 6.11 -25.48 13.28
CA CYS F 76 7.46 -25.98 13.54
C CYS F 76 8.39 -25.70 12.37
N GLY F 77 7.97 -26.05 11.17
CA GLY F 77 8.85 -25.94 10.02
C GLY F 77 9.90 -27.01 9.93
N GLN F 78 9.68 -28.15 10.60
CA GLN F 78 10.64 -29.25 10.62
C GLN F 78 10.25 -30.40 9.70
N CYS F 79 9.04 -30.41 9.16
CA CYS F 79 8.54 -31.50 8.33
C CYS F 79 8.86 -31.31 6.86
N ARG F 80 9.94 -30.58 6.55
CA ARG F 80 10.29 -30.28 5.17
C ARG F 80 10.48 -31.55 4.37
N VAL F 81 9.86 -31.60 3.18
CA VAL F 81 9.95 -32.75 2.29
C VAL F 81 10.11 -32.24 0.87
N LYS F 82 10.90 -32.96 0.08
CA LYS F 82 11.25 -32.55 -1.27
C LYS F 82 10.23 -33.10 -2.25
N ILE F 83 9.51 -32.21 -2.92
CA ILE F 83 8.45 -32.56 -3.85
C ILE F 83 8.93 -32.23 -5.26
N LYS F 84 8.88 -33.22 -6.15
CA LYS F 84 9.37 -33.02 -7.52
C LYS F 84 8.24 -32.74 -8.50
N SER F 85 7.21 -33.58 -8.54
CA SER F 85 6.10 -33.37 -9.46
C SER F 85 5.17 -32.29 -8.92
N GLY F 86 4.04 -32.11 -9.59
CA GLY F 86 3.08 -31.09 -9.22
C GLY F 86 2.51 -31.25 -7.82
N GLY F 87 2.58 -30.20 -7.01
CA GLY F 87 2.01 -30.23 -5.68
C GLY F 87 1.36 -28.91 -5.30
N GLY F 88 1.35 -27.96 -6.22
CA GLY F 88 0.71 -26.67 -5.98
C GLY F 88 1.71 -25.57 -5.69
N ASP F 89 1.23 -24.59 -4.92
CA ASP F 89 2.02 -23.43 -4.54
C ASP F 89 2.57 -23.60 -3.13
N ILE F 90 3.49 -22.71 -2.75
CA ILE F 90 4.09 -22.72 -1.43
C ILE F 90 3.31 -21.73 -0.57
N LEU F 91 2.62 -22.25 0.45
CA LEU F 91 1.78 -21.42 1.29
C LEU F 91 2.61 -20.44 2.10
N PRO F 92 2.06 -19.27 2.42
CA PRO F 92 2.84 -18.28 3.20
C PRO F 92 3.25 -18.78 4.57
N THR F 93 2.51 -19.73 5.15
CA THR F 93 2.93 -20.35 6.40
C THR F 93 4.21 -21.15 6.24
N GLU F 94 4.61 -21.47 5.01
CA GLU F 94 5.89 -22.12 4.76
C GLU F 94 7.01 -21.13 4.48
N LEU F 95 6.69 -19.95 3.93
CA LEU F 95 7.72 -18.98 3.60
C LEU F 95 8.45 -18.47 4.84
N ASP F 96 7.91 -18.68 6.03
CA ASP F 96 8.59 -18.28 7.25
C ASP F 96 9.71 -19.25 7.65
N HIS F 97 9.81 -20.41 7.00
CA HIS F 97 10.83 -21.39 7.34
C HIS F 97 11.68 -21.85 6.17
N ILE F 98 11.12 -21.96 4.97
CA ILE F 98 11.87 -22.36 3.77
C ILE F 98 12.20 -21.12 2.96
N SER F 99 13.47 -20.93 2.65
CA SER F 99 13.91 -19.84 1.80
C SER F 99 13.78 -20.22 0.34
N LYS F 100 13.83 -19.21 -0.53
CA LYS F 100 13.57 -19.42 -1.95
C LYS F 100 14.60 -20.35 -2.59
N GLY F 101 15.84 -20.31 -2.11
CA GLY F 101 16.88 -21.13 -2.71
C GLY F 101 16.56 -22.61 -2.68
N GLU F 102 16.06 -23.10 -1.55
CA GLU F 102 15.61 -24.49 -1.48
C GLU F 102 14.15 -24.65 -1.85
N ALA F 103 13.39 -23.54 -1.93
CA ALA F 103 12.03 -23.62 -2.46
C ALA F 103 12.04 -23.94 -3.95
N ARG F 104 13.14 -23.60 -4.63
CA ARG F 104 13.25 -23.97 -6.04
C ARG F 104 13.42 -25.48 -6.20
N GLU F 105 14.14 -26.13 -5.29
CA GLU F 105 14.37 -27.56 -5.38
C GLU F 105 13.11 -28.38 -5.06
N GLY F 106 12.11 -27.77 -4.43
CA GLY F 106 10.89 -28.45 -4.10
C GLY F 106 10.67 -28.77 -2.64
N GLU F 107 11.45 -28.19 -1.74
CA GLU F 107 11.27 -28.44 -0.33
C GLU F 107 10.00 -27.77 0.17
N ARG F 108 9.12 -28.54 0.79
CA ARG F 108 7.83 -28.04 1.26
C ARG F 108 7.53 -28.66 2.62
N LEU F 109 6.67 -27.96 3.37
CA LEU F 109 6.22 -28.45 4.67
C LEU F 109 5.05 -29.40 4.46
N ALA F 110 5.19 -30.62 4.97
CA ALA F 110 4.13 -31.62 4.84
C ALA F 110 2.87 -31.23 5.61
N CYS F 111 2.99 -30.30 6.58
CA CYS F 111 1.82 -29.87 7.34
C CYS F 111 0.84 -29.06 6.50
N GLN F 112 1.25 -28.60 5.31
CA GLN F 112 0.41 -27.72 4.50
C GLN F 112 0.05 -28.28 3.13
N VAL F 113 0.74 -29.30 2.64
CA VAL F 113 0.45 -29.84 1.32
C VAL F 113 -0.77 -30.74 1.40
N ALA F 114 -1.84 -30.36 0.72
CA ALA F 114 -3.05 -31.16 0.66
C ALA F 114 -3.04 -32.00 -0.61
N VAL F 115 -3.28 -33.30 -0.45
CA VAL F 115 -3.16 -34.23 -1.58
C VAL F 115 -4.44 -34.15 -2.41
N LYS F 116 -4.29 -33.66 -3.64
CA LYS F 116 -5.37 -33.54 -4.61
C LYS F 116 -5.10 -34.27 -5.90
N ALA F 117 -3.84 -34.46 -6.27
CA ALA F 117 -3.48 -35.18 -7.48
C ALA F 117 -2.20 -35.96 -7.21
N ASP F 118 -1.89 -36.90 -8.10
CA ASP F 118 -0.72 -37.73 -7.92
C ASP F 118 0.57 -36.90 -8.00
N MET F 119 1.58 -37.33 -7.25
CA MET F 119 2.82 -36.57 -7.13
C MET F 119 3.95 -37.50 -6.72
N ASP F 120 5.17 -36.99 -6.86
CA ASP F 120 6.38 -37.75 -6.55
C ASP F 120 7.19 -37.01 -5.50
N LEU F 121 7.71 -37.76 -4.53
CA LEU F 121 8.49 -37.20 -3.43
C LEU F 121 9.92 -37.73 -3.49
N GLU F 122 10.73 -37.27 -2.55
CA GLU F 122 12.09 -37.79 -2.38
C GLU F 122 12.42 -37.71 -0.88
N LEU F 123 12.20 -38.81 -0.17
CA LEU F 123 12.52 -38.84 1.24
C LEU F 123 14.03 -38.82 1.46
N PRO F 124 14.53 -37.94 2.30
CA PRO F 124 15.98 -37.83 2.50
C PRO F 124 16.49 -38.73 3.61
N GLU F 125 17.82 -38.85 3.66
CA GLU F 125 18.56 -39.49 4.74
C GLU F 125 18.24 -40.97 4.90
N GLU F 126 17.40 -41.54 4.04
CA GLU F 126 16.93 -42.92 4.16
C GLU F 126 16.38 -43.18 5.57
N ILE F 127 15.36 -42.40 5.92
CA ILE F 127 14.77 -42.42 7.26
C ILE F 127 13.94 -43.67 7.50
N PHE F 128 13.84 -44.54 6.51
CA PHE F 128 12.98 -45.71 6.62
C PHE F 128 13.38 -46.65 7.76
N GLY F 129 14.50 -46.37 8.44
CA GLY F 129 14.87 -47.12 9.62
C GLY F 129 14.18 -46.72 10.90
N VAL F 130 13.31 -45.72 10.87
CA VAL F 130 12.59 -45.31 12.07
C VAL F 130 11.52 -46.34 12.40
N LYS F 131 11.49 -46.75 13.66
CA LYS F 131 10.55 -47.78 14.11
C LYS F 131 10.16 -47.51 15.56
N LYS F 132 8.93 -47.84 15.89
CA LYS F 132 8.42 -47.65 17.24
C LYS F 132 8.86 -48.80 18.14
N TRP F 133 9.23 -48.47 19.37
CA TRP F 133 9.66 -49.46 20.34
C TRP F 133 8.89 -49.26 21.64
N GLU F 134 8.61 -50.36 22.32
CA GLU F 134 7.97 -50.34 23.65
C GLU F 134 9.08 -50.55 24.66
N CYS F 135 9.55 -49.46 25.26
CA CYS F 135 10.73 -49.49 26.11
C CYS F 135 10.37 -49.88 27.54
N THR F 136 11.40 -50.22 28.31
CA THR F 136 11.26 -50.60 29.72
C THR F 136 12.17 -49.70 30.54
N VAL F 137 11.61 -49.08 31.58
CA VAL F 137 12.39 -48.19 32.42
C VAL F 137 13.33 -49.01 33.29
N ILE F 138 14.61 -48.64 33.28
CA ILE F 138 15.63 -49.31 34.08
C ILE F 138 15.85 -48.60 35.41
N SER F 139 16.02 -47.28 35.37
CA SER F 139 16.22 -46.51 36.60
C SER F 139 15.75 -45.09 36.36
N ASN F 140 15.33 -44.43 37.44
CA ASN F 140 14.85 -43.06 37.39
C ASN F 140 15.38 -42.27 38.59
N ASP F 141 16.66 -42.43 38.89
CA ASP F 141 17.25 -41.73 40.02
C ASP F 141 17.47 -40.26 39.69
N ASN F 142 17.23 -39.41 40.68
CA ASN F 142 17.44 -37.98 40.53
C ASN F 142 18.91 -37.66 40.36
N LYS F 143 19.19 -36.66 39.53
CA LYS F 143 20.54 -36.17 39.32
C LYS F 143 20.74 -34.73 39.76
N ALA F 144 19.70 -33.90 39.70
CA ALA F 144 19.75 -32.54 40.22
C ALA F 144 18.44 -32.28 40.96
N THR F 145 18.32 -31.10 41.56
CA THR F 145 17.09 -30.72 42.24
C THR F 145 15.89 -30.67 41.31
N PHE F 146 16.11 -30.44 40.02
CA PHE F 146 15.02 -30.41 39.04
C PHE F 146 15.28 -31.30 37.84
N ILE F 147 16.36 -32.09 37.84
CA ILE F 147 16.75 -32.89 36.68
C ILE F 147 16.92 -34.34 37.11
N LYS F 148 16.38 -35.26 36.31
CA LYS F 148 16.45 -36.68 36.58
C LYS F 148 17.11 -37.38 35.40
N GLU F 149 17.75 -38.52 35.69
CA GLU F 149 18.36 -39.36 34.67
C GLU F 149 17.48 -40.59 34.45
N LEU F 150 17.11 -40.83 33.21
CA LEU F 150 16.21 -41.92 32.85
C LEU F 150 16.94 -42.85 31.89
N LYS F 151 16.85 -44.15 32.14
CA LYS F 151 17.43 -45.17 31.27
C LYS F 151 16.31 -46.03 30.69
N LEU F 152 16.40 -46.30 29.39
CA LEU F 152 15.41 -47.09 28.67
C LEU F 152 16.01 -48.43 28.23
N ALA F 153 15.29 -49.51 28.49
CA ALA F 153 15.65 -50.82 27.99
C ALA F 153 14.89 -51.07 26.69
N ILE F 154 15.61 -51.09 25.58
CA ILE F 154 14.97 -51.32 24.28
C ILE F 154 14.43 -52.76 24.24
N PRO F 155 13.23 -52.99 23.71
CA PRO F 155 12.70 -54.35 23.66
C PRO F 155 13.54 -55.25 22.76
N ASP F 156 13.43 -56.55 23.00
CA ASP F 156 14.11 -57.61 22.25
C ASP F 156 15.61 -57.33 22.05
N GLY F 157 16.21 -56.61 22.99
CA GLY F 157 17.65 -56.43 23.01
C GLY F 157 18.24 -55.81 21.75
N GLU F 158 17.59 -54.79 21.20
CA GLU F 158 18.05 -54.15 19.99
C GLU F 158 19.05 -53.03 20.32
N SER F 159 19.34 -52.20 19.32
CA SER F 159 20.20 -51.04 19.49
C SER F 159 19.84 -50.04 18.40
N VAL F 160 19.59 -48.79 18.81
CA VAL F 160 19.20 -47.77 17.84
C VAL F 160 20.41 -47.36 17.01
N PRO F 161 20.32 -47.37 15.68
CA PRO F 161 21.43 -46.89 14.83
C PRO F 161 21.48 -45.37 14.75
N PHE F 162 21.71 -44.74 15.90
CA PHE F 162 21.61 -43.29 15.99
C PHE F 162 23.00 -42.65 15.90
N ARG F 163 22.98 -41.36 15.57
CA ARG F 163 24.18 -40.53 15.59
C ARG F 163 24.11 -39.60 16.79
N ALA F 164 25.27 -39.21 17.29
CA ALA F 164 25.33 -38.31 18.44
C ALA F 164 24.60 -37.00 18.13
N GLY F 165 23.70 -36.60 19.02
CA GLY F 165 22.89 -35.43 18.82
C GLY F 165 21.46 -35.69 18.36
N GLY F 166 21.11 -36.95 18.11
CA GLY F 166 19.77 -37.29 17.68
C GLY F 166 18.76 -37.23 18.81
N TYR F 167 17.48 -37.28 18.43
CA TYR F 167 16.40 -37.12 19.39
C TYR F 167 15.29 -38.11 19.08
N ILE F 168 14.48 -38.41 20.10
CA ILE F 168 13.34 -39.30 19.99
C ILE F 168 12.12 -38.59 20.57
N GLN F 169 10.96 -38.90 20.01
CA GLN F 169 9.68 -38.38 20.50
C GLN F 169 8.99 -39.43 21.35
N ILE F 170 8.82 -39.13 22.63
CA ILE F 170 8.11 -39.99 23.56
C ILE F 170 6.62 -39.65 23.48
N GLU F 171 5.77 -40.67 23.58
CA GLU F 171 4.33 -40.49 23.56
C GLU F 171 3.73 -41.16 24.79
N ALA F 172 2.63 -40.61 25.28
CA ALA F 172 2.01 -41.12 26.49
C ALA F 172 0.49 -41.18 26.32
N PRO F 173 -0.16 -42.14 26.96
CA PRO F 173 -1.63 -42.19 26.94
C PRO F 173 -2.26 -41.24 27.95
N ALA F 174 -3.58 -41.28 28.07
CA ALA F 174 -4.26 -40.50 29.09
C ALA F 174 -3.91 -41.01 30.49
N HIS F 175 -3.74 -40.09 31.42
CA HIS F 175 -3.38 -40.44 32.79
C HIS F 175 -3.60 -39.23 33.68
N HIS F 176 -3.61 -39.48 34.99
CA HIS F 176 -3.64 -38.44 36.01
C HIS F 176 -2.61 -38.80 37.07
N VAL F 177 -1.70 -37.86 37.35
CA VAL F 177 -0.58 -38.13 38.24
C VAL F 177 -0.51 -37.07 39.33
N LYS F 178 -0.11 -37.49 40.53
CA LYS F 178 0.15 -36.62 41.65
C LYS F 178 1.66 -36.54 41.87
N TYR F 179 2.13 -35.34 42.25
CA TYR F 179 3.56 -35.18 42.49
C TYR F 179 4.05 -35.93 43.72
N ALA F 180 3.15 -36.40 44.58
CA ALA F 180 3.56 -37.21 45.72
C ALA F 180 4.19 -38.53 45.31
N ASP F 181 3.98 -38.95 44.06
CA ASP F 181 4.54 -40.22 43.60
C ASP F 181 6.06 -40.14 43.43
N PHE F 182 6.60 -38.93 43.30
CA PHE F 182 8.02 -38.74 43.01
C PHE F 182 8.89 -39.24 44.15
N ASP F 183 10.12 -39.64 43.83
CA ASP F 183 11.02 -40.22 44.82
C ASP F 183 12.31 -39.42 44.95
N VAL F 184 12.20 -38.09 44.98
CA VAL F 184 13.39 -37.25 45.11
C VAL F 184 14.01 -37.45 46.49
N PRO F 185 15.32 -37.64 46.61
CA PRO F 185 15.94 -37.85 47.92
C PRO F 185 15.85 -36.60 48.79
N GLU F 186 16.11 -36.80 50.08
CA GLU F 186 16.02 -35.70 51.05
C GLU F 186 17.03 -34.61 50.77
N LYS F 187 18.26 -34.98 50.40
CA LYS F 187 19.29 -33.97 50.18
C LYS F 187 18.99 -33.12 48.96
N TYR F 188 18.12 -33.61 48.07
CA TYR F 188 17.52 -32.77 47.04
C TYR F 188 16.24 -32.08 47.53
N ARG F 189 15.60 -32.64 48.55
CA ARG F 189 14.31 -32.15 49.04
C ARG F 189 14.42 -30.83 49.79
N GLY F 190 15.63 -30.42 50.18
CA GLY F 190 15.81 -29.18 50.92
C GLY F 190 15.29 -27.95 50.21
N ASP F 191 14.86 -28.09 48.96
CA ASP F 191 14.19 -27.03 48.22
C ASP F 191 12.73 -27.34 47.93
N TRP F 192 12.42 -28.61 47.65
CA TRP F 192 11.03 -28.99 47.40
C TRP F 192 10.18 -28.80 48.65
N ASP F 193 10.76 -29.03 49.83
CA ASP F 193 10.02 -28.80 51.07
C ASP F 193 9.67 -27.33 51.24
N LYS F 194 10.62 -26.43 50.94
CA LYS F 194 10.39 -25.01 51.17
C LYS F 194 9.50 -24.39 50.10
N PHE F 195 9.46 -24.98 48.90
CA PHE F 195 8.47 -24.54 47.92
C PHE F 195 7.16 -25.31 47.95
N ASN F 196 7.05 -26.35 48.77
CA ASN F 196 5.83 -27.15 48.87
C ASN F 196 5.33 -27.61 47.50
N LEU F 197 6.25 -28.16 46.70
CA LEU F 197 5.92 -28.53 45.33
C LEU F 197 5.26 -29.89 45.21
N PHE F 198 5.08 -30.62 46.32
CA PHE F 198 4.45 -31.93 46.26
C PHE F 198 2.95 -31.84 45.97
N ARG F 199 2.32 -30.71 46.30
CA ARG F 199 0.88 -30.58 46.12
C ARG F 199 0.46 -30.48 44.66
N TYR F 200 1.40 -30.33 43.73
CA TYR F 200 1.06 -30.12 42.33
C TYR F 200 0.60 -31.42 41.69
N GLU F 201 -0.11 -31.30 40.58
CA GLU F 201 -0.68 -32.45 39.90
C GLU F 201 -0.92 -32.10 38.43
N SER F 202 -0.90 -33.13 37.59
CA SER F 202 -1.19 -32.98 36.18
C SER F 202 -1.96 -34.20 35.69
N LYS F 203 -2.81 -33.98 34.70
CA LYS F 203 -3.63 -35.04 34.13
C LYS F 203 -3.62 -34.97 32.62
N VAL F 204 -3.77 -36.12 31.98
CA VAL F 204 -3.80 -36.25 30.53
C VAL F 204 -5.10 -36.95 30.14
N ASP F 205 -5.78 -36.42 29.13
CA ASP F 205 -7.01 -37.01 28.65
C ASP F 205 -6.90 -37.62 27.26
N GLU F 206 -5.97 -37.15 26.44
CA GLU F 206 -5.74 -37.71 25.12
C GLU F 206 -4.24 -37.82 24.87
N PRO F 207 -3.81 -38.79 24.07
CA PRO F 207 -2.37 -38.98 23.86
C PRO F 207 -1.72 -37.79 23.17
N ILE F 208 -0.45 -37.55 23.52
CA ILE F 208 0.35 -36.48 22.96
C ILE F 208 1.75 -37.00 22.67
N ILE F 209 2.52 -36.22 21.92
CA ILE F 209 3.89 -36.57 21.56
C ILE F 209 4.81 -35.40 21.89
N ARG F 210 5.93 -35.69 22.54
CA ARG F 210 6.97 -34.71 22.83
C ARG F 210 8.32 -35.32 22.52
N ALA F 211 9.21 -34.53 21.91
CA ALA F 211 10.52 -35.00 21.50
C ALA F 211 11.56 -34.69 22.57
N TYR F 212 12.45 -35.66 22.83
CA TYR F 212 13.49 -35.52 23.83
C TYR F 212 14.83 -35.95 23.24
N SER F 213 15.89 -35.28 23.68
CA SER F 213 17.24 -35.60 23.25
C SER F 213 17.85 -36.66 24.16
N MET F 214 18.78 -37.44 23.60
CA MET F 214 19.36 -38.59 24.27
C MET F 214 20.82 -38.34 24.64
N ALA F 215 21.21 -38.82 25.81
CA ALA F 215 22.50 -38.50 26.42
C ALA F 215 23.55 -39.59 26.23
N ASN F 216 23.28 -40.57 25.37
CA ASN F 216 24.21 -41.67 25.17
C ASN F 216 24.83 -41.58 23.79
N TYR F 217 25.92 -42.30 23.61
CA TYR F 217 26.68 -42.33 22.36
C TYR F 217 26.74 -43.77 21.84
N PRO F 218 26.98 -43.95 20.53
CA PRO F 218 26.67 -45.24 19.90
C PRO F 218 27.26 -46.48 20.57
N GLU F 219 28.42 -46.36 21.22
CA GLU F 219 29.01 -47.55 21.85
C GLU F 219 28.31 -47.93 23.15
N GLU F 220 27.27 -47.20 23.55
CA GLU F 220 26.42 -47.61 24.67
C GLU F 220 25.21 -48.35 24.11
N PHE F 221 25.42 -49.64 23.82
CA PHE F 221 24.39 -50.43 23.16
C PHE F 221 23.32 -50.89 24.14
N GLY F 222 22.10 -51.03 23.62
CA GLY F 222 20.99 -51.62 24.35
C GLY F 222 20.25 -50.66 25.25
N ILE F 223 20.71 -49.43 25.40
CA ILE F 223 20.14 -48.48 26.35
C ILE F 223 20.02 -47.10 25.70
N ILE F 224 19.15 -46.27 26.27
CA ILE F 224 18.92 -44.90 25.83
C ILE F 224 18.78 -44.04 27.07
N MET F 225 19.74 -43.17 27.32
CA MET F 225 19.74 -42.28 28.48
C MET F 225 19.17 -40.92 28.08
N LEU F 226 18.40 -40.32 28.98
CA LEU F 226 17.83 -39.01 28.78
C LEU F 226 18.01 -38.18 30.04
N ASN F 227 18.12 -36.87 29.85
CA ASN F 227 18.14 -35.91 30.95
C ASN F 227 16.87 -35.08 30.88
N VAL F 228 16.06 -35.14 31.93
CA VAL F 228 14.71 -34.59 31.90
C VAL F 228 14.55 -33.61 33.05
N ARG F 229 13.98 -32.44 32.76
CA ARG F 229 13.72 -31.41 33.74
C ARG F 229 12.22 -31.29 33.97
N ILE F 230 11.82 -31.15 35.24
CA ILE F 230 10.40 -31.09 35.58
C ILE F 230 9.85 -29.74 35.14
N ALA F 231 8.73 -29.78 34.41
CA ALA F 231 8.10 -28.57 33.89
C ALA F 231 7.16 -28.00 34.93
N THR F 232 7.73 -27.42 35.98
CA THR F 232 7.00 -26.77 37.04
C THR F 232 6.42 -25.45 36.56
N PRO F 233 5.22 -25.09 37.00
CA PRO F 233 4.64 -23.80 36.65
C PRO F 233 5.56 -22.66 37.04
N PRO F 234 5.59 -21.58 36.24
CA PRO F 234 6.45 -20.45 36.56
C PRO F 234 6.14 -19.88 37.93
N PRO F 235 7.17 -19.49 38.69
CA PRO F 235 6.93 -19.06 40.08
C PRO F 235 6.01 -17.86 40.21
N ASN F 236 6.01 -16.96 39.22
CA ASN F 236 5.14 -15.78 39.30
C ASN F 236 3.66 -16.14 39.30
N ASN F 237 3.29 -17.25 38.67
CA ASN F 237 1.89 -17.70 38.66
C ASN F 237 1.83 -19.17 39.04
N PRO F 238 1.90 -19.48 40.33
CA PRO F 238 1.88 -20.89 40.76
C PRO F 238 0.62 -21.64 40.38
N ASN F 239 -0.53 -20.94 40.29
CA ASN F 239 -1.79 -21.62 40.02
C ASN F 239 -1.85 -22.28 38.65
N VAL F 240 -0.94 -21.92 37.75
CA VAL F 240 -0.96 -22.44 36.37
C VAL F 240 -0.79 -23.96 36.41
N PRO F 241 -1.49 -24.72 35.56
CA PRO F 241 -1.30 -26.17 35.55
C PRO F 241 0.12 -26.52 35.13
N PRO F 242 0.67 -27.60 35.69
CA PRO F 242 2.05 -27.99 35.34
C PRO F 242 2.18 -28.63 33.97
N GLY F 243 3.42 -28.93 33.57
CA GLY F 243 3.67 -29.60 32.31
C GLY F 243 3.27 -31.06 32.33
N GLN F 244 2.31 -31.41 31.48
CA GLN F 244 1.74 -32.76 31.51
C GLN F 244 2.79 -33.82 31.25
N MET F 245 3.54 -33.67 30.16
CA MET F 245 4.45 -34.74 29.75
C MET F 245 5.63 -34.88 30.70
N SER F 246 6.21 -33.76 31.14
CA SER F 246 7.28 -33.84 32.12
C SER F 246 6.79 -34.44 33.42
N SER F 247 5.57 -34.10 33.83
CA SER F 247 4.99 -34.71 35.02
C SER F 247 4.86 -36.22 34.86
N TYR F 248 4.45 -36.67 33.66
CA TYR F 248 4.34 -38.11 33.41
C TYR F 248 5.72 -38.77 33.49
N ILE F 249 6.73 -38.18 32.84
CA ILE F 249 8.05 -38.80 32.82
C ILE F 249 8.66 -38.83 34.21
N TRP F 250 8.39 -37.81 35.02
CA TRP F 250 8.94 -37.77 36.37
C TRP F 250 8.28 -38.77 37.32
N SER F 251 7.21 -39.43 36.90
CA SER F 251 6.45 -40.30 37.78
C SER F 251 6.82 -41.77 37.66
N LEU F 252 7.41 -42.17 36.53
CA LEU F 252 7.67 -43.58 36.29
C LEU F 252 8.73 -44.11 37.24
N LYS F 253 8.72 -45.44 37.43
CA LYS F 253 9.66 -46.12 38.30
C LYS F 253 10.15 -47.37 37.58
N ALA F 254 11.15 -48.03 38.15
CA ALA F 254 11.76 -49.19 37.53
C ALA F 254 10.72 -50.29 37.31
N GLY F 255 10.72 -50.86 36.11
CA GLY F 255 9.76 -51.88 35.74
C GLY F 255 8.60 -51.40 34.92
N ASP F 256 8.44 -50.09 34.75
CA ASP F 256 7.32 -49.55 34.00
C ASP F 256 7.55 -49.70 32.50
N LYS F 257 6.53 -49.38 31.72
CA LYS F 257 6.56 -49.50 30.27
C LYS F 257 6.25 -48.15 29.62
N CYS F 258 7.07 -47.76 28.65
CA CYS F 258 6.86 -46.56 27.86
C CYS F 258 7.22 -46.85 26.40
N THR F 259 6.65 -46.06 25.49
CA THR F 259 6.79 -46.28 24.06
C THR F 259 7.42 -45.06 23.41
N ILE F 260 8.48 -45.28 22.65
CA ILE F 260 9.16 -44.22 21.92
C ILE F 260 8.84 -44.34 20.43
N SER F 261 9.18 -43.31 19.67
CA SER F 261 8.78 -43.21 18.27
C SER F 261 9.86 -43.67 17.30
N GLY F 262 11.03 -43.06 17.31
CA GLY F 262 12.08 -43.41 16.38
C GLY F 262 13.26 -42.45 16.39
N PRO F 263 14.32 -42.82 15.68
CA PRO F 263 15.52 -41.97 15.65
C PRO F 263 15.41 -40.86 14.60
N PHE F 264 15.58 -39.63 15.06
CA PHE F 264 15.62 -38.45 14.20
C PHE F 264 16.86 -37.65 14.56
N GLY F 265 16.94 -36.43 14.03
CA GLY F 265 18.01 -35.52 14.42
C GLY F 265 18.76 -34.87 13.27
N GLU F 266 19.24 -33.65 13.51
CA GLU F 266 20.10 -32.94 12.58
C GLU F 266 21.30 -32.28 13.24
N PHE F 267 21.31 -32.17 14.57
CA PHE F 267 22.39 -31.53 15.32
C PHE F 267 23.57 -32.49 15.39
N PHE F 268 24.34 -32.54 14.32
CA PHE F 268 25.48 -33.44 14.21
C PHE F 268 26.78 -32.65 14.12
N ALA F 269 27.87 -33.32 14.46
CA ALA F 269 29.19 -32.69 14.42
C ALA F 269 29.66 -32.50 12.98
N LYS F 270 30.65 -31.63 12.82
CA LYS F 270 31.24 -31.37 11.52
C LYS F 270 32.51 -32.19 11.34
N ASP F 271 32.80 -32.55 10.09
CA ASP F 271 33.87 -33.48 9.75
C ASP F 271 35.16 -32.77 9.37
N THR F 272 35.45 -31.64 10.00
CA THR F 272 36.65 -30.87 9.72
C THR F 272 37.77 -31.24 10.70
N ASP F 273 38.84 -30.45 10.67
CA ASP F 273 39.99 -30.62 11.56
C ASP F 273 39.97 -29.60 12.70
N ALA F 274 39.35 -28.44 12.46
CA ALA F 274 39.38 -27.28 13.37
C ALA F 274 38.97 -27.59 14.80
N GLU F 275 39.34 -26.69 15.71
CA GLU F 275 39.08 -26.81 17.14
C GLU F 275 37.58 -26.98 17.41
N MET F 276 37.27 -27.70 18.48
CA MET F 276 35.91 -27.98 18.91
C MET F 276 35.66 -27.30 20.26
N VAL F 277 34.54 -26.57 20.35
CA VAL F 277 34.16 -25.91 21.60
C VAL F 277 32.69 -26.23 21.87
N PHE F 278 32.41 -26.80 23.02
CA PHE F 278 31.07 -27.19 23.42
C PHE F 278 30.59 -26.32 24.57
N ILE F 279 29.36 -25.83 24.48
CA ILE F 279 28.81 -24.90 25.45
C ILE F 279 27.43 -25.41 25.86
N GLY F 280 27.31 -25.91 27.08
CA GLY F 280 26.07 -26.44 27.58
C GLY F 280 25.72 -25.84 28.92
N GLY F 281 24.42 -25.84 29.23
CA GLY F 281 23.96 -25.29 30.48
C GLY F 281 22.68 -25.91 30.99
N GLY F 282 22.60 -26.13 32.30
CA GLY F 282 21.40 -26.66 32.91
C GLY F 282 21.05 -28.06 32.45
N ALA F 283 19.95 -28.19 31.72
CA ALA F 283 19.45 -29.46 31.25
C ALA F 283 20.00 -29.87 29.89
N GLY F 284 20.89 -29.08 29.32
CA GLY F 284 21.47 -29.35 28.02
C GLY F 284 22.68 -30.27 28.03
N MET F 285 22.96 -30.94 29.15
CA MET F 285 24.13 -31.79 29.23
C MET F 285 24.01 -33.04 28.36
N ALA F 286 22.80 -33.40 27.93
CA ALA F 286 22.63 -34.65 27.19
C ALA F 286 23.34 -34.64 25.85
N PRO F 287 23.03 -33.71 24.92
CA PRO F 287 23.74 -33.73 23.63
C PRO F 287 25.23 -33.47 23.78
N MET F 288 25.65 -32.68 24.78
CA MET F 288 27.07 -32.47 24.99
C MET F 288 27.77 -33.77 25.42
N ARG F 289 27.18 -34.51 26.36
CA ARG F 289 27.81 -35.77 26.72
C ARG F 289 27.86 -36.71 25.53
N SER F 290 26.77 -36.77 24.76
CA SER F 290 26.76 -37.58 23.55
C SER F 290 27.91 -37.19 22.62
N HIS F 291 28.05 -35.89 22.35
CA HIS F 291 29.04 -35.42 21.39
C HIS F 291 30.47 -35.68 21.87
N ILE F 292 30.77 -35.31 23.11
CA ILE F 292 32.13 -35.49 23.62
C ILE F 292 32.50 -36.97 23.71
N PHE F 293 31.58 -37.80 24.21
CA PHE F 293 31.89 -39.22 24.31
C PHE F 293 32.06 -39.85 22.93
N ASP F 294 31.21 -39.46 21.97
CA ASP F 294 31.35 -39.95 20.61
C ASP F 294 32.68 -39.53 20.00
N GLN F 295 33.09 -38.28 20.23
CA GLN F 295 34.32 -37.78 19.64
C GLN F 295 35.55 -38.45 20.25
N LEU F 296 35.55 -38.63 21.58
CA LEU F 296 36.75 -39.10 22.25
C LEU F 296 36.82 -40.62 22.28
N LYS F 297 35.80 -41.28 22.85
CA LYS F 297 35.91 -42.72 23.09
C LYS F 297 35.76 -43.53 21.81
N ARG F 298 34.90 -43.09 20.88
CA ARG F 298 34.67 -43.87 19.67
C ARG F 298 35.61 -43.45 18.54
N LEU F 299 35.56 -42.16 18.16
CA LEU F 299 36.34 -41.71 17.02
C LEU F 299 37.84 -41.70 17.31
N LYS F 300 38.22 -41.49 18.56
CA LYS F 300 39.62 -41.30 18.95
C LYS F 300 40.24 -40.15 18.14
N SER F 301 39.46 -39.08 17.98
CA SER F 301 39.95 -37.92 17.24
C SER F 301 40.98 -37.16 18.07
N LYS F 302 41.95 -36.58 17.37
CA LYS F 302 43.00 -35.78 18.00
C LYS F 302 42.69 -34.29 17.96
N ARG F 303 41.45 -33.93 17.62
CA ARG F 303 41.06 -32.52 17.57
C ARG F 303 41.10 -31.92 18.97
N LYS F 304 41.42 -30.63 19.04
CA LYS F 304 41.38 -29.92 20.31
C LYS F 304 39.94 -29.66 20.72
N MET F 305 39.62 -29.97 21.97
CA MET F 305 38.25 -29.91 22.44
C MET F 305 38.20 -29.18 23.79
N SER F 306 37.02 -28.63 24.08
CA SER F 306 36.81 -27.92 25.33
C SER F 306 35.32 -27.92 25.62
N TYR F 307 34.96 -28.18 26.88
CA TYR F 307 33.57 -28.22 27.31
C TYR F 307 33.38 -27.24 28.46
N TRP F 308 32.43 -26.32 28.30
CA TRP F 308 32.12 -25.31 29.31
C TRP F 308 30.66 -25.48 29.72
N TYR F 309 30.43 -25.76 31.00
CA TYR F 309 29.10 -26.04 31.51
C TYR F 309 28.74 -25.07 32.62
N GLY F 310 27.50 -24.59 32.59
CA GLY F 310 27.04 -23.68 33.62
C GLY F 310 25.83 -24.20 34.38
N ALA F 311 26.02 -24.49 35.66
CA ALA F 311 24.96 -25.01 36.52
C ALA F 311 24.56 -23.93 37.52
N ARG F 312 23.35 -24.08 38.06
CA ARG F 312 22.83 -23.07 38.97
C ARG F 312 23.68 -22.98 40.25
N SER F 313 24.16 -24.13 40.72
CA SER F 313 24.98 -24.19 41.93
C SER F 313 25.61 -25.58 41.98
N LYS F 314 26.38 -25.82 43.06
CA LYS F 314 27.01 -27.12 43.25
C LYS F 314 25.96 -28.23 43.34
N ARG F 315 24.74 -27.90 43.78
CA ARG F 315 23.68 -28.88 43.90
C ARG F 315 23.24 -29.43 42.54
N GLU F 316 23.52 -28.70 41.45
CA GLU F 316 23.01 -29.04 40.14
C GLU F 316 24.05 -29.65 39.20
N MET F 317 25.23 -30.00 39.71
CA MET F 317 26.26 -30.60 38.86
C MET F 317 26.09 -32.12 38.79
N PHE F 318 26.43 -32.68 37.63
CA PHE F 318 26.36 -34.12 37.42
C PHE F 318 27.24 -34.51 36.24
N TYR F 319 27.49 -35.81 36.12
CA TYR F 319 28.47 -36.40 35.21
C TYR F 319 29.88 -35.86 35.47
N VAL F 320 30.09 -35.31 36.67
CA VAL F 320 31.39 -34.76 37.04
C VAL F 320 32.46 -35.84 36.98
N GLU F 321 32.13 -37.05 37.44
CA GLU F 321 33.11 -38.13 37.43
C GLU F 321 33.52 -38.48 36.00
N ASP F 322 32.55 -38.63 35.10
CA ASP F 322 32.86 -39.00 33.72
C ASP F 322 33.71 -37.93 33.05
N PHE F 323 33.32 -36.65 33.22
CA PHE F 323 34.07 -35.60 32.55
C PHE F 323 35.45 -35.39 33.18
N ASP F 324 35.58 -35.57 34.49
CA ASP F 324 36.89 -35.50 35.12
C ASP F 324 37.80 -36.61 34.62
N GLY F 325 37.25 -37.82 34.48
CA GLY F 325 38.04 -38.91 33.94
C GLY F 325 38.47 -38.66 32.51
N LEU F 326 37.56 -38.15 31.69
CA LEU F 326 37.91 -37.82 30.31
C LEU F 326 39.00 -36.76 30.24
N ALA F 327 38.86 -35.72 31.06
CA ALA F 327 39.85 -34.64 31.06
C ALA F 327 41.21 -35.14 31.53
N ALA F 328 41.24 -36.02 32.54
CA ALA F 328 42.50 -36.55 33.03
C ALA F 328 43.15 -37.48 32.01
N GLU F 329 42.35 -38.31 31.33
CA GLU F 329 42.92 -39.30 30.42
C GLU F 329 43.36 -38.67 29.11
N ASN F 330 42.61 -37.69 28.60
CA ASN F 330 42.89 -37.06 27.33
C ASN F 330 43.52 -35.70 27.53
N ASP F 331 44.64 -35.45 26.85
CA ASP F 331 45.24 -34.12 26.85
C ASP F 331 44.53 -33.17 25.91
N ASN F 332 43.73 -33.68 24.97
CA ASN F 332 42.98 -32.84 24.06
C ASN F 332 41.75 -32.22 24.71
N PHE F 333 41.13 -32.93 25.66
CA PHE F 333 39.87 -32.50 26.26
C PHE F 333 40.16 -31.76 27.57
N VAL F 334 39.49 -30.63 27.74
CA VAL F 334 39.64 -29.80 28.94
C VAL F 334 38.26 -29.34 29.36
N TRP F 335 37.97 -29.43 30.66
CA TRP F 335 36.62 -29.20 31.18
C TRP F 335 36.63 -28.05 32.17
N HIS F 336 35.52 -27.30 32.19
CA HIS F 336 35.34 -26.19 33.10
C HIS F 336 33.87 -26.06 33.46
N CYS F 337 33.60 -25.65 34.70
CA CYS F 337 32.24 -25.44 35.18
C CYS F 337 32.16 -24.09 35.89
N ALA F 338 31.06 -23.36 35.62
CA ALA F 338 30.82 -22.06 36.22
C ALA F 338 29.46 -22.04 36.89
N LEU F 339 29.43 -21.69 38.17
CA LEU F 339 28.21 -21.64 38.95
C LEU F 339 27.62 -20.24 38.92
N SER F 340 26.35 -20.13 38.52
CA SER F 340 25.73 -18.82 38.42
C SER F 340 25.48 -18.22 39.80
N ASP F 341 24.95 -19.03 40.73
CA ASP F 341 24.64 -18.57 42.08
C ASP F 341 25.18 -19.57 43.09
N PRO F 342 26.46 -19.48 43.43
CA PRO F 342 27.01 -20.34 44.48
C PRO F 342 26.44 -19.95 45.85
N GLN F 343 26.47 -20.92 46.76
CA GLN F 343 25.87 -20.77 48.08
C GLN F 343 26.88 -21.10 49.17
N PRO F 344 26.69 -20.59 50.40
CA PRO F 344 27.72 -20.76 51.44
C PRO F 344 28.08 -22.20 51.74
N GLU F 345 27.11 -23.12 51.77
CA GLU F 345 27.44 -24.51 52.07
C GLU F 345 28.09 -25.22 50.89
N ASP F 346 27.95 -24.66 49.68
CA ASP F 346 28.67 -25.22 48.53
C ASP F 346 30.17 -25.04 48.68
N ASN F 347 30.60 -23.90 49.24
CA ASN F 347 32.02 -23.57 49.39
C ASN F 347 32.76 -23.65 48.05
N TRP F 348 32.12 -23.13 47.02
CA TRP F 348 32.69 -23.16 45.68
C TRP F 348 33.92 -22.26 45.58
N THR F 349 34.91 -22.70 44.81
CA THR F 349 36.14 -21.95 44.62
C THR F 349 36.46 -21.69 43.15
N GLY F 350 35.62 -22.15 42.22
CA GLY F 350 35.85 -21.99 40.81
C GLY F 350 35.21 -20.74 40.24
N TYR F 351 35.04 -20.73 38.92
CA TYR F 351 34.44 -19.60 38.24
C TYR F 351 32.97 -19.44 38.63
N THR F 352 32.55 -18.19 38.75
CA THR F 352 31.16 -17.84 39.02
C THR F 352 30.61 -17.02 37.87
N GLY F 353 29.37 -16.57 38.02
CA GLY F 353 28.73 -15.82 36.96
C GLY F 353 28.26 -16.71 35.83
N PHE F 354 27.95 -16.06 34.71
CA PHE F 354 27.43 -16.79 33.56
C PHE F 354 28.54 -17.48 32.78
N ILE F 355 28.18 -18.58 32.13
CA ILE F 355 29.17 -19.41 31.45
C ILE F 355 29.77 -18.66 30.26
N HIS F 356 28.98 -17.84 29.58
CA HIS F 356 29.51 -17.08 28.45
C HIS F 356 30.51 -16.03 28.93
N ASN F 357 30.23 -15.40 30.06
CA ASN F 357 31.18 -14.45 30.64
C ASN F 357 32.48 -15.16 31.02
N VAL F 358 32.37 -16.33 31.64
CA VAL F 358 33.57 -17.08 32.01
C VAL F 358 34.37 -17.46 30.75
N LEU F 359 33.67 -17.97 29.74
CA LEU F 359 34.33 -18.40 28.51
C LEU F 359 35.06 -17.25 27.84
N TYR F 360 34.39 -16.10 27.71
CA TYR F 360 35.04 -14.96 27.07
C TYR F 360 36.21 -14.47 27.88
N GLU F 361 36.01 -14.23 29.18
CA GLU F 361 37.05 -13.61 29.99
C GLU F 361 38.17 -14.57 30.35
N ASN F 362 38.06 -15.85 30.02
CA ASN F 362 39.15 -16.78 30.27
C ASN F 362 39.81 -17.33 29.02
N TYR F 363 39.04 -17.65 27.97
CA TYR F 363 39.58 -18.34 26.81
C TYR F 363 39.53 -17.50 25.54
N LEU F 364 38.35 -17.00 25.15
CA LEU F 364 38.20 -16.41 23.82
C LEU F 364 38.79 -15.01 23.74
N LYS F 365 39.02 -14.34 24.86
CA LYS F 365 39.59 -12.99 24.81
C LYS F 365 41.03 -13.01 24.34
N ASP F 366 41.81 -14.01 24.76
CA ASP F 366 43.21 -14.11 24.41
C ASP F 366 43.47 -15.09 23.28
N HIS F 367 42.44 -15.50 22.54
CA HIS F 367 42.61 -16.52 21.52
C HIS F 367 43.21 -15.92 20.26
N GLU F 368 44.09 -16.69 19.60
CA GLU F 368 44.74 -16.22 18.39
C GLU F 368 43.74 -15.97 17.27
N ALA F 369 42.77 -16.87 17.11
CA ALA F 369 41.77 -16.76 16.05
C ALA F 369 40.47 -17.38 16.53
N PRO F 370 39.64 -16.60 17.23
CA PRO F 370 38.36 -17.16 17.72
C PRO F 370 37.36 -17.46 16.62
N GLU F 371 37.59 -17.00 15.39
CA GLU F 371 36.65 -17.24 14.31
C GLU F 371 36.88 -18.55 13.58
N ASP F 372 37.94 -19.28 13.93
CA ASP F 372 38.30 -20.52 13.24
C ASP F 372 37.82 -21.77 13.97
N CYS F 373 37.07 -21.62 15.06
CA CYS F 373 36.60 -22.74 15.84
C CYS F 373 35.15 -23.06 15.52
N GLU F 374 34.69 -24.20 16.02
CA GLU F 374 33.30 -24.63 15.86
C GLU F 374 32.65 -24.67 17.24
N TYR F 375 31.48 -24.04 17.37
CA TYR F 375 30.82 -23.86 18.65
C TYR F 375 29.48 -24.58 18.63
N TYR F 376 29.27 -25.46 19.61
CA TYR F 376 28.03 -26.22 19.76
C TYR F 376 27.32 -25.80 21.04
N MET F 377 26.01 -25.60 20.95
CA MET F 377 25.25 -24.96 22.01
C MET F 377 24.00 -25.76 22.34
N CYS F 378 23.67 -25.77 23.63
CA CYS F 378 22.41 -26.32 24.13
C CYS F 378 22.14 -25.83 25.54
N GLY F 379 21.04 -25.11 25.74
CA GLY F 379 20.72 -24.60 27.06
C GLY F 379 19.54 -23.65 27.05
N PRO F 380 19.44 -22.83 28.09
CA PRO F 380 18.33 -21.88 28.17
C PRO F 380 18.38 -20.89 27.02
N PRO F 381 17.22 -20.41 26.56
CA PRO F 381 17.22 -19.43 25.46
C PRO F 381 18.00 -18.16 25.77
N MET F 382 17.99 -17.71 27.03
CA MET F 382 18.76 -16.53 27.39
C MET F 382 20.26 -16.78 27.23
N MET F 383 20.73 -17.97 27.65
CA MET F 383 22.14 -18.30 27.46
C MET F 383 22.47 -18.44 25.98
N ASN F 384 21.57 -19.04 25.20
CA ASN F 384 21.80 -19.16 23.77
C ASN F 384 21.96 -17.79 23.14
N ALA F 385 21.05 -16.86 23.44
CA ALA F 385 21.13 -15.53 22.86
C ALA F 385 22.38 -14.81 23.29
N ALA F 386 22.75 -14.90 24.58
CA ALA F 386 23.92 -14.20 25.07
C ALA F 386 25.20 -14.75 24.45
N VAL F 387 25.31 -16.07 24.34
CA VAL F 387 26.51 -16.67 23.75
C VAL F 387 26.58 -16.34 22.26
N ILE F 388 25.43 -16.36 21.58
CA ILE F 388 25.43 -16.02 20.16
C ILE F 388 25.87 -14.58 19.96
N ASN F 389 25.39 -13.66 20.81
CA ASN F 389 25.81 -12.26 20.70
C ASN F 389 27.30 -12.12 20.96
N MET F 390 27.81 -12.79 21.99
CA MET F 390 29.23 -12.70 22.30
C MET F 390 30.09 -13.23 21.16
N LEU F 391 29.69 -14.37 20.58
CA LEU F 391 30.45 -14.94 19.48
C LEU F 391 30.36 -14.07 18.23
N LYS F 392 29.19 -13.47 17.99
CA LYS F 392 29.06 -12.55 16.87
C LYS F 392 29.98 -11.35 17.03
N ASN F 393 30.16 -10.88 18.26
CA ASN F 393 31.03 -9.74 18.49
C ASN F 393 32.50 -10.08 18.25
N LEU F 394 32.86 -11.35 18.13
CA LEU F 394 34.22 -11.77 17.89
C LEU F 394 34.49 -12.08 16.42
N GLY F 395 33.53 -11.78 15.54
CA GLY F 395 33.69 -12.08 14.14
C GLY F 395 33.36 -13.50 13.73
N VAL F 396 32.87 -14.32 14.66
CA VAL F 396 32.51 -15.69 14.32
C VAL F 396 31.28 -15.70 13.42
N GLU F 397 31.33 -16.48 12.36
CA GLU F 397 30.26 -16.53 11.39
C GLU F 397 29.20 -17.56 11.78
N GLU F 398 28.01 -17.41 11.20
CA GLU F 398 26.87 -18.22 11.62
C GLU F 398 27.10 -19.71 11.33
N GLU F 399 27.68 -20.03 10.17
CA GLU F 399 27.85 -21.42 9.82
C GLU F 399 28.90 -22.14 10.67
N ASN F 400 29.47 -21.46 11.66
CA ASN F 400 30.31 -22.10 12.66
C ASN F 400 29.62 -22.24 14.01
N ILE F 401 28.43 -21.67 14.16
CA ILE F 401 27.67 -21.72 15.41
C ILE F 401 26.53 -22.69 15.22
N LEU F 402 26.69 -23.91 15.74
CA LEU F 402 25.66 -24.94 15.66
C LEU F 402 24.86 -24.95 16.95
N LEU F 403 23.54 -24.84 16.83
CA LEU F 403 22.67 -24.68 17.98
C LEU F 403 21.52 -25.66 17.89
N ASP F 404 21.26 -26.38 18.99
CA ASP F 404 20.07 -27.21 19.15
C ASP F 404 19.38 -26.80 20.44
N ASP F 405 18.13 -26.39 20.33
CA ASP F 405 17.35 -25.96 21.48
C ASP F 405 16.19 -26.92 21.71
N PHE F 406 15.32 -26.57 22.64
CA PHE F 406 14.25 -27.46 23.08
C PHE F 406 12.98 -27.25 22.26
N GLY F 407 13.09 -27.33 20.94
CA GLY F 407 11.92 -27.22 20.09
C GLY F 407 11.94 -26.07 19.10
N GLY F 408 13.13 -25.66 18.68
CA GLY F 408 13.26 -24.60 17.69
C GLY F 408 13.01 -23.21 18.26
N1 FMN G . -13.84 26.58 -10.55
C2 FMN G . -14.78 25.58 -10.60
O2 FMN G . -15.98 25.86 -10.64
N3 FMN G . -14.38 24.27 -10.62
C4 FMN G . -13.05 23.95 -10.58
O4 FMN G . -12.70 22.77 -10.59
C4A FMN G . -12.10 24.96 -10.52
N5 FMN G . -10.76 24.64 -10.48
C5A FMN G . -9.82 25.64 -10.43
C6 FMN G . -8.47 25.33 -10.39
C7 FMN G . -7.52 26.34 -10.34
C7M FMN G . -6.06 25.99 -10.29
C8 FMN G . -7.91 27.67 -10.32
C8M FMN G . -6.89 28.76 -10.26
C9 FMN G . -9.27 27.99 -10.36
C9A FMN G . -10.22 26.98 -10.42
N10 FMN G . -11.56 27.29 -10.45
C10 FMN G . -12.50 26.28 -10.50
C1' FMN G . -12.00 28.73 -10.44
C2' FMN G . -12.34 29.14 -11.87
O2' FMN G . -11.31 28.72 -12.73
C3' FMN G . -12.51 30.65 -12.00
O3' FMN G . -11.42 31.29 -11.38
C4' FMN G . -13.80 31.16 -11.39
O4' FMN G . -14.80 30.18 -11.53
C5' FMN G . -14.21 32.44 -12.09
O5' FMN G . -15.38 32.22 -12.85
P FMN G . -15.31 31.47 -14.27
O1P FMN G . -16.63 30.77 -14.46
O2P FMN G . -15.09 32.47 -15.37
N1 RBF H . 2.61 21.79 -3.78
C2 RBF H . 1.26 21.83 -3.74
O2 RBF H . 0.63 21.70 -2.71
N3 RBF H . 0.56 22.04 -4.92
C4 RBF H . 1.09 22.19 -6.16
O4 RBF H . 0.43 22.37 -7.15
C4A RBF H . 2.57 22.13 -6.18
N5 RBF H . 3.18 22.27 -7.30
C5A RBF H . 4.52 22.21 -7.31
C6 RBF H . 5.17 22.36 -8.55
C7 RBF H . 6.53 22.31 -8.65
C7M RBF H . 7.21 22.48 -9.98
C8 RBF H . 7.29 22.10 -7.46
C8M RBF H . 8.78 22.04 -7.53
C9 RBF H . 6.66 21.95 -6.25
C9A RBF H . 5.26 22.00 -6.13
N10 RBF H . 4.59 21.85 -4.95
C10 RBF H . 3.24 21.92 -4.91
C1' RBF H . 5.30 21.63 -3.68
C2' RBF H . 5.59 20.14 -3.40
O2' RBF H . 6.05 19.48 -4.54
C3' RBF H . 4.35 19.44 -2.80
O3' RBF H . 4.08 19.86 -1.48
C4' RBF H . 4.41 17.90 -2.84
O4' RBF H . 3.23 17.32 -3.32
C5' RBF H . 4.78 17.37 -1.46
O5' RBF H . 4.66 15.97 -1.48
C27 PEE I . 9.30 17.57 -29.66
C26 PEE I . 9.12 18.35 -28.37
C25 PEE I . 7.86 19.22 -28.37
C24 PEE I . 7.35 19.54 -26.97
C23 PEE I . 6.46 20.77 -26.91
C22 PEE I . 6.06 21.13 -25.49
C21 PEE I . 5.67 22.59 -25.29
C20 PEE I . 5.73 23.02 -23.83
C19 PEE I . 5.21 24.42 -23.56
C18 PEE I . 3.75 24.60 -23.97
C17 PEE I . 3.11 25.86 -23.40
C16 PEE I . 2.09 26.51 -24.33
C15 PEE I . 1.99 28.01 -24.16
C14 PEE I . 0.80 28.62 -24.89
C13 PEE I . 0.80 28.41 -26.40
C12 PEE I . 1.12 29.68 -27.17
C11 PEE I . 0.51 30.95 -26.57
C10 PEE I . -0.67 31.49 -27.33
O4 PEE I . -1.78 31.59 -26.87
O2 PEE I . -0.32 31.85 -28.57
C2 PEE I . -1.14 32.65 -29.42
C1 PEE I . -2.44 31.97 -29.83
O3P PEE I . -3.55 32.85 -29.88
P PEE I . -4.17 33.11 -31.37
O2P PEE I . -4.93 31.90 -31.81
O1P PEE I . -3.14 33.70 -32.29
O4P PEE I . -5.23 34.29 -30.89
C4 PEE I . -5.98 34.90 -31.92
C5 PEE I . -7.02 35.81 -31.31
N PEE I . -6.58 37.22 -31.34
C3 PEE I . -1.28 34.02 -28.77
O3 PEE I . -0.84 35.04 -29.66
C30 PEE I . -0.03 35.97 -29.18
O5 PEE I . -0.30 37.15 -29.15
C31 PEE I . 1.26 35.36 -28.68
C32 PEE I . 1.65 35.87 -27.30
C33 PEE I . 2.94 35.23 -26.78
C34 PEE I . 3.43 35.89 -25.51
C35 PEE I . 4.81 35.41 -25.06
C36 PEE I . 5.17 35.90 -23.67
C37 PEE I . 6.56 35.48 -23.20
C38 PEE I . 6.64 34.00 -22.84
C39 PEE I . 8.05 33.42 -22.88
C40 PEE I . 8.29 32.58 -24.13
C41 PEE I . 9.73 32.10 -24.31
C42 PEE I . 10.04 30.85 -23.51
C43 PEE I . 11.43 30.26 -23.78
C44 PEE I . 11.85 29.19 -22.79
C45 PEE I . 11.33 27.79 -23.14
C46 PEE I . 11.99 26.68 -22.32
C47 PEE I . 13.44 26.44 -22.72
C1B LMT J . -14.40 27.36 -35.82
C2B LMT J . -15.14 28.22 -34.80
C3B LMT J . -16.12 27.37 -34.00
C4B LMT J . -17.05 26.64 -34.96
C5B LMT J . -16.20 25.81 -35.94
C6B LMT J . -16.99 25.06 -36.97
O1B LMT J . -13.55 26.50 -35.12
O2B LMT J . -14.16 28.83 -33.98
O3B LMT J . -16.80 28.22 -33.13
O4' LMT J . -17.89 25.82 -34.20
O5B LMT J . -15.29 26.66 -36.63
O6B LMT J . -16.14 24.19 -37.70
C1' LMT J . -9.54 25.60 -34.93
C2' LMT J . -9.85 27.06 -35.19
C3' LMT J . -11.31 27.31 -34.85
C4' LMT J . -12.23 26.33 -35.58
C5' LMT J . -11.78 24.90 -35.28
C6' LMT J . -12.56 23.86 -36.05
O1' LMT J . -8.28 25.32 -35.38
O2' LMT J . -8.99 27.83 -34.41
O3' LMT J . -11.59 28.65 -35.14
O5' LMT J . -10.43 24.78 -35.66
O6' LMT J . -11.91 23.61 -37.26
C1 LMT J . -7.64 24.25 -34.70
C2 LMT J . -7.04 23.29 -35.70
C3 LMT J . -5.69 22.70 -35.27
C4 LMT J . -4.71 23.68 -34.64
C5 LMT J . -4.01 23.18 -33.38
C6 LMT J . -3.35 24.26 -32.54
C7 LMT J . -2.09 24.86 -33.14
C8 LMT J . -0.77 24.49 -32.45
C9 LMT J . -0.70 24.79 -30.95
C10 LMT J . -0.14 26.16 -30.58
C11 LMT J . 0.54 26.14 -29.21
C12 LMT J . 1.60 25.06 -29.09
C27 PEE K . 6.35 49.24 -0.37
C26 PEE K . 5.10 50.08 -0.10
C25 PEE K . 4.23 49.50 1.01
C24 PEE K . 2.96 50.31 1.26
C23 PEE K . 2.10 49.77 2.39
C22 PEE K . 1.43 48.44 2.07
C21 PEE K . 0.63 47.87 3.24
C20 PEE K . -0.47 46.90 2.83
C19 PEE K . -1.35 46.45 3.99
C18 PEE K . -2.37 45.40 3.59
C17 PEE K . -2.61 44.34 4.67
C16 PEE K . -3.51 44.81 5.80
C15 PEE K . -3.42 43.95 7.04
C14 PEE K . -4.48 44.28 8.09
C13 PEE K . -4.06 45.36 9.08
C12 PEE K . -5.16 45.69 10.07
C11 PEE K . -6.44 46.12 9.38
C10 PEE K . -7.50 46.63 10.34
O4 PEE K . -7.41 47.61 11.00
O2 PEE K . -8.56 45.82 10.35
C2 PEE K . -9.29 45.68 11.58
C1 PEE K . -10.46 46.64 11.67
O3P PEE K . -11.63 46.13 11.08
P PEE K . -12.91 45.82 12.06
O2P PEE K . -14.06 46.71 11.73
O1P PEE K . -12.49 45.66 13.49
O4P PEE K . -13.16 44.33 11.38
C4 PEE K . -14.23 43.56 11.87
C5 PEE K . -14.63 42.58 10.80
N PEE K . -13.54 41.61 10.54
C3 PEE K . -9.63 44.20 11.74
O3 PEE K . -9.59 43.54 10.48
C30 PEE K . -9.06 42.32 10.44
O5 PEE K . -9.71 41.32 10.57
C31 PEE K . -7.57 42.35 10.24
C32 PEE K . -7.00 41.00 9.86
C33 PEE K . -5.50 41.01 9.61
C34 PEE K . -4.94 39.62 9.35
C35 PEE K . -3.42 39.56 9.27
C36 PEE K . -2.85 40.52 8.22
C37 PEE K . -1.41 40.25 7.82
C38 PEE K . -0.90 41.23 6.77
C39 PEE K . 0.54 41.01 6.34
C40 PEE K . 0.77 39.65 5.71
C41 PEE K . 2.19 39.40 5.22
C42 PEE K . 2.31 38.12 4.40
C43 PEE K . 3.35 37.14 4.92
C44 PEE K . 3.16 35.73 4.38
C45 PEE K . 4.22 34.74 4.84
C46 PEE K . 5.57 34.94 4.17
C47 PEE K . 6.60 33.89 4.57
C12 IQT L . 6.34 24.40 8.35
C13 IQT L . 6.67 25.20 9.30
C14 IQT L . 6.79 26.49 9.14
C15 IQT L . 7.84 27.32 9.78
C16 IQT L . 7.85 27.05 11.25
C17 IQT L . 7.23 27.89 12.27
C18 IQT L . 6.55 29.19 11.96
C19 IQT L . 7.54 30.33 11.83
C20 IQT L . 6.93 31.69 12.06
O1 IQT L . 13.64 26.52 5.18
C1 IQT L . 12.88 27.12 4.49
O2 IQT L . 13.32 28.06 3.63
C2 IQT L . 12.24 28.67 2.90
C3 IQT L . 12.21 30.14 3.21
C4 IQT L . 12.48 28.38 1.41
C5 IQT L . 12.17 26.99 0.94
C6 IQT L . 11.06 27.99 3.52
C7 IQT L . 11.50 27.02 4.42
N1 IQT L . 10.85 26.09 5.10
C8 IQT L . 9.59 26.20 5.47
C9 IQT L . 9.10 25.25 6.51
C10 IQT L . 7.67 24.75 6.28
O3 IQT L . 7.64 23.90 5.16
C11 IQT L . 7.15 23.96 7.43
O4 IQT L . 6.58 26.67 11.82
C21 IQT L . 7.76 32.86 11.63
C22 IQT L . 8.86 33.21 12.59
C23 IQT L . 8.41 34.07 13.73
C24 IQT L . 8.94 35.48 13.67
C25 IQT L . 8.62 36.18 12.38
O5 IQT L . 8.90 27.07 5.00
N1 FMN M . -23.64 27.11 -8.81
C2 FMN M . -23.20 27.92 -9.84
O2 FMN M . -23.97 28.75 -10.33
N3 FMN M . -21.91 27.80 -10.32
C4 FMN M . -21.07 26.87 -9.77
O4 FMN M . -19.91 26.75 -10.18
C4A FMN M . -21.50 26.06 -8.72
N5 FMN M . -20.64 25.13 -8.19
C5A FMN M . -21.06 24.32 -7.15
C6 FMN M . -20.18 23.40 -6.62
C7 FMN M . -20.59 22.58 -5.58
C7M FMN M . -19.64 21.58 -5.00
C8 FMN M . -21.88 22.68 -5.08
C8M FMN M . -22.29 21.78 -3.96
C9 FMN M . -22.77 23.61 -5.62
C9A FMN M . -22.36 24.44 -6.66
N10 FMN M . -23.23 25.36 -7.21
C10 FMN M . -22.79 26.18 -8.25
C1' FMN M . -24.62 25.51 -6.69
C2' FMN M . -25.62 24.96 -7.69
O2' FMN M . -26.90 25.52 -7.44
C3' FMN M . -25.69 23.44 -7.62
O3' FMN M . -25.42 22.89 -8.89
C4' FMN M . -27.07 23.00 -7.16
O4' FMN M . -27.13 23.01 -5.74
C5' FMN M . -27.37 21.61 -7.68
O5' FMN M . -28.22 20.93 -6.81
P FMN M . -29.80 21.15 -6.93
O1P FMN M . -30.06 22.09 -8.09
O2P FMN M . -30.47 19.83 -7.24
CA CA N . -46.13 12.12 -16.61
C1B LMT O . -16.98 34.48 11.31
C2B LMT O . -15.87 35.37 11.87
C3B LMT O . -16.21 36.86 11.80
C4B LMT O . -16.69 37.21 10.41
C5B LMT O . -17.89 36.32 10.08
C6B LMT O . -18.51 36.57 8.73
O1B LMT O . -17.98 34.31 12.28
O2B LMT O . -15.62 34.95 13.20
O3B LMT O . -15.05 37.57 12.16
O4' LMT O . -17.03 38.58 10.41
O5B LMT O . -17.48 34.97 10.10
O6B LMT O . -19.49 35.57 8.48
C1' LMT O . -19.31 30.53 11.21
C2' LMT O . -20.36 31.63 11.14
C3' LMT O . -19.65 32.98 11.18
C4' LMT O . -18.69 33.09 12.36
C5' LMT O . -17.73 31.89 12.35
C6' LMT O . -16.86 31.80 13.58
O1' LMT O . -19.94 29.31 11.30
O2' LMT O . -21.09 31.47 9.97
O3' LMT O . -20.64 33.98 11.22
O5' LMT O . -18.50 30.71 12.34
O6' LMT O . -16.09 30.63 13.50
C1 LMT O . -19.44 28.44 12.30
C2 LMT O . -18.31 27.60 11.76
C3 LMT O . -17.18 27.32 12.75
C4 LMT O . -16.03 26.44 12.26
C5 LMT O . -15.96 25.05 12.88
C6 LMT O . -17.10 24.10 12.49
C7 LMT O . -16.82 23.19 11.30
C8 LMT O . -15.79 22.08 11.49
C9 LMT O . -15.77 21.01 10.39
C10 LMT O . -14.45 20.26 10.22
C11 LMT O . -14.53 19.15 9.19
C12 LMT O . -15.33 17.95 9.67
FE1 FES P . -19.24 -5.79 2.68
FE2 FES P . -20.91 -4.27 1.22
S1 FES P . -19.31 -5.59 0.49
S2 FES P . -21.02 -4.70 3.38
FE1 FES Q . 5.63 -27.90 10.53
FE2 FES Q . 5.21 -30.56 10.75
S1 FES Q . 5.73 -29.14 12.35
S2 FES Q . 5.31 -29.35 8.92
PA FAD R . 4.24 -28.22 28.64
O1A FAD R . 2.86 -28.16 29.26
O2A FAD R . 4.40 -28.43 27.16
O5B FAD R . 4.95 -26.84 29.11
C5B FAD R . 4.18 -25.86 29.77
C4B FAD R . 5.00 -25.18 30.84
O4B FAD R . 4.46 -23.87 31.01
C3B FAD R . 4.91 -25.80 32.23
O3B FAD R . 5.96 -25.29 33.02
C2B FAD R . 3.56 -25.28 32.68
O2B FAD R . 3.42 -25.31 34.06
C1B FAD R . 3.55 -23.87 32.07
N9A FAD R . 2.26 -23.48 31.55
C8A FAD R . 1.24 -24.31 31.17
N7A FAD R . 0.20 -23.69 30.74
C5A FAD R . 0.53 -22.37 30.83
C6A FAD R . -0.16 -21.19 30.51
N6A FAD R . -1.40 -21.18 30.01
N1A FAD R . 0.46 -20.01 30.71
C2A FAD R . 1.70 -20.02 31.21
N3A FAD R . 2.45 -21.06 31.54
C4A FAD R . 1.82 -22.21 31.32
N1 FAD R . 12.81 -31.09 27.66
C2 FAD R . 13.46 -31.48 28.78
O2 FAD R . 13.03 -31.27 29.90
N3 FAD R . 14.67 -32.17 28.64
C4 FAD R . 15.30 -32.48 27.48
O4 FAD R . 16.35 -33.07 27.42
C4X FAD R . 14.55 -32.04 26.28
N5 FAD R . 15.05 -32.29 25.12
C5X FAD R . 14.39 -31.88 24.04
C6 FAD R . 14.95 -32.16 22.77
C7 FAD R . 14.33 -31.79 21.61
C7M FAD R . 14.95 -32.10 20.29
C8 FAD R . 13.11 -31.10 21.70
C8M FAD R . 12.41 -30.68 20.44
C9 FAD R . 12.54 -30.81 22.93
C9A FAD R . 13.16 -31.19 24.12
N10 FAD R . 12.64 -30.94 25.37
C10 FAD R . 13.31 -31.34 26.49
C1' FAD R . 11.38 -30.23 25.55
C2' FAD R . 10.18 -31.19 25.55
O2' FAD R . 9.82 -31.41 24.21
C3' FAD R . 9.02 -30.61 26.38
O3' FAD R . 8.73 -29.31 25.86
C4' FAD R . 9.35 -30.51 27.88
O4' FAD R . 9.82 -31.77 28.28
C5' FAD R . 8.13 -30.07 28.68
O5' FAD R . 6.98 -30.54 28.01
P FAD R . 5.58 -30.87 28.81
O1P FAD R . 4.62 -31.32 27.77
O2P FAD R . 5.85 -31.64 30.05
O3P FAD R . 5.14 -29.36 29.36
#